data_9DKE
#
_entry.id   9DKE
#
_cell.length_a   1.00
_cell.length_b   1.00
_cell.length_c   1.00
_cell.angle_alpha   90.00
_cell.angle_beta   90.00
_cell.angle_gamma   90.00
#
_symmetry.space_group_name_H-M   'P 1'
#
loop_
_entity.id
_entity.type
_entity.pdbx_description
1 polymer 'Dynein heavy chain, cytoplasmic'
2 non-polymer "ADENOSINE-5'-TRIPHOSPHATE"
3 non-polymer "ADENOSINE-5'-DIPHOSPHATE"
4 non-polymer 'MAGNESIUM ION'
#
_entity_poly.entity_id   1
_entity_poly.type   'polypeptide(L)'
_entity_poly.pdbx_seq_one_letter_code
;GDQLTHVVEEVKTYDLVWRSIKNLWEDVQRTFETPWCRVDVLLLQSDLANFLRRADELPRAVKQFEMYKSLFSQVNMLTS
VNKILVELKDGALKPRHWNMIFRDIGKRQIQKNLLDKLEFSLKDVMVLNLTLNEILLTKIIERAQKEFVIEKSLNRIKKF
WKEAQYEVIEHSSGLKLVREWDVLEQACKEDLEELVSMKASNYYKIFEQDCLDLESKLTKLSEIQVNWVEVQFYWLDLYG
ILGENLDIQNFLPLETSKFKSLTSEYKMITTRAFQLDTTIEVIHIPNFDTTLKLTIDSLKMIKSSLSTFLERQRRQFPRF
YFLGNDDLLKIIGSGKHHDQVSKFMKKMFGSIESIIFFEDSITGVRSVEGEVLNLNEKIELKDSIQAQEWLNILDTEIKL
SVFTQFRDCLGQLKDGTDIEVVVSKYIFQAILLSAQVMWTELVEKCLQTNEFSKYWKEVDMKIKGLLDKLNKSSDNVKKK
IEALLVEYLHFNNVIGQLKNCSTKEEARLLWAKVQKFYQKNDTLDDLNSVFISQSGYLLQYKFEYIGIPERLIYTPLLLV
GFATLTDSLHQKYGGCFFGPAGTGKTETVKAFGQNLGRVVVVFNCDDSFDYQVLSRLLVGITQIGAWGCFDEFNRLDEKV
LSAVSANIQQIQNGLQVGKSHITLLEEETPLSPHTAVFITLNPGYNGRSELPENLKKSFREFSMKSPQSGTIAEMILQIM
GFEDSKSLASKIVHFLELLSSKCSSMNHYHFGLRTLKGVLRNCSPLVSEFGEGEKTVVESLKRVILPSLGDTDELVFKDE
LSKIFDSAGTPLNSKAIVQCLKDAGQRSGFSMSEEFLKKCMQFYYMQKTQQALILVGKAGCGKTATWKTVIDAMAIFDGH
ANVVYVIDTKVLTKESLYGSMLKATLEWRDGLFTSILRRVNDDITGTFKNSRIWVVFDSDLDPEYVEAMNSVLDDNKILT
LPNGERLPIPPNFRILFETDNLDHTTPATITRCGLLWFSTDVCSISSKIDHLLNKSYEALDNKLSMFELDKLKDLISDSF
DMASLTNIFTCSNDLVHILGVRTFNKLETAVQLAVHLISSYRQWFQNLDDKSLKDVITLLIKRSLLYALAGDSTGESQRA
FIQTINTYFGHDSQELSDYSTIVIANDKLSFSSFCSEIPSVSLEAHEVMRPDIVIPTIDTIKHEKIFYDLLNSKRGIILC
GPPGSGKTMIMNNALRNSSLYDVVGINFSKDTTTEHILSALHRHTNYVTTSKGLTLLPKSDIKNLVLFCDEINLPKLDKY
GSQNVVLFLRQLMEKQGFWKTPENKWVTIERIHIVGACNPPTDPGRIPMSERFTRHAAILYLGYPSGKSLSQIYEIYYKA
IFKLVPEFRSYTEPFARASVHLYNECKARYSTGLQSHYLFSPRELTRLVRGVYTAINTGPRQTLRSLIRLWAYEAWRIFA
DRLVGVKEKNSFEQLLYETVDKYLPNQDLGNISSTSLLFSGLLSLDFKEVNKTDLVNFIEERFKTFCDEELEVPMVIHES
MVDHILRIDRALKQVQGHMMLIGASRTGKTILTRFVAWLNGLKIVQPKIHRHSNLSDFDMILKKAISDCSLKESRTCLII
DESNILETAFLERMNTLLANADIPDLFQGEEYDKLLNNLRNKTRSLGLLLDTEQELYDWFVGEIAKNLHVVFTICDPTNN
KSSAMISSPALFNRCIINWMGDWDTKTMSQVANNMVDVVPMEFTDFIVPEVNKELVFTEPIQTIRDAVVNILIHFDRNFY
QKMKVGVNPRSPGYFIDGLRALVKLVTAKYQDLQENQRFVNVGLEKLNESVLKVNELNKTLSKKSTELTEKEKEARSTLD
KMLMEQNESERKQEATEEIKKILKVQEEDIRKRKEVVMKSIQDIEPTILEAQRGVKNIKKQQLTEIRSMVNPPSGVKIVM
EAVCAILGYQFSNWRDIQQFIRKDDFIHNIVHYDTTLHMKPQIRKYMEEEFLSDPNFTYETINRASKACGPLYQWVNAQI
NFSKVLENVDPLRQEMKRIEFESLKTKANLLAAEEMTQDLEASIEVSKQKYSLLIRDVEAIKTEMSNVQANLDRSISLVK
SLTFEKERWLNTTKQFSKTSQELIGNCIISSIYETYFGHLNERERGDMLVILKRLLGKFAVKYDVNYRFIDYLVTLDEKM
KWLECGLDKNDYFLENMSIVMNSQDAVPFLLDPSSHMITVISNYYGNKTVLLSFLEEGFVKRLENAVRFGSVVIIQDGEF
FDPIISRLISREFNHAGNRVTVEIGDHEVDVSGDFKLFIHSCDPSGDIPIFLRSRVRLVHFVTNKESIETRIFDITLTEE
NAEMQRKREDLIKLNTEYRLKLKNLEKRLLEELNNSQGNMLENDELMVTLNNLKKEAMNIEKKLSESEEFFPQFDNLVEE
YSIIGKHSVKIFSMLEKFGQFHWFYGISIGQFLSCFKRVFIKKSRETRAARTRVDEILWLLYQEVYCQFSTALDKKFKMI
MAMTMFCLYKFDIESEQYKEAVLTMIGVLSESSDGVPKLTVDTNDDLRYLWDYVTTKSYISALNWFKNEFFVDEWNIADV
VANSENNYFTMASERDVDGTFKLIELAKASKESLKIIPLGSIENLNYAQEEISKSKIEGGWILLQNIQMSLSWVKTYLHK
HVEETKAAEEHEKFKMFMTCHLTGDKLPAPLLQRTDRVVYEDIPGILDTVKDLWGSQFFTGKISGVWSVYCTFLLSWFHA
LITARTRLVPHGFSKKYYFNDCDFQFASVYLENVLATNSTNNIPWAQVRDHIATIVYGGKIDEEKDLEVVAKLCAHVFCG
SDNLQIVPGVRIPQPLLQQSEEEERARLTAILSNTIEPADSLSSWLQLPRESILDYERLQAKEVASSTEQLLQEM
;
_entity_poly.pdbx_strand_id   A
#
loop_
_chem_comp.id
_chem_comp.type
_chem_comp.name
_chem_comp.formula
ADP non-polymer ADENOSINE-5'-DIPHOSPHATE 'C10 H15 N5 O10 P2'
ATP non-polymer ADENOSINE-5'-TRIPHOSPHATE 'C10 H16 N5 O13 P3'
MG non-polymer 'MAGNESIUM ION' 'Mg 2'
#
# COMPACT_ATOMS: atom_id res chain seq x y z
N GLN A 165 23.03 36.63 -15.67
CA GLN A 165 22.30 37.87 -15.41
C GLN A 165 21.52 38.30 -16.64
N TYR A 166 20.25 38.64 -16.43
CA TYR A 166 19.35 39.05 -17.49
C TYR A 166 19.25 40.57 -17.54
N GLU A 167 18.34 41.08 -18.35
CA GLU A 167 18.12 42.51 -18.51
C GLU A 167 16.83 42.91 -17.81
N VAL A 168 16.91 43.89 -16.93
CA VAL A 168 15.76 44.33 -16.14
C VAL A 168 15.18 45.58 -16.78
N ILE A 169 13.88 45.55 -17.06
CA ILE A 169 13.18 46.72 -17.60
C ILE A 169 11.71 46.60 -17.29
N LYS A 176 10.19 44.99 -14.11
CA LYS A 176 8.90 44.38 -14.42
C LYS A 176 9.10 43.19 -15.36
N LEU A 177 9.21 43.49 -16.66
CA LEU A 177 9.38 42.44 -17.66
C LEU A 177 10.84 41.97 -17.68
N VAL A 178 11.03 40.66 -17.78
CA VAL A 178 12.35 40.05 -17.77
C VAL A 178 12.52 39.24 -19.03
N ARG A 179 13.61 39.49 -19.76
CA ARG A 179 13.93 38.78 -20.99
C ARG A 179 15.07 37.80 -20.72
N GLU A 180 14.93 36.59 -21.27
CA GLU A 180 15.90 35.51 -21.10
C GLU A 180 16.10 35.18 -19.62
N TRP A 181 15.01 34.74 -18.99
CA TRP A 181 15.05 34.41 -17.57
C TRP A 181 15.86 33.15 -17.27
N ASP A 182 16.07 32.29 -18.26
CA ASP A 182 16.78 31.03 -18.05
C ASP A 182 18.30 31.27 -18.14
N VAL A 183 18.80 31.99 -17.15
CA VAL A 183 20.23 32.26 -17.05
C VAL A 183 20.78 31.74 -15.73
N ILE A 224 17.73 31.66 -4.33
CA ILE A 224 17.37 33.00 -3.89
C ILE A 224 16.88 33.82 -5.09
N GLN A 225 17.44 33.51 -6.26
CA GLN A 225 16.96 34.13 -7.49
C GLN A 225 15.54 33.71 -7.81
N VAL A 226 15.17 32.48 -7.45
CA VAL A 226 13.81 32.00 -7.67
C VAL A 226 12.82 32.84 -6.86
N ASN A 227 13.12 33.06 -5.58
CA ASN A 227 12.27 33.91 -4.75
C ASN A 227 12.25 35.34 -5.27
N TRP A 228 13.40 35.83 -5.74
CA TRP A 228 13.46 37.19 -6.26
C TRP A 228 12.56 37.35 -7.48
N VAL A 229 12.59 36.41 -8.41
CA VAL A 229 11.76 36.57 -9.60
C VAL A 229 10.30 36.25 -9.30
N GLU A 230 10.01 35.45 -8.28
CA GLU A 230 8.63 35.33 -7.82
C GLU A 230 8.10 36.66 -7.30
N VAL A 231 8.94 37.37 -6.53
CA VAL A 231 8.59 38.72 -6.08
C VAL A 231 8.43 39.65 -7.28
N GLN A 232 9.28 39.48 -8.30
CA GLN A 232 9.18 40.29 -9.52
C GLN A 232 7.85 40.07 -10.22
N PHE A 233 7.40 38.82 -10.33
CA PHE A 233 6.12 38.53 -10.98
C PHE A 233 4.94 39.07 -10.17
N TYR A 234 4.98 38.87 -8.85
CA TYR A 234 3.93 39.41 -7.99
C TYR A 234 3.88 40.93 -8.09
N TRP A 235 5.04 41.59 -8.15
CA TRP A 235 5.08 43.03 -8.31
C TRP A 235 4.63 43.47 -9.69
N LEU A 236 4.90 42.66 -10.71
CA LEU A 236 4.39 42.96 -12.05
C LEU A 236 2.87 42.99 -12.05
N ASP A 237 2.24 41.98 -11.43
CA ASP A 237 0.79 41.98 -11.28
C ASP A 237 0.31 43.17 -10.45
N LEU A 238 1.01 43.45 -9.35
CA LEU A 238 0.59 44.51 -8.43
C LEU A 238 0.65 45.88 -9.11
N TYR A 239 1.71 46.14 -9.88
CA TYR A 239 1.83 47.41 -10.59
C TYR A 239 0.93 47.47 -11.81
N GLY A 240 0.63 46.31 -12.42
CA GLY A 240 -0.30 46.31 -13.53
C GLY A 240 -1.75 46.49 -13.12
N ILE A 241 -2.09 46.22 -11.86
CA ILE A 241 -3.46 46.31 -11.38
C ILE A 241 -3.67 47.51 -10.46
N LEU A 242 -2.90 47.58 -9.36
CA LEU A 242 -2.95 48.78 -8.51
C LEU A 242 -2.12 49.93 -9.06
N GLY A 243 -0.89 49.67 -9.47
CA GLY A 243 0.05 50.71 -9.84
C GLY A 243 -0.35 51.51 -11.06
N GLU A 244 -0.48 50.83 -12.20
CA GLU A 244 -0.88 51.50 -13.43
C GLU A 244 -2.39 51.70 -13.47
N ILE A 248 -8.24 53.28 -9.54
CA ILE A 248 -7.76 51.90 -9.50
C ILE A 248 -6.67 51.76 -8.44
N GLN A 249 -6.15 52.90 -7.99
CA GLN A 249 -5.17 52.96 -6.91
C GLN A 249 -5.69 53.66 -5.67
N ASN A 250 -6.48 54.73 -5.82
CA ASN A 250 -7.03 55.44 -4.68
C ASN A 250 -8.13 54.65 -3.97
N PHE A 251 -8.57 53.53 -4.54
CA PHE A 251 -9.57 52.64 -3.94
C PHE A 251 -9.02 51.83 -2.77
N LEU A 252 -7.79 52.08 -2.32
CA LEU A 252 -7.20 51.36 -1.20
C LEU A 252 -6.06 52.19 -0.60
N PRO A 253 -6.36 53.13 0.30
CA PRO A 253 -5.32 54.05 0.78
C PRO A 253 -4.28 53.38 1.67
N LEU A 254 -4.70 52.52 2.61
CA LEU A 254 -3.74 51.78 3.41
C LEU A 254 -2.91 50.84 2.55
N GLU A 255 -3.56 50.19 1.58
CA GLU A 255 -2.82 49.40 0.61
C GLU A 255 -1.94 50.27 -0.27
N THR A 256 -2.30 51.55 -0.47
CA THR A 256 -1.42 52.44 -1.22
C THR A 256 -0.17 52.78 -0.41
N SER A 257 -0.32 52.98 0.90
CA SER A 257 0.86 53.22 1.75
C SER A 257 1.76 51.99 1.80
N LYS A 258 1.15 50.80 1.94
CA LYS A 258 1.92 49.57 1.88
C LYS A 258 2.56 49.38 0.51
N PHE A 259 1.87 49.83 -0.54
CA PHE A 259 2.40 49.79 -1.90
C PHE A 259 3.64 50.68 -2.02
N LYS A 260 3.61 51.86 -1.41
CA LYS A 260 4.76 52.75 -1.45
C LYS A 260 5.94 52.18 -0.66
N SER A 261 5.66 51.61 0.52
CA SER A 261 6.74 51.00 1.31
C SER A 261 7.37 49.82 0.58
N LEU A 262 6.53 48.94 0.02
CA LEU A 262 7.04 47.82 -0.75
C LEU A 262 7.69 48.28 -2.05
N THR A 263 7.29 49.44 -2.58
CA THR A 263 7.98 50.01 -3.73
C THR A 263 9.39 50.44 -3.37
N SER A 264 9.55 51.05 -2.19
CA SER A 264 10.89 51.39 -1.71
C SER A 264 11.74 50.14 -1.54
N GLU A 265 11.18 49.10 -0.92
CA GLU A 265 11.94 47.86 -0.72
C GLU A 265 12.25 47.19 -2.06
N TYR A 266 11.30 47.20 -3.00
CA TYR A 266 11.48 46.54 -4.29
C TYR A 266 12.51 47.27 -5.15
N LYS A 267 12.52 48.60 -5.10
CA LYS A 267 13.54 49.37 -5.78
C LYS A 267 14.90 49.20 -5.11
N MET A 268 14.90 48.97 -3.80
CA MET A 268 16.15 48.70 -3.10
C MET A 268 16.77 47.39 -3.54
N ILE A 269 15.98 46.32 -3.58
CA ILE A 269 16.51 45.03 -4.00
C ILE A 269 16.81 45.01 -5.50
N THR A 270 15.93 45.59 -6.31
CA THR A 270 16.09 45.55 -7.76
C THR A 270 17.12 46.58 -8.24
N PHE A 288 22.94 39.98 -0.01
CA PHE A 288 21.61 39.79 -0.55
C PHE A 288 20.67 39.21 0.50
N ASP A 289 21.23 38.83 1.65
CA ASP A 289 20.44 38.27 2.74
C ASP A 289 19.45 39.29 3.27
N THR A 290 19.88 40.54 3.41
CA THR A 290 18.99 41.61 3.86
C THR A 290 17.87 41.84 2.86
N THR A 291 18.18 41.77 1.56
CA THR A 291 17.16 41.94 0.54
C THR A 291 16.14 40.79 0.56
N LEU A 292 16.62 39.55 0.77
CA LEU A 292 15.72 38.42 0.89
C LEU A 292 14.82 38.54 2.12
N LYS A 293 15.41 38.99 3.24
CA LYS A 293 14.61 39.23 4.44
C LYS A 293 13.59 40.33 4.20
N LEU A 294 13.95 41.35 3.42
CA LEU A 294 13.00 42.40 3.07
C LEU A 294 11.86 41.86 2.20
N THR A 295 12.17 40.96 1.27
CA THR A 295 11.11 40.36 0.45
C THR A 295 10.16 39.49 1.29
N ILE A 296 10.72 38.71 2.22
CA ILE A 296 9.88 37.91 3.11
C ILE A 296 9.04 38.82 4.01
N ASP A 297 9.62 39.92 4.47
CA ASP A 297 8.87 40.89 5.26
C ASP A 297 7.77 41.56 4.44
N SER A 298 8.03 41.77 3.14
CA SER A 298 7.01 42.34 2.28
C SER A 298 5.84 41.36 2.06
N LEU A 299 6.16 40.08 1.90
CA LEU A 299 5.11 39.07 1.82
C LEU A 299 4.30 39.01 3.11
N LYS A 300 4.99 39.06 4.25
CA LYS A 300 4.29 39.08 5.54
C LYS A 300 3.46 40.35 5.68
N MET A 301 3.95 41.48 5.17
CA MET A 301 3.20 42.72 5.20
C MET A 301 1.94 42.67 4.35
N ILE A 302 2.01 42.07 3.17
CA ILE A 302 0.82 41.85 2.35
C ILE A 302 -0.18 40.91 3.02
N LYS A 303 0.30 39.82 3.65
CA LYS A 303 -0.60 38.94 4.39
C LYS A 303 -1.24 39.67 5.56
N SER A 304 -0.47 40.51 6.27
CA SER A 304 -1.01 41.28 7.37
C SER A 304 -1.97 42.35 6.89
N SER A 305 -1.74 42.88 5.69
CA SER A 305 -2.68 43.83 5.09
C SER A 305 -4.01 43.17 4.75
N LEU A 306 -3.97 41.95 4.22
CA LEU A 306 -5.21 41.19 4.06
C LEU A 306 -5.89 40.88 5.40
N SER A 307 -5.10 40.52 6.41
CA SER A 307 -5.65 40.26 7.75
C SER A 307 -6.28 41.50 8.34
N THR A 308 -5.72 42.68 8.06
CA THR A 308 -6.35 43.93 8.45
C THR A 308 -7.59 44.22 7.62
N PHE A 309 -7.60 43.80 6.36
CA PHE A 309 -8.79 43.92 5.52
C PHE A 309 -9.90 42.97 5.98
N LEU A 310 -9.57 42.00 6.84
CA LEU A 310 -10.63 41.18 7.44
C LEU A 310 -11.57 42.01 8.30
N GLU A 311 -11.02 42.90 9.14
CA GLU A 311 -11.87 43.66 10.05
C GLU A 311 -12.70 44.71 9.31
N ARG A 312 -12.08 45.41 8.37
CA ARG A 312 -12.79 46.48 7.66
C ARG A 312 -12.27 46.66 6.23
N PHE A 317 -16.43 43.55 3.71
CA PHE A 317 -14.99 43.29 3.75
C PHE A 317 -14.58 41.81 3.97
N PRO A 318 -15.17 41.08 4.96
CA PRO A 318 -14.67 39.72 5.22
C PRO A 318 -15.16 38.68 4.23
N ARG A 319 -15.13 38.98 2.93
CA ARG A 319 -15.48 37.99 1.92
C ARG A 319 -14.32 37.65 0.99
N PHE A 320 -13.14 38.24 1.21
CA PHE A 320 -11.97 37.91 0.40
C PHE A 320 -11.43 36.52 0.70
N TYR A 321 -11.87 35.89 1.79
CA TYR A 321 -11.39 34.56 2.14
C TYR A 321 -11.86 33.49 1.16
N PHE A 322 -12.83 33.80 0.31
CA PHE A 322 -13.20 32.97 -0.82
C PHE A 322 -12.23 33.12 -1.99
N LEU A 323 -11.25 34.01 -1.86
CA LEU A 323 -10.33 34.35 -2.94
C LEU A 323 -8.90 34.18 -2.47
N GLY A 324 -8.01 33.91 -3.42
CA GLY A 324 -6.61 33.82 -3.12
C GLY A 324 -5.98 35.18 -2.89
N ASN A 325 -4.67 35.17 -2.63
CA ASN A 325 -3.95 36.41 -2.39
C ASN A 325 -3.90 37.28 -3.64
N ASP A 326 -3.52 36.71 -4.78
CA ASP A 326 -3.47 37.46 -6.03
C ASP A 326 -4.86 37.91 -6.47
N ASP A 327 -5.88 37.07 -6.28
CA ASP A 327 -7.25 37.47 -6.55
C ASP A 327 -7.70 38.64 -5.68
N LEU A 328 -7.37 38.61 -4.38
CA LEU A 328 -7.71 39.74 -3.52
C LEU A 328 -6.99 41.01 -3.95
N LEU A 329 -5.73 40.88 -4.37
CA LEU A 329 -4.97 42.04 -4.84
C LEU A 329 -5.59 42.62 -6.11
N LYS A 330 -6.02 41.77 -7.03
CA LYS A 330 -6.58 42.30 -8.26
C LYS A 330 -8.00 42.84 -8.06
N ILE A 331 -8.70 42.36 -7.02
CA ILE A 331 -9.99 42.95 -6.69
C ILE A 331 -9.83 44.31 -6.04
N ILE A 332 -8.87 44.44 -5.12
CA ILE A 332 -8.66 45.75 -4.50
C ILE A 332 -8.02 46.71 -5.51
N GLY A 333 -7.47 46.16 -6.59
CA GLY A 333 -7.07 46.98 -7.71
C GLY A 333 -8.24 47.64 -8.41
N HIS A 338 -16.83 49.60 -9.37
CA HIS A 338 -15.91 48.60 -9.89
C HIS A 338 -15.63 48.84 -11.37
N ASP A 339 -14.59 49.61 -11.65
CA ASP A 339 -14.24 49.93 -13.02
C ASP A 339 -13.44 48.80 -13.65
N GLN A 340 -14.01 48.16 -14.67
CA GLN A 340 -13.39 47.13 -15.50
C GLN A 340 -12.92 45.93 -14.70
N VAL A 341 -13.56 45.62 -13.57
CA VAL A 341 -13.24 44.43 -12.78
C VAL A 341 -14.54 43.72 -12.44
N SER A 342 -14.54 42.40 -12.61
CA SER A 342 -15.74 41.58 -12.38
C SER A 342 -15.30 40.13 -12.25
N LYS A 343 -16.29 39.22 -12.29
CA LYS A 343 -16.12 37.77 -12.40
C LYS A 343 -15.55 37.12 -11.14
N PHE A 344 -15.30 37.90 -10.09
CA PHE A 344 -14.84 37.30 -8.85
C PHE A 344 -15.91 37.37 -7.76
N MET A 345 -17.00 38.10 -8.01
CA MET A 345 -18.05 38.23 -7.02
C MET A 345 -18.85 36.94 -6.87
N LYS A 346 -18.77 36.05 -7.86
CA LYS A 346 -19.43 34.76 -7.74
C LYS A 346 -18.78 33.90 -6.66
N LYS A 347 -17.46 34.05 -6.49
CA LYS A 347 -16.77 33.28 -5.48
C LYS A 347 -17.11 33.75 -4.07
N MET A 348 -17.20 35.08 -3.88
CA MET A 348 -17.37 35.62 -2.53
C MET A 348 -18.83 35.77 -2.13
N PHE A 349 -19.73 36.07 -3.07
CA PHE A 349 -21.15 36.16 -2.79
C PHE A 349 -21.86 34.84 -3.06
N GLY A 350 -21.76 34.31 -4.27
CA GLY A 350 -22.34 33.02 -4.57
C GLY A 350 -23.63 33.07 -5.36
N SER A 351 -24.20 34.26 -5.54
CA SER A 351 -25.48 34.40 -6.22
C SER A 351 -25.49 35.47 -7.31
N ILE A 352 -24.49 36.35 -7.36
CA ILE A 352 -24.46 37.45 -8.32
C ILE A 352 -23.39 37.18 -9.35
N GLU A 353 -23.56 37.75 -10.54
CA GLU A 353 -22.66 37.52 -11.68
C GLU A 353 -21.99 38.79 -12.17
N SER A 354 -22.74 39.90 -12.29
CA SER A 354 -22.16 41.14 -12.79
C SER A 354 -22.85 42.31 -12.12
N ILE A 355 -22.16 43.45 -12.12
CA ILE A 355 -22.67 44.68 -11.51
C ILE A 355 -23.10 45.64 -12.61
N ILE A 356 -24.33 46.12 -12.51
CA ILE A 356 -24.90 47.06 -13.47
C ILE A 356 -24.47 48.46 -13.08
N PHE A 357 -23.86 49.18 -14.03
CA PHE A 357 -23.32 50.51 -13.78
C PHE A 357 -24.03 51.54 -14.65
N PHE A 358 -23.97 52.81 -14.21
CA PHE A 358 -24.50 53.91 -15.00
C PHE A 358 -23.77 55.18 -14.57
N GLU A 359 -22.83 55.62 -15.39
CA GLU A 359 -22.11 56.89 -15.22
C GLU A 359 -21.37 56.94 -13.88
N ASP A 360 -20.47 55.96 -13.70
CA ASP A 360 -19.61 55.87 -12.51
C ASP A 360 -20.43 55.85 -11.22
N SER A 361 -21.53 55.09 -11.23
CA SER A 361 -22.37 54.97 -10.05
C SER A 361 -23.00 53.58 -10.05
N ILE A 362 -23.03 52.96 -8.87
CA ILE A 362 -23.59 51.61 -8.75
C ILE A 362 -25.10 51.70 -8.66
N THR A 363 -25.79 51.02 -9.58
CA THR A 363 -27.25 51.03 -9.63
C THR A 363 -27.86 49.68 -9.30
N GLY A 364 -27.12 48.60 -9.48
CA GLY A 364 -27.66 47.29 -9.16
C GLY A 364 -26.68 46.20 -9.53
N VAL A 365 -27.09 44.96 -9.24
CA VAL A 365 -26.31 43.78 -9.55
C VAL A 365 -27.16 42.83 -10.37
N ARG A 366 -26.49 41.95 -11.11
CA ARG A 366 -27.13 40.94 -11.93
C ARG A 366 -26.84 39.56 -11.37
N SER A 367 -27.87 38.73 -11.29
CA SER A 367 -27.72 37.39 -10.76
C SER A 367 -26.97 36.50 -11.74
N VAL A 368 -26.60 35.32 -11.25
CA VAL A 368 -25.99 34.31 -12.12
C VAL A 368 -26.97 33.87 -13.19
N GLU A 369 -28.24 33.74 -12.83
CA GLU A 369 -29.29 33.31 -13.75
C GLU A 369 -29.95 34.47 -14.49
N GLY A 370 -29.36 35.66 -14.45
CA GLY A 370 -29.81 36.77 -15.25
C GLY A 370 -30.81 37.71 -14.59
N GLU A 371 -31.24 37.42 -13.37
CA GLU A 371 -32.19 38.30 -12.68
C GLU A 371 -31.54 39.64 -12.37
N VAL A 372 -32.32 40.70 -12.54
CA VAL A 372 -31.85 42.08 -12.40
C VAL A 372 -32.27 42.58 -11.03
N LEU A 373 -31.31 43.09 -10.27
CA LEU A 373 -31.56 43.68 -8.97
C LEU A 373 -31.39 45.19 -9.09
N ASN A 374 -32.30 45.94 -8.48
CA ASN A 374 -32.25 47.40 -8.48
C ASN A 374 -32.10 47.91 -7.06
N LEU A 375 -31.08 48.72 -6.83
CA LEU A 375 -30.84 49.31 -5.53
C LEU A 375 -31.93 50.33 -5.19
N ASN A 376 -32.19 50.49 -3.90
CA ASN A 376 -33.12 51.52 -3.45
C ASN A 376 -32.59 52.91 -3.81
N GLU A 377 -31.31 53.15 -3.54
CA GLU A 377 -30.64 54.40 -3.90
C GLU A 377 -29.35 54.05 -4.62
N LYS A 378 -29.11 54.73 -5.74
CA LYS A 378 -27.89 54.49 -6.50
C LYS A 378 -26.68 55.00 -5.74
N ILE A 379 -25.68 54.13 -5.59
CA ILE A 379 -24.45 54.45 -4.87
C ILE A 379 -23.54 55.20 -5.82
N GLU A 380 -23.25 56.46 -5.50
CA GLU A 380 -22.33 57.25 -6.30
C GLU A 380 -20.89 56.84 -5.99
N LEU A 381 -20.15 56.45 -7.02
CA LEU A 381 -18.79 55.98 -6.87
C LEU A 381 -17.81 57.12 -7.14
N LYS A 382 -16.89 57.33 -6.21
CA LYS A 382 -15.85 58.33 -6.34
C LYS A 382 -14.48 57.65 -6.35
N ASP A 383 -13.46 58.42 -6.72
CA ASP A 383 -12.12 57.86 -6.82
C ASP A 383 -11.55 57.54 -5.45
N SER A 384 -11.85 58.37 -4.45
CA SER A 384 -11.18 58.28 -3.16
C SER A 384 -11.81 57.26 -2.22
N ILE A 385 -12.93 56.64 -2.59
CA ILE A 385 -13.58 55.68 -1.70
C ILE A 385 -12.78 54.38 -1.69
N GLN A 386 -12.63 53.78 -0.52
CA GLN A 386 -11.88 52.54 -0.40
C GLN A 386 -12.67 51.38 -0.99
N ALA A 387 -11.94 50.32 -1.35
CA ALA A 387 -12.59 49.14 -1.92
C ALA A 387 -13.54 48.49 -0.93
N GLN A 388 -13.07 48.31 0.31
CA GLN A 388 -13.92 47.74 1.35
C GLN A 388 -15.10 48.64 1.67
N GLU A 389 -14.92 49.96 1.55
CA GLU A 389 -16.01 50.89 1.85
C GLU A 389 -17.17 50.73 0.88
N TRP A 390 -16.91 50.75 -0.43
CA TRP A 390 -18.01 50.60 -1.36
C TRP A 390 -18.52 49.16 -1.42
N LEU A 391 -17.66 48.17 -1.15
CA LEU A 391 -18.16 46.80 -1.03
C LEU A 391 -19.15 46.68 0.13
N ASN A 392 -18.82 47.28 1.27
CA ASN A 392 -19.72 47.26 2.42
C ASN A 392 -21.01 48.02 2.14
N ILE A 393 -20.92 49.18 1.51
CA ILE A 393 -22.14 49.94 1.23
C ILE A 393 -22.99 49.21 0.20
N LEU A 394 -22.36 48.46 -0.72
CA LEU A 394 -23.14 47.66 -1.67
C LEU A 394 -23.83 46.50 -0.96
N ASP A 395 -23.13 45.83 -0.05
CA ASP A 395 -23.74 44.71 0.67
C ASP A 395 -24.91 45.19 1.53
N THR A 396 -24.72 46.29 2.26
CA THR A 396 -25.79 46.84 3.07
C THR A 396 -26.95 47.32 2.22
N GLU A 397 -26.65 47.93 1.06
CA GLU A 397 -27.70 48.35 0.15
C GLU A 397 -28.47 47.16 -0.43
N ILE A 398 -27.78 46.06 -0.70
CA ILE A 398 -28.45 44.85 -1.17
C ILE A 398 -29.40 44.33 -0.09
N LYS A 399 -28.92 44.28 1.16
CA LYS A 399 -29.77 43.82 2.25
C LYS A 399 -30.99 44.70 2.43
N LEU A 400 -30.78 46.03 2.46
CA LEU A 400 -31.89 46.94 2.68
C LEU A 400 -32.83 46.97 1.48
N SER A 401 -32.31 46.76 0.27
CA SER A 401 -33.15 46.74 -0.91
C SER A 401 -34.01 45.48 -0.96
N VAL A 402 -33.44 44.34 -0.54
CA VAL A 402 -34.24 43.13 -0.42
C VAL A 402 -35.34 43.31 0.62
N PHE A 403 -35.00 43.95 1.75
CA PHE A 403 -36.01 44.22 2.77
C PHE A 403 -37.11 45.14 2.23
N THR A 404 -36.73 46.21 1.54
CA THR A 404 -37.70 47.17 1.02
C THR A 404 -38.60 46.52 -0.02
N GLN A 405 -38.02 45.73 -0.93
CA GLN A 405 -38.81 45.08 -1.95
C GLN A 405 -39.74 44.02 -1.34
N PHE A 406 -39.28 43.34 -0.29
CA PHE A 406 -40.15 42.39 0.39
C PHE A 406 -41.31 43.11 1.08
N ARG A 407 -41.04 44.25 1.72
CA ARG A 407 -42.10 45.00 2.37
C ARG A 407 -43.12 45.51 1.35
N ASP A 408 -42.63 46.01 0.21
CA ASP A 408 -43.52 46.46 -0.84
C ASP A 408 -44.33 45.31 -1.44
N CYS A 409 -43.69 44.15 -1.62
CA CYS A 409 -44.39 42.98 -2.14
C CYS A 409 -45.50 42.53 -1.19
N LEU A 410 -45.20 42.52 0.11
CA LEU A 410 -46.21 42.13 1.09
C LEU A 410 -47.35 43.14 1.14
N GLY A 411 -47.02 44.43 1.03
CA GLY A 411 -48.05 45.44 0.96
C GLY A 411 -48.94 45.31 -0.25
N GLN A 412 -48.35 44.97 -1.40
CA GLN A 412 -49.14 44.75 -2.60
C GLN A 412 -50.02 43.51 -2.46
N LEU A 413 -49.47 42.43 -1.88
CA LEU A 413 -50.26 41.20 -1.72
C LEU A 413 -51.41 41.38 -0.73
N LYS A 414 -51.19 42.12 0.36
CA LYS A 414 -52.28 42.32 1.32
C LYS A 414 -53.32 43.30 0.82
N ASP A 415 -53.02 44.06 -0.24
CA ASP A 415 -53.99 44.99 -0.84
C ASP A 415 -54.75 44.35 -2.00
N GLY A 416 -54.66 43.02 -2.13
CA GLY A 416 -55.43 42.31 -3.13
C GLY A 416 -54.81 42.20 -4.50
N THR A 417 -53.61 42.76 -4.71
CA THR A 417 -52.96 42.62 -6.01
C THR A 417 -52.41 41.21 -6.17
N ASP A 418 -52.71 40.59 -7.30
CA ASP A 418 -52.33 39.21 -7.55
C ASP A 418 -50.83 39.10 -7.81
N ILE A 419 -50.32 37.86 -7.71
CA ILE A 419 -48.87 37.65 -7.77
C ILE A 419 -48.31 37.87 -9.17
N GLU A 420 -49.13 37.70 -10.21
CA GLU A 420 -48.64 37.83 -11.58
C GLU A 420 -48.50 39.27 -12.03
N VAL A 421 -48.81 40.24 -11.17
CA VAL A 421 -48.52 41.64 -11.41
C VAL A 421 -47.27 42.09 -10.68
N VAL A 422 -47.07 41.59 -9.45
CA VAL A 422 -45.90 41.96 -8.68
C VAL A 422 -44.69 41.14 -9.10
N VAL A 423 -44.89 40.02 -9.81
CA VAL A 423 -43.78 39.17 -10.21
C VAL A 423 -42.89 39.86 -11.26
N SER A 424 -43.42 40.84 -11.97
CA SER A 424 -42.70 41.49 -13.06
C SER A 424 -41.90 42.70 -12.63
N LYS A 425 -41.86 43.03 -11.34
CA LYS A 425 -41.20 44.23 -10.85
C LYS A 425 -39.97 43.94 -10.01
N TYR A 426 -40.12 43.17 -8.94
CA TYR A 426 -39.08 42.99 -7.93
C TYR A 426 -38.39 41.64 -8.11
N ILE A 427 -37.31 41.45 -7.35
CA ILE A 427 -36.51 40.24 -7.48
C ILE A 427 -37.28 39.06 -6.91
N PHE A 428 -36.78 37.85 -7.21
CA PHE A 428 -37.49 36.63 -6.83
C PHE A 428 -37.50 36.43 -5.32
N GLN A 429 -36.43 36.85 -4.63
CA GLN A 429 -36.35 36.62 -3.19
C GLN A 429 -37.44 37.38 -2.44
N ALA A 430 -37.67 38.63 -2.80
CA ALA A 430 -38.67 39.44 -2.10
C ALA A 430 -40.08 38.90 -2.35
N ILE A 431 -40.40 38.57 -3.60
CA ILE A 431 -41.70 37.99 -3.92
C ILE A 431 -41.87 36.66 -3.20
N LEU A 432 -40.81 35.86 -3.13
CA LEU A 432 -40.87 34.58 -2.45
C LEU A 432 -41.16 34.75 -0.97
N LEU A 433 -40.43 35.65 -0.30
CA LEU A 433 -40.62 35.86 1.12
C LEU A 433 -42.01 36.42 1.41
N SER A 434 -42.49 37.34 0.57
CA SER A 434 -43.82 37.88 0.75
C SER A 434 -44.89 36.82 0.57
N ALA A 435 -44.75 35.97 -0.44
CA ALA A 435 -45.72 34.90 -0.66
C ALA A 435 -45.71 33.91 0.49
N GLN A 436 -44.52 33.59 1.01
CA GLN A 436 -44.42 32.66 2.13
C GLN A 436 -45.05 33.23 3.40
N VAL A 437 -44.76 34.51 3.70
CA VAL A 437 -45.34 35.12 4.90
C VAL A 437 -46.85 35.24 4.78
N MET A 438 -47.34 35.64 3.60
CA MET A 438 -48.78 35.75 3.39
C MET A 438 -49.45 34.38 3.49
N TRP A 439 -48.82 33.34 2.95
CA TRP A 439 -49.36 31.99 3.08
C TRP A 439 -49.44 31.56 4.53
N THR A 440 -48.39 31.82 5.30
CA THR A 440 -48.39 31.46 6.71
C THR A 440 -49.50 32.19 7.45
N GLU A 441 -49.67 33.49 7.18
CA GLU A 441 -50.70 34.26 7.87
C GLU A 441 -52.10 33.78 7.50
N LEU A 442 -52.34 33.49 6.22
CA LEU A 442 -53.69 33.06 5.82
C LEU A 442 -54.00 31.68 6.37
N VAL A 443 -53.04 30.76 6.37
CA VAL A 443 -53.29 29.44 6.93
C VAL A 443 -53.51 29.52 8.44
N GLU A 444 -52.74 30.35 9.12
CA GLU A 444 -52.94 30.51 10.57
C GLU A 444 -54.30 31.13 10.88
N LYS A 445 -54.71 32.12 10.08
CA LYS A 445 -55.99 32.79 10.33
C LYS A 445 -57.16 31.85 10.07
N CYS A 446 -57.07 31.04 9.02
CA CYS A 446 -58.13 30.08 8.77
C CYS A 446 -57.97 28.82 9.61
N LEU A 447 -56.88 28.72 10.39
CA LEU A 447 -56.69 27.59 11.26
C LEU A 447 -57.40 27.77 12.60
N GLN A 448 -57.65 29.02 12.99
CA GLN A 448 -58.33 29.30 14.26
C GLN A 448 -59.73 28.71 14.30
N THR A 449 -60.38 28.59 13.15
CA THR A 449 -61.60 27.83 12.98
C THR A 449 -61.30 26.70 11.99
N ASN A 450 -62.35 25.95 11.62
CA ASN A 450 -62.20 24.78 10.76
C ASN A 450 -62.70 25.11 9.36
N GLU A 451 -61.84 25.71 8.54
CA GLU A 451 -62.09 25.81 7.11
C GLU A 451 -60.75 25.91 6.39
N PHE A 452 -60.65 25.21 5.26
CA PHE A 452 -59.43 25.22 4.46
C PHE A 452 -59.69 25.36 2.96
N SER A 453 -60.91 25.08 2.49
CA SER A 453 -61.15 24.96 1.06
C SER A 453 -61.07 26.31 0.36
N LYS A 454 -61.36 27.40 1.07
CA LYS A 454 -61.31 28.72 0.46
C LYS A 454 -59.90 29.09 0.04
N TYR A 455 -58.95 29.00 0.96
CA TYR A 455 -57.57 29.35 0.63
C TYR A 455 -56.92 28.26 -0.22
N TRP A 456 -57.40 27.02 -0.12
CA TRP A 456 -56.96 25.98 -1.04
C TRP A 456 -57.32 26.30 -2.48
N LYS A 457 -58.57 26.71 -2.71
CA LYS A 457 -58.99 27.09 -4.05
C LYS A 457 -58.28 28.36 -4.51
N GLU A 458 -58.02 29.28 -3.58
CA GLU A 458 -57.28 30.50 -3.92
C GLU A 458 -55.87 30.18 -4.39
N VAL A 459 -55.15 29.33 -3.66
CA VAL A 459 -53.78 29.03 -4.04
C VAL A 459 -53.75 28.15 -5.28
N ASP A 460 -54.79 27.32 -5.48
CA ASP A 460 -54.88 26.56 -6.73
C ASP A 460 -55.07 27.47 -7.93
N MET A 461 -55.93 28.49 -7.79
CA MET A 461 -56.12 29.46 -8.87
C MET A 461 -54.85 30.25 -9.12
N LYS A 462 -54.12 30.59 -8.06
CA LYS A 462 -52.85 31.31 -8.23
C LYS A 462 -51.81 30.45 -8.94
N ILE A 463 -51.78 29.14 -8.62
CA ILE A 463 -50.91 28.21 -9.32
C ILE A 463 -51.26 28.16 -10.81
N LYS A 464 -52.56 28.06 -11.11
CA LYS A 464 -52.99 28.03 -12.52
C LYS A 464 -52.64 29.33 -13.23
N GLY A 465 -52.77 30.46 -12.55
CA GLY A 465 -52.40 31.74 -13.16
C GLY A 465 -50.92 31.84 -13.45
N LEU A 466 -50.08 31.40 -12.51
CA LEU A 466 -48.64 31.39 -12.76
C LEU A 466 -48.27 30.43 -13.89
N LEU A 467 -48.93 29.27 -13.95
CA LEU A 467 -48.65 28.31 -15.00
C LEU A 467 -49.08 28.84 -16.37
N ASP A 468 -50.14 29.65 -16.39
CA ASP A 468 -50.56 30.28 -17.64
C ASP A 468 -49.62 31.41 -18.03
N LYS A 469 -49.09 32.14 -17.05
CA LYS A 469 -48.21 33.26 -17.35
C LYS A 469 -46.79 32.82 -17.69
N LEU A 470 -46.42 31.58 -17.35
CA LEU A 470 -45.03 31.13 -17.53
C LEU A 470 -44.58 31.18 -18.98
N ASN A 471 -45.44 30.73 -19.92
CA ASN A 471 -44.99 30.58 -21.30
C ASN A 471 -44.89 31.92 -22.01
N LYS A 472 -45.56 32.95 -21.49
CA LYS A 472 -45.57 34.29 -22.11
C LYS A 472 -44.62 35.25 -21.41
N SER A 473 -43.45 34.77 -20.97
CA SER A 473 -42.51 35.60 -20.22
C SER A 473 -41.11 35.43 -20.77
N SER A 474 -40.23 36.35 -20.40
CA SER A 474 -38.83 36.28 -20.77
C SER A 474 -38.11 35.23 -19.93
N ASP A 475 -36.81 35.08 -20.17
CA ASP A 475 -36.04 34.00 -19.54
C ASP A 475 -35.95 34.19 -18.03
N ASN A 476 -35.57 35.39 -17.59
CA ASN A 476 -35.47 35.66 -16.16
C ASN A 476 -36.84 35.58 -15.49
N VAL A 477 -37.87 36.10 -16.17
CA VAL A 477 -39.22 36.00 -15.64
C VAL A 477 -39.68 34.54 -15.65
N LYS A 478 -39.23 33.75 -16.64
CA LYS A 478 -39.55 32.32 -16.64
C LYS A 478 -38.96 31.63 -15.43
N LYS A 479 -37.70 31.95 -15.10
CA LYS A 479 -37.08 31.37 -13.91
C LYS A 479 -37.80 31.81 -12.64
N LYS A 480 -38.20 33.09 -12.58
CA LYS A 480 -38.94 33.59 -11.43
C LYS A 480 -40.26 32.84 -11.24
N ILE A 481 -41.01 32.70 -12.33
CA ILE A 481 -42.31 32.03 -12.25
C ILE A 481 -42.14 30.56 -11.90
N GLU A 482 -41.10 29.91 -12.42
CA GLU A 482 -40.89 28.50 -12.09
C GLU A 482 -40.52 28.32 -10.61
N ALA A 483 -39.55 29.11 -10.13
CA ALA A 483 -39.07 28.95 -8.76
C ALA A 483 -40.08 29.47 -7.75
N LEU A 484 -41.09 30.21 -8.21
CA LEU A 484 -42.18 30.58 -7.32
C LEU A 484 -43.32 29.56 -7.39
N LEU A 485 -43.54 28.97 -8.57
CA LEU A 485 -44.61 28.00 -8.74
C LEU A 485 -44.30 26.71 -8.01
N VAL A 486 -43.02 26.38 -7.84
CA VAL A 486 -42.67 25.22 -7.03
C VAL A 486 -43.06 25.44 -5.56
N GLU A 487 -42.81 26.65 -5.03
CA GLU A 487 -43.25 26.97 -3.68
C GLU A 487 -44.76 27.03 -3.57
N TYR A 488 -45.45 27.44 -4.63
CA TYR A 488 -46.90 27.43 -4.58
C TYR A 488 -47.46 26.01 -4.60
N LEU A 489 -46.78 25.11 -5.31
CA LEU A 489 -47.12 23.68 -5.21
C LEU A 489 -46.88 23.16 -3.80
N HIS A 490 -45.80 23.61 -3.16
CA HIS A 490 -45.55 23.25 -1.78
C HIS A 490 -46.67 23.74 -0.86
N PHE A 491 -47.13 24.97 -1.08
CA PHE A 491 -48.24 25.52 -0.29
C PHE A 491 -49.50 24.70 -0.49
N ASN A 492 -49.80 24.34 -1.74
CA ASN A 492 -50.98 23.53 -2.01
C ASN A 492 -50.87 22.16 -1.36
N ASN A 493 -49.67 21.58 -1.36
CA ASN A 493 -49.46 20.28 -0.71
C ASN A 493 -49.71 20.37 0.79
N VAL A 494 -49.17 21.41 1.43
CA VAL A 494 -49.35 21.56 2.87
C VAL A 494 -50.81 21.80 3.22
N ILE A 495 -51.50 22.65 2.45
CA ILE A 495 -52.90 22.93 2.74
C ILE A 495 -53.77 21.70 2.47
N GLY A 496 -53.45 20.92 1.44
CA GLY A 496 -54.18 19.69 1.19
C GLY A 496 -53.98 18.65 2.27
N GLN A 497 -52.76 18.57 2.82
CA GLN A 497 -52.53 17.67 3.94
C GLN A 497 -53.27 18.14 5.19
N LEU A 498 -53.31 19.46 5.43
CA LEU A 498 -54.00 19.98 6.59
C LEU A 498 -55.51 19.76 6.48
N LYS A 499 -56.07 19.89 5.28
CA LYS A 499 -57.50 19.74 5.10
C LYS A 499 -57.97 18.31 5.37
N ASN A 500 -57.12 17.33 5.09
CA ASN A 500 -57.48 15.93 5.26
C ASN A 500 -57.37 15.45 6.70
N CYS A 501 -56.88 16.27 7.61
CA CYS A 501 -56.75 15.87 9.01
C CYS A 501 -58.12 15.72 9.65
N SER A 502 -58.34 14.60 10.33
CA SER A 502 -59.63 14.33 10.94
C SER A 502 -59.84 15.18 12.20
N THR A 503 -58.80 15.30 13.02
CA THR A 503 -58.88 16.03 14.28
C THR A 503 -58.07 17.30 14.19
N LYS A 504 -58.50 18.31 14.94
CA LYS A 504 -57.78 19.58 14.97
C LYS A 504 -56.40 19.42 15.60
N GLU A 505 -56.25 18.46 16.50
CA GLU A 505 -54.94 18.20 17.09
C GLU A 505 -53.97 17.66 16.04
N GLU A 506 -54.46 16.79 15.15
CA GLU A 506 -53.62 16.28 14.07
C GLU A 506 -53.21 17.40 13.13
N ALA A 507 -54.14 18.32 12.83
CA ALA A 507 -53.81 19.47 11.98
C ALA A 507 -52.78 20.37 12.65
N ARG A 508 -52.90 20.56 13.97
CA ARG A 508 -51.93 21.37 14.69
C ARG A 508 -50.56 20.71 14.70
N LEU A 509 -50.52 19.39 14.89
CA LEU A 509 -49.29 18.61 14.75
C LEU A 509 -48.63 18.83 13.39
N LEU A 510 -49.41 18.65 12.32
CA LEU A 510 -48.85 18.72 10.98
C LEU A 510 -48.42 20.15 10.64
N TRP A 511 -49.17 21.14 11.12
CA TRP A 511 -48.78 22.54 10.93
C TRP A 511 -47.52 22.87 11.70
N ALA A 512 -47.33 22.25 12.87
CA ALA A 512 -46.08 22.41 13.58
C ALA A 512 -44.93 21.74 12.84
N LYS A 513 -45.20 20.66 12.11
CA LYS A 513 -44.16 19.97 11.34
C LYS A 513 -43.70 20.75 10.12
N VAL A 514 -44.55 21.61 9.56
CA VAL A 514 -44.22 22.40 8.38
C VAL A 514 -43.57 23.71 8.81
N GLN A 515 -42.61 24.17 8.04
CA GLN A 515 -41.93 25.43 8.28
C GLN A 515 -42.92 26.59 8.19
N LYS A 516 -42.72 27.61 9.03
CA LYS A 516 -43.62 28.75 9.10
C LYS A 516 -42.82 30.04 9.00
N PHE A 517 -43.44 31.06 8.40
CA PHE A 517 -42.79 32.34 8.12
C PHE A 517 -43.63 33.46 8.71
N TYR A 518 -43.17 34.04 9.81
CA TYR A 518 -43.91 35.09 10.49
C TYR A 518 -43.27 36.45 10.21
N GLN A 519 -43.87 37.49 10.80
CA GLN A 519 -43.35 38.85 10.66
C GLN A 519 -43.69 39.61 11.93
N LYS A 520 -42.68 40.22 12.55
CA LYS A 520 -42.94 41.06 13.72
C LYS A 520 -43.17 42.51 13.30
N ASN A 521 -44.26 43.08 13.81
CA ASN A 521 -44.63 44.45 13.51
C ASN A 521 -44.41 45.41 14.68
N ASP A 522 -43.60 45.01 15.67
CA ASP A 522 -43.22 45.87 16.79
C ASP A 522 -41.80 46.40 16.72
N THR A 523 -40.85 45.56 16.30
CA THR A 523 -39.45 45.95 16.31
C THR A 523 -39.14 46.99 15.25
N LEU A 524 -38.24 47.92 15.59
CA LEU A 524 -37.81 48.96 14.67
C LEU A 524 -36.65 48.52 13.78
N ASP A 525 -35.87 47.53 14.21
CA ASP A 525 -34.75 47.02 13.41
C ASP A 525 -35.33 46.27 12.22
N ASP A 526 -35.01 46.71 11.02
CA ASP A 526 -35.64 46.19 9.81
C ASP A 526 -35.14 44.80 9.46
N LEU A 527 -33.84 44.55 9.67
CA LEU A 527 -33.21 43.32 9.21
C LEU A 527 -33.66 42.08 9.98
N ASN A 528 -34.26 42.24 11.16
CA ASN A 528 -34.70 41.11 11.96
C ASN A 528 -36.21 41.08 12.11
N SER A 529 -36.94 41.68 11.17
CA SER A 529 -38.39 41.77 11.25
C SER A 529 -39.09 40.48 10.87
N VAL A 530 -38.38 39.50 10.32
CA VAL A 530 -38.94 38.23 9.93
C VAL A 530 -38.14 37.12 10.61
N PHE A 531 -38.84 36.21 11.29
CA PHE A 531 -38.19 35.09 11.93
C PHE A 531 -38.76 33.78 11.40
N ILE A 532 -38.14 32.68 11.80
CA ILE A 532 -38.39 31.36 11.23
C ILE A 532 -38.95 30.45 12.31
N SER A 533 -40.10 29.85 12.04
CA SER A 533 -40.73 28.93 12.98
C SER A 533 -40.80 27.53 12.38
N GLN A 534 -40.35 26.53 13.15
CA GLN A 534 -40.40 25.15 12.71
C GLN A 534 -40.37 24.25 13.94
N SER A 535 -41.45 23.51 14.16
CA SER A 535 -41.60 22.59 15.29
C SER A 535 -41.37 23.30 16.63
N GLY A 536 -41.91 24.50 16.74
CA GLY A 536 -41.81 25.30 17.96
C GLY A 536 -40.57 26.15 18.09
N TYR A 537 -39.48 25.75 17.44
CA TYR A 537 -38.22 26.46 17.58
C TYR A 537 -38.19 27.69 16.67
N LEU A 538 -37.31 28.64 17.00
CA LEU A 538 -37.25 29.91 16.30
C LEU A 538 -35.85 30.18 15.76
N LEU A 539 -35.81 30.60 14.49
CA LEU A 539 -34.61 31.10 13.86
C LEU A 539 -34.92 32.45 13.21
N GLN A 540 -33.86 33.19 12.87
CA GLN A 540 -34.00 34.54 12.35
C GLN A 540 -33.57 34.59 10.89
N TYR A 541 -34.24 35.43 10.11
CA TYR A 541 -33.85 35.68 8.73
C TYR A 541 -32.59 36.56 8.72
N LYS A 542 -31.85 36.49 7.62
CA LYS A 542 -30.63 37.27 7.49
C LYS A 542 -30.64 38.24 6.31
N PHE A 543 -31.56 38.07 5.36
CA PHE A 543 -31.73 38.96 4.22
C PHE A 543 -30.46 39.07 3.38
N GLU A 544 -30.04 37.96 2.81
CA GLU A 544 -28.93 37.91 1.88
C GLU A 544 -29.45 37.54 0.49
N TYR A 545 -28.87 38.15 -0.54
CA TYR A 545 -29.37 37.93 -1.89
C TYR A 545 -29.03 36.52 -2.37
N ILE A 546 -30.05 35.83 -2.90
CA ILE A 546 -29.86 34.49 -3.42
C ILE A 546 -30.07 34.41 -4.93
N GLY A 547 -30.70 35.41 -5.55
CA GLY A 547 -30.99 35.32 -6.96
C GLY A 547 -32.14 34.37 -7.24
N ILE A 548 -31.99 33.60 -8.32
CA ILE A 548 -32.96 32.54 -8.63
C ILE A 548 -32.19 31.22 -8.76
N PRO A 549 -31.71 30.64 -7.67
CA PRO A 549 -31.01 29.36 -7.78
C PRO A 549 -31.99 28.22 -7.97
N GLU A 550 -31.44 27.06 -8.32
CA GLU A 550 -32.26 25.86 -8.47
C GLU A 550 -32.88 25.49 -7.13
N ARG A 551 -34.19 25.34 -7.10
CA ARG A 551 -34.94 25.14 -5.87
C ARG A 551 -35.32 23.68 -5.73
N LEU A 552 -35.02 23.10 -4.56
CA LEU A 552 -35.41 21.74 -4.27
C LEU A 552 -36.92 21.62 -4.14
N ILE A 553 -37.45 20.50 -4.61
CA ILE A 553 -38.87 20.24 -4.54
C ILE A 553 -39.21 19.81 -3.12
N TYR A 554 -40.33 20.31 -2.60
CA TYR A 554 -40.68 20.09 -1.20
C TYR A 554 -41.29 18.72 -1.02
N THR A 555 -40.65 17.88 -0.21
CA THR A 555 -41.05 16.54 0.13
C THR A 555 -41.11 16.40 1.65
N PRO A 556 -41.88 15.43 2.17
CA PRO A 556 -41.88 15.21 3.63
C PRO A 556 -40.50 14.92 4.21
N LEU A 557 -39.67 14.16 3.50
CA LEU A 557 -38.31 13.91 3.97
C LEU A 557 -37.50 15.21 4.02
N LEU A 558 -37.72 16.10 3.05
CA LEU A 558 -37.03 17.39 3.06
C LEU A 558 -37.44 18.21 4.27
N LEU A 559 -38.72 18.19 4.63
CA LEU A 559 -39.17 18.95 5.79
C LEU A 559 -38.71 18.31 7.09
N VAL A 560 -38.59 16.98 7.12
CA VAL A 560 -38.02 16.32 8.29
C VAL A 560 -36.55 16.70 8.47
N GLY A 561 -35.79 16.75 7.37
CA GLY A 561 -34.43 17.24 7.46
C GLY A 561 -34.35 18.70 7.89
N PHE A 562 -35.29 19.51 7.40
CA PHE A 562 -35.36 20.91 7.82
C PHE A 562 -35.61 21.03 9.32
N ALA A 563 -36.53 20.21 9.84
CA ALA A 563 -36.85 20.26 11.27
C ALA A 563 -35.69 19.72 12.10
N THR A 564 -34.98 18.72 11.59
CA THR A 564 -33.80 18.22 12.29
C THR A 564 -32.72 19.30 12.37
N LEU A 565 -32.50 20.02 11.27
CA LEU A 565 -31.54 21.11 11.30
C LEU A 565 -32.00 22.24 12.21
N THR A 566 -33.31 22.49 12.25
CA THR A 566 -33.85 23.48 13.18
C THR A 566 -33.59 23.10 14.63
N ASP A 567 -33.87 21.84 14.98
CA ASP A 567 -33.66 21.37 16.34
C ASP A 567 -32.18 21.40 16.72
N SER A 568 -31.30 21.09 15.76
CA SER A 568 -29.88 21.17 16.06
C SER A 568 -29.41 22.61 16.24
N LEU A 569 -29.85 23.51 15.36
CA LEU A 569 -29.35 24.88 15.38
C LEU A 569 -29.97 25.71 16.50
N HIS A 570 -31.09 25.27 17.10
CA HIS A 570 -31.70 26.06 18.17
C HIS A 570 -30.77 26.17 19.37
N GLN A 571 -30.13 25.07 19.76
CA GLN A 571 -29.17 25.09 20.86
C GLN A 571 -27.75 25.32 20.36
N LYS A 572 -27.60 25.98 19.21
CA LYS A 572 -26.31 26.37 18.65
C LYS A 572 -25.41 25.17 18.36
N TYR A 573 -26.00 24.03 18.02
CA TYR A 573 -25.22 22.89 17.56
C TYR A 573 -25.11 22.93 16.03
N GLY A 574 -24.59 21.84 15.46
CA GLY A 574 -24.51 21.69 14.02
C GLY A 574 -25.18 20.40 13.56
N GLY A 575 -25.48 20.37 12.28
CA GLY A 575 -26.19 19.25 11.68
C GLY A 575 -25.25 18.34 10.93
N CYS A 576 -25.33 17.05 11.22
CA CYS A 576 -24.51 16.04 10.55
C CYS A 576 -25.43 15.08 9.82
N PHE A 577 -25.11 14.81 8.55
CA PHE A 577 -25.91 13.95 7.70
C PHE A 577 -25.05 12.78 7.24
N PHE A 578 -25.67 11.61 7.12
CA PHE A 578 -24.97 10.43 6.63
C PHE A 578 -25.96 9.51 5.95
N GLY A 579 -25.42 8.58 5.17
CA GLY A 579 -26.23 7.63 4.45
C GLY A 579 -25.58 7.24 3.13
N PRO A 580 -26.33 6.59 2.25
CA PRO A 580 -25.78 6.26 0.93
C PRO A 580 -25.62 7.50 0.07
N ALA A 581 -24.87 7.39 -1.03
CA ALA A 581 -24.64 8.52 -1.90
C ALA A 581 -25.85 8.77 -2.79
N GLY A 582 -25.95 10.00 -3.28
CA GLY A 582 -27.06 10.40 -4.13
C GLY A 582 -28.40 10.42 -3.41
N THR A 583 -28.41 10.93 -2.18
CA THR A 583 -29.64 11.08 -1.41
C THR A 583 -30.02 12.55 -1.18
N GLY A 584 -29.16 13.47 -1.56
CA GLY A 584 -29.49 14.88 -1.50
C GLY A 584 -29.05 15.61 -0.25
N LYS A 585 -27.94 15.21 0.37
CA LYS A 585 -27.48 15.85 1.59
C LYS A 585 -27.03 17.29 1.34
N THR A 586 -26.17 17.47 0.33
CA THR A 586 -25.71 18.83 0.03
C THR A 586 -26.85 19.69 -0.49
N GLU A 587 -27.80 19.08 -1.19
CA GLU A 587 -28.91 19.87 -1.71
C GLU A 587 -29.90 20.22 -0.61
N THR A 588 -30.11 19.32 0.37
CA THR A 588 -31.01 19.71 1.46
C THR A 588 -30.36 20.74 2.37
N VAL A 589 -29.03 20.69 2.54
CA VAL A 589 -28.36 21.76 3.28
C VAL A 589 -28.46 23.08 2.53
N LYS A 590 -28.24 23.04 1.21
CA LYS A 590 -28.35 24.24 0.39
C LYS A 590 -29.77 24.80 0.41
N ALA A 591 -30.78 23.94 0.35
CA ALA A 591 -32.16 24.39 0.37
C ALA A 591 -32.54 24.96 1.72
N PHE A 592 -32.05 24.36 2.81
CA PHE A 592 -32.35 24.88 4.14
C PHE A 592 -31.72 26.24 4.35
N GLY A 593 -30.49 26.44 3.85
CA GLY A 593 -29.90 27.77 3.90
C GLY A 593 -30.61 28.77 3.00
N GLN A 594 -31.01 28.31 1.81
CA GLN A 594 -31.68 29.16 0.83
C GLN A 594 -33.02 29.66 1.35
N ASN A 595 -33.78 28.79 2.01
CA ASN A 595 -35.10 29.13 2.49
C ASN A 595 -35.09 30.24 3.53
N LEU A 596 -34.00 30.39 4.29
CA LEU A 596 -33.83 31.47 5.24
C LEU A 596 -33.22 32.71 4.61
N GLY A 597 -33.01 32.69 3.29
CA GLY A 597 -32.41 33.82 2.60
C GLY A 597 -30.96 34.04 2.96
N ARG A 598 -30.20 32.96 3.09
CA ARG A 598 -28.77 33.06 3.34
C ARG A 598 -28.05 32.10 2.40
N VAL A 599 -27.00 32.60 1.76
CA VAL A 599 -26.22 31.80 0.82
C VAL A 599 -25.26 30.93 1.61
N VAL A 600 -25.44 29.62 1.53
CA VAL A 600 -24.55 28.68 2.20
C VAL A 600 -23.26 28.56 1.41
N VAL A 601 -22.21 28.10 2.06
CA VAL A 601 -20.93 27.87 1.42
C VAL A 601 -20.68 26.36 1.38
N VAL A 602 -20.51 25.82 0.18
CA VAL A 602 -20.43 24.38 -0.03
C VAL A 602 -18.98 24.01 -0.32
N PHE A 603 -18.46 23.06 0.45
CA PHE A 603 -17.10 22.55 0.26
C PHE A 603 -17.15 21.15 -0.32
N ASN A 604 -16.26 20.89 -1.28
CA ASN A 604 -16.09 19.55 -1.82
C ASN A 604 -14.71 19.02 -1.43
N CYS A 605 -14.64 17.71 -1.22
CA CYS A 605 -13.43 17.07 -0.74
C CYS A 605 -13.02 15.96 -1.69
N ASP A 606 -11.71 15.68 -1.69
CA ASP A 606 -11.15 14.64 -2.54
C ASP A 606 -9.92 13.99 -1.91
N PHE A 609 -7.42 20.13 -2.74
CA PHE A 609 -8.28 20.72 -1.71
C PHE A 609 -7.63 20.54 -0.35
N ASP A 610 -6.74 21.48 -0.01
CA ASP A 610 -5.84 21.32 1.11
C ASP A 610 -6.37 22.02 2.37
N TYR A 611 -5.52 22.11 3.39
CA TYR A 611 -5.94 22.63 4.68
C TYR A 611 -6.10 24.14 4.67
N GLN A 612 -5.27 24.84 3.89
CA GLN A 612 -5.25 26.31 3.94
C GLN A 612 -6.56 26.90 3.46
N VAL A 613 -7.10 26.39 2.35
CA VAL A 613 -8.36 26.92 1.83
C VAL A 613 -9.50 26.60 2.79
N LEU A 614 -9.46 25.44 3.43
CA LEU A 614 -10.48 25.09 4.42
C LEU A 614 -10.45 26.04 5.61
N SER A 615 -9.26 26.29 6.16
CA SER A 615 -9.14 27.17 7.32
C SER A 615 -9.53 28.60 6.96
N ARG A 616 -9.12 29.08 5.79
CA ARG A 616 -9.49 30.42 5.35
C ARG A 616 -11.00 30.56 5.18
N LEU A 617 -11.64 29.55 4.56
CA LEU A 617 -13.08 29.61 4.37
C LEU A 617 -13.83 29.53 5.69
N LEU A 618 -13.35 28.71 6.62
CA LEU A 618 -13.98 28.64 7.93
C LEU A 618 -13.86 29.96 8.68
N VAL A 619 -12.70 30.61 8.60
CA VAL A 619 -12.54 31.92 9.23
C VAL A 619 -13.48 32.93 8.59
N GLY A 620 -13.59 32.90 7.26
CA GLY A 620 -14.49 33.83 6.58
C GLY A 620 -15.95 33.62 6.95
N ILE A 621 -16.37 32.35 7.05
CA ILE A 621 -17.76 32.06 7.42
C ILE A 621 -18.03 32.46 8.86
N THR A 622 -17.10 32.16 9.79
CA THR A 622 -17.29 32.54 11.18
C THR A 622 -17.27 34.06 11.37
N GLN A 623 -16.61 34.79 10.46
CA GLN A 623 -16.63 36.25 10.57
C GLN A 623 -17.89 36.83 9.96
N ILE A 624 -18.29 36.37 8.77
CA ILE A 624 -19.50 36.87 8.12
C ILE A 624 -20.73 36.43 8.89
N GLY A 625 -20.78 35.18 9.30
CA GLY A 625 -21.96 34.61 9.88
C GLY A 625 -22.80 33.79 8.93
N ALA A 626 -22.23 33.33 7.83
CA ALA A 626 -22.95 32.50 6.87
C ALA A 626 -22.95 31.05 7.34
N TRP A 627 -23.41 30.16 6.47
CA TRP A 627 -23.58 28.77 6.83
C TRP A 627 -22.62 27.85 6.08
N GLY A 628 -21.53 27.47 6.74
CA GLY A 628 -20.53 26.59 6.16
N CYS A 629 -21.18 23.18 4.62
CA CYS A 629 -21.60 21.90 4.04
C CYS A 629 -20.40 21.14 3.49
N PHE A 630 -19.87 20.22 4.29
CA PHE A 630 -18.64 19.50 3.96
C PHE A 630 -19.01 18.23 3.19
N ASP A 631 -19.01 18.36 1.87
CA ASP A 631 -19.36 17.22 1.02
C ASP A 631 -18.19 16.25 0.89
N GLU A 632 -18.54 14.95 0.92
CA GLU A 632 -17.56 13.86 0.93
C GLU A 632 -16.51 14.07 2.02
N PHE A 633 -16.98 14.45 3.21
CA PHE A 633 -16.09 14.70 4.34
C PHE A 633 -15.30 13.46 4.73
N ASN A 634 -15.85 12.27 4.53
CA ASN A 634 -15.10 11.04 4.80
C ASN A 634 -13.95 10.85 3.84
N ARG A 635 -14.01 11.50 2.66
CA ARG A 635 -12.96 11.32 1.65
C ARG A 635 -11.75 12.22 1.89
N LEU A 636 -11.80 13.10 2.89
CA LEU A 636 -10.67 13.99 3.14
C LEU A 636 -9.49 13.22 3.72
N ASP A 637 -8.29 13.78 3.55
CA ASP A 637 -7.09 13.19 4.11
C ASP A 637 -7.13 13.26 5.64
N GLU A 638 -6.47 12.28 6.27
CA GLU A 638 -6.63 12.08 7.71
C GLU A 638 -6.05 13.25 8.51
N LYS A 639 -4.92 13.81 8.08
CA LYS A 639 -4.31 14.92 8.81
C LYS A 639 -5.19 16.17 8.74
N VAL A 640 -5.64 16.52 7.53
CA VAL A 640 -6.54 17.67 7.39
C VAL A 640 -7.90 17.35 7.98
N LEU A 641 -8.27 16.06 8.03
CA LEU A 641 -9.49 15.67 8.74
C LEU A 641 -9.39 16.00 10.22
N SER A 642 -8.27 15.65 10.85
CA SER A 642 -8.08 15.96 12.26
C SER A 642 -8.03 17.47 12.49
N ALA A 643 -7.36 18.21 11.60
CA ALA A 643 -7.27 19.66 11.75
C ALA A 643 -8.65 20.32 11.63
N VAL A 644 -9.44 19.95 10.62
CA VAL A 644 -10.74 20.59 10.45
C VAL A 644 -11.72 20.07 11.49
N SER A 645 -11.53 18.87 12.03
CA SER A 645 -12.37 18.41 13.12
C SER A 645 -12.09 19.19 14.39
N ALA A 646 -10.81 19.50 14.65
CA ALA A 646 -10.48 20.37 15.77
C ALA A 646 -11.07 21.76 15.58
N ASN A 647 -11.00 22.28 14.35
CA ASN A 647 -11.59 23.59 14.07
C ASN A 647 -13.11 23.58 14.28
N ILE A 648 -13.79 22.54 13.80
CA ILE A 648 -15.25 22.45 13.95
C ILE A 648 -15.61 22.27 15.42
N GLN A 649 -14.81 21.52 16.17
CA GLN A 649 -15.06 21.38 17.60
C GLN A 649 -14.88 22.71 18.32
N GLN A 650 -13.88 23.50 17.92
CA GLN A 650 -13.73 24.83 18.51
C GLN A 650 -14.91 25.73 18.17
N ILE A 651 -15.41 25.65 16.93
CA ILE A 651 -16.57 26.44 16.53
C ILE A 651 -17.79 26.05 17.36
N GLN A 652 -18.00 24.74 17.53
CA GLN A 652 -19.17 24.28 18.29
C GLN A 652 -19.04 24.62 19.77
N ASN A 653 -17.82 24.58 20.31
CA ASN A 653 -17.62 25.00 21.69
C ASN A 653 -17.92 26.49 21.86
N GLY A 654 -17.49 27.30 20.90
CA GLY A 654 -17.81 28.72 20.94
C GLY A 654 -19.30 28.99 20.82
N LEU A 655 -20.00 28.16 20.03
CA LEU A 655 -21.43 28.33 19.87
C LEU A 655 -22.20 27.89 21.12
N GLN A 656 -21.76 26.80 21.76
CA GLN A 656 -22.38 26.37 23.01
C GLN A 656 -22.15 27.39 24.12
N VAL A 657 -20.90 27.79 24.33
CA VAL A 657 -20.58 28.78 25.36
C VAL A 657 -21.10 30.16 25.01
N GLY A 658 -21.24 30.48 23.73
CA GLY A 658 -21.63 31.81 23.32
C GLY A 658 -20.48 32.80 23.38
N LYS A 659 -19.29 32.37 22.99
CA LYS A 659 -18.12 33.23 23.02
C LYS A 659 -18.23 34.32 21.97
N SER A 660 -17.80 35.52 22.34
CA SER A 660 -17.75 36.64 21.41
C SER A 660 -16.60 36.52 20.42
N HIS A 661 -15.49 35.91 20.84
CA HIS A 661 -14.32 35.75 20.00
C HIS A 661 -13.93 34.28 19.96
N ILE A 662 -13.46 33.84 18.80
CA ILE A 662 -13.03 32.46 18.59
C ILE A 662 -11.55 32.47 18.22
N THR A 663 -10.80 31.51 18.75
CA THR A 663 -9.35 31.41 18.53
C THR A 663 -9.11 30.36 17.45
N LEU A 664 -9.12 30.80 16.20
CA LEU A 664 -8.86 29.93 15.06
C LEU A 664 -7.73 30.51 14.23
N LEU A 665 -6.88 29.63 13.67
CA LEU A 665 -5.71 30.00 12.89
C LEU A 665 -4.76 30.91 13.70
N GLU A 666 -4.55 30.52 14.95
CA GLU A 666 -3.72 31.22 15.93
C GLU A 666 -4.06 32.70 16.08
N GLU A 667 -5.31 33.08 15.79
CA GLU A 667 -5.73 34.48 15.89
C GLU A 667 -7.09 34.53 16.56
N GLU A 668 -7.31 35.57 17.36
CA GLU A 668 -8.59 35.77 18.02
C GLU A 668 -9.56 36.39 17.02
N THR A 669 -10.37 35.55 16.39
CA THR A 669 -11.32 35.98 15.39
C THR A 669 -12.68 36.23 16.03
N PRO A 670 -13.37 37.32 15.65
CA PRO A 670 -14.76 37.49 16.09
C PRO A 670 -15.64 36.35 15.62
N LEU A 671 -16.43 35.82 16.55
CA LEU A 671 -17.33 34.69 16.28
C LEU A 671 -18.76 35.21 16.31
N SER A 672 -19.38 35.27 15.14
CA SER A 672 -20.76 35.74 15.06
C SER A 672 -21.70 34.70 15.67
N PRO A 673 -22.79 35.13 16.30
CA PRO A 673 -23.80 34.18 16.78
C PRO A 673 -24.74 33.64 15.71
N HIS A 674 -24.52 33.99 14.44
CA HIS A 674 -25.35 33.52 13.35
C HIS A 674 -24.71 32.41 12.54
N THR A 675 -23.47 32.02 12.85
CA THR A 675 -22.77 31.02 12.07
C THR A 675 -23.38 29.64 12.28
N ALA A 676 -23.01 28.71 11.40
CA ALA A 676 -23.43 27.33 11.51
C ALA A 676 -22.44 26.45 10.75
N VAL A 677 -22.38 25.18 11.13
CA VAL A 677 -21.50 24.20 10.50
C VAL A 677 -22.33 22.96 10.18
N PHE A 678 -22.24 22.51 8.93
CA PHE A 678 -22.93 21.29 8.50
C PHE A 678 -21.94 20.36 7.83
N ILE A 679 -22.10 19.06 8.09
CA ILE A 679 -21.26 18.03 7.51
C ILE A 679 -22.14 16.92 6.95
N THR A 680 -21.82 16.48 5.73
CA THR A 680 -22.53 15.39 5.07
C THR A 680 -21.56 14.22 4.90
N LEU A 681 -22.07 13.00 5.06
CA LEU A 681 -21.21 11.83 5.10
C LEU A 681 -21.79 10.72 4.24
N ASN A 682 -20.90 9.89 3.72
CA ASN A 682 -21.29 8.73 2.92
C ASN A 682 -20.92 7.43 3.61
N SER A 689 -17.63 5.70 5.87
CA SER A 689 -17.45 5.64 7.32
C SER A 689 -18.43 6.56 8.04
N GLU A 690 -18.07 6.96 9.26
CA GLU A 690 -18.87 7.86 10.06
C GLU A 690 -17.99 9.01 10.57
N LEU A 691 -18.64 9.94 11.28
CA LEU A 691 -17.93 11.11 11.78
C LEU A 691 -16.96 10.69 12.89
N PRO A 692 -15.85 11.41 13.07
CA PRO A 692 -15.01 11.16 14.23
C PRO A 692 -15.76 11.47 15.52
N GLU A 693 -15.42 10.74 16.58
CA GLU A 693 -16.22 10.78 17.80
C GLU A 693 -16.11 12.13 18.51
N ASN A 694 -14.93 12.77 18.45
CA ASN A 694 -14.80 14.13 18.99
C ASN A 694 -15.67 15.12 18.23
N LEU A 695 -15.93 14.87 16.97
CA LEU A 695 -16.85 15.66 16.17
C LEU A 695 -18.26 15.11 16.22
N LYS A 696 -18.41 13.82 16.51
CA LYS A 696 -19.74 13.22 16.63
C LYS A 696 -20.46 13.72 17.87
N LYS A 697 -19.72 13.94 18.96
CA LYS A 697 -20.31 14.35 20.22
C LYS A 697 -20.99 15.71 20.16
N SER A 698 -20.55 16.61 19.29
CA SER A 698 -21.10 17.97 19.22
C SER A 698 -22.12 18.16 18.11
N PHE A 699 -22.51 17.11 17.40
CA PHE A 699 -23.45 17.21 16.30
C PHE A 699 -24.64 16.28 16.51
N ARG A 700 -25.56 16.33 15.54
CA ARG A 700 -26.73 15.47 15.50
C ARG A 700 -26.70 14.69 14.20
N GLU A 701 -26.33 13.43 14.27
CA GLU A 701 -26.29 12.57 13.09
C GLU A 701 -27.70 12.21 12.67
N PHE A 702 -28.00 12.41 11.38
CA PHE A 702 -29.30 12.10 10.83
C PHE A 702 -29.10 11.32 9.53
N SER A 703 -29.88 10.26 9.36
CA SER A 703 -29.76 9.39 8.20
C SER A 703 -30.94 9.61 7.26
N MET A 704 -30.64 9.86 5.98
CA MET A 704 -31.67 9.95 4.96
C MET A 704 -31.55 8.76 4.02
N LYS A 705 -32.67 8.37 3.42
CA LYS A 705 -32.69 7.41 2.34
C LYS A 705 -32.85 8.19 1.04
N SER A 706 -33.06 7.47 -0.05
CA SER A 706 -33.40 8.13 -1.30
C SER A 706 -34.74 8.85 -1.12
N PRO A 707 -34.83 10.14 -1.44
CA PRO A 707 -36.06 10.89 -1.18
C PRO A 707 -37.23 10.44 -2.04
N GLN A 708 -38.40 11.04 -1.84
CA GLN A 708 -39.59 10.69 -2.60
C GLN A 708 -39.42 11.20 -4.03
N SER A 709 -38.69 10.40 -4.82
CA SER A 709 -38.40 10.77 -6.20
C SER A 709 -39.66 10.82 -7.05
N GLY A 710 -40.68 10.06 -6.65
CA GLY A 710 -41.96 10.14 -7.31
C GLY A 710 -42.60 11.51 -7.22
N THR A 711 -42.64 12.07 -6.00
CA THR A 711 -43.22 13.39 -5.82
C THR A 711 -42.35 14.47 -6.44
N ILE A 712 -41.02 14.31 -6.34
CA ILE A 712 -40.10 15.26 -6.95
C ILE A 712 -40.30 15.31 -8.46
N ALA A 713 -40.33 14.14 -9.10
CA ALA A 713 -40.53 14.09 -10.54
C ALA A 713 -41.92 14.59 -10.92
N GLU A 714 -42.92 14.31 -10.10
CA GLU A 714 -44.28 14.76 -10.39
C GLU A 714 -44.37 16.28 -10.39
N MET A 715 -43.81 16.91 -9.36
CA MET A 715 -43.91 18.37 -9.30
C MET A 715 -42.94 19.05 -10.25
N ILE A 716 -41.84 18.39 -10.63
CA ILE A 716 -40.99 18.94 -11.67
C ILE A 716 -41.69 18.90 -13.02
N LEU A 717 -42.33 17.77 -13.35
CA LEU A 717 -43.11 17.68 -14.57
C LEU A 717 -44.28 18.66 -14.54
N GLN A 718 -44.84 18.92 -13.35
CA GLN A 718 -45.92 19.89 -13.23
C GLN A 718 -45.41 21.31 -13.45
N ILE A 719 -44.15 21.57 -13.08
CA ILE A 719 -43.57 22.89 -13.30
C ILE A 719 -43.48 23.20 -14.79
N MET A 720 -42.99 22.24 -15.59
CA MET A 720 -42.80 22.50 -17.01
C MET A 720 -44.10 22.48 -17.80
N GLY A 721 -45.16 21.91 -17.25
CA GLY A 721 -46.47 22.00 -17.86
C GLY A 721 -47.02 20.73 -18.49
N PHE A 722 -46.55 19.56 -18.07
CA PHE A 722 -47.07 18.33 -18.62
C PHE A 722 -48.49 18.06 -18.15
N GLU A 723 -49.29 17.45 -19.04
CA GLU A 723 -50.70 17.22 -18.74
C GLU A 723 -50.88 16.16 -17.66
N ASP A 724 -50.16 15.05 -17.75
CA ASP A 724 -50.23 13.97 -16.77
C ASP A 724 -48.84 13.84 -16.15
N SER A 725 -48.59 14.66 -15.12
CA SER A 725 -47.28 14.65 -14.47
C SER A 725 -47.09 13.45 -13.56
N LYS A 726 -48.15 13.05 -12.84
CA LYS A 726 -48.01 12.03 -11.81
C LYS A 726 -47.76 10.64 -12.41
N SER A 727 -48.53 10.28 -13.43
CA SER A 727 -48.34 8.97 -14.06
C SER A 727 -46.98 8.85 -14.73
N LEU A 728 -46.55 9.91 -15.42
CA LEU A 728 -45.23 9.91 -16.06
C LEU A 728 -44.12 9.84 -15.02
N ALA A 729 -44.30 10.55 -13.90
CA ALA A 729 -43.31 10.51 -12.83
C ALA A 729 -43.19 9.13 -12.21
N SER A 730 -44.33 8.49 -11.94
CA SER A 730 -44.31 7.13 -11.40
C SER A 730 -43.66 6.17 -12.39
N LYS A 731 -43.99 6.32 -13.68
CA LYS A 731 -43.39 5.46 -14.70
C LYS A 731 -41.87 5.64 -14.77
N ILE A 732 -41.41 6.90 -14.72
CA ILE A 732 -39.98 7.14 -14.92
C ILE A 732 -39.18 6.72 -13.68
N VAL A 733 -39.75 6.89 -12.48
CA VAL A 733 -39.03 6.46 -11.29
C VAL A 733 -39.03 4.94 -11.19
N HIS A 734 -40.12 4.29 -11.63
CA HIS A 734 -40.14 2.83 -11.70
C HIS A 734 -39.12 2.33 -12.69
N PHE A 735 -38.98 3.01 -13.84
CA PHE A 735 -37.99 2.62 -14.83
C PHE A 735 -36.58 2.78 -14.30
N LEU A 736 -36.30 3.88 -13.59
CA LEU A 736 -34.96 4.07 -13.05
C LEU A 736 -34.64 3.03 -11.99
N GLU A 737 -35.61 2.67 -11.15
CA GLU A 737 -35.40 1.61 -10.18
C GLU A 737 -35.11 0.28 -10.89
N LEU A 738 -35.89 -0.05 -11.92
CA LEU A 738 -35.68 -1.32 -12.62
C LEU A 738 -34.37 -1.31 -13.39
N LEU A 739 -33.93 -0.14 -13.85
CA LEU A 739 -32.65 -0.03 -14.52
C LEU A 739 -31.50 -0.26 -13.55
N SER A 740 -31.59 0.33 -12.35
CA SER A 740 -30.56 0.10 -11.35
C SER A 740 -30.59 -1.32 -10.81
N SER A 741 -31.74 -2.00 -10.92
CA SER A 741 -31.86 -3.37 -10.39
C SER A 741 -31.44 -4.44 -11.40
N LYS A 742 -31.89 -4.34 -12.65
CA LYS A 742 -31.74 -5.42 -13.62
C LYS A 742 -30.41 -5.40 -14.35
N CYS A 743 -29.81 -4.23 -14.54
CA CYS A 743 -28.60 -4.15 -15.35
C CYS A 743 -27.38 -4.68 -14.60
N SER A 744 -26.28 -4.82 -15.32
CA SER A 744 -25.06 -5.36 -14.74
C SER A 744 -24.43 -4.35 -13.78
N SER A 745 -23.55 -4.86 -12.92
CA SER A 745 -22.91 -4.03 -11.90
C SER A 745 -21.64 -3.36 -12.43
N MET A 746 -21.76 -2.67 -13.56
CA MET A 746 -20.63 -1.93 -14.10
C MET A 746 -20.42 -0.66 -13.28
N ASN A 747 -19.16 -0.25 -13.16
CA ASN A 747 -18.82 0.81 -12.21
C ASN A 747 -19.31 2.20 -12.65
N HIS A 748 -19.77 2.36 -13.89
CA HIS A 748 -20.27 3.65 -14.35
C HIS A 748 -21.77 3.66 -14.56
N TYR A 749 -22.47 2.60 -14.16
CA TYR A 749 -23.93 2.53 -14.31
C TYR A 749 -24.55 3.20 -13.09
N HIS A 750 -24.78 4.51 -13.19
CA HIS A 750 -25.39 5.27 -12.11
C HIS A 750 -26.77 5.72 -12.55
N PHE A 751 -27.78 5.39 -11.75
CA PHE A 751 -29.18 5.66 -12.07
C PHE A 751 -29.89 6.24 -10.85
N GLY A 752 -29.20 7.10 -10.12
CA GLY A 752 -29.75 7.72 -8.92
C GLY A 752 -30.72 8.84 -9.23
N LEU A 753 -30.74 9.83 -8.34
CA LEU A 753 -31.63 10.97 -8.54
C LEU A 753 -30.99 12.00 -9.48
N ARG A 754 -29.66 12.05 -9.52
CA ARG A 754 -28.98 13.04 -10.34
C ARG A 754 -29.20 12.78 -11.83
N THR A 755 -29.18 11.50 -12.25
CA THR A 755 -29.41 11.20 -13.66
C THR A 755 -30.88 11.45 -14.03
N LEU A 756 -31.80 11.20 -13.10
CA LEU A 756 -33.19 11.55 -13.35
C LEU A 756 -33.36 13.06 -13.52
N LYS A 757 -32.68 13.83 -12.67
CA LYS A 757 -32.72 15.29 -12.80
C LYS A 757 -32.10 15.73 -14.12
N GLY A 758 -31.04 15.07 -14.55
CA GLY A 758 -30.46 15.38 -15.85
C GLY A 758 -31.40 15.07 -17.00
N VAL A 759 -32.15 13.97 -16.89
CA VAL A 759 -33.14 13.64 -17.91
C VAL A 759 -34.22 14.70 -17.98
N LEU A 760 -34.73 15.12 -16.82
CA LEU A 760 -35.75 16.16 -16.78
C LEU A 760 -35.22 17.49 -17.32
N ARG A 761 -33.96 17.82 -17.01
CA ARG A 761 -33.37 19.04 -17.53
C ARG A 761 -33.20 18.99 -19.05
N ASN A 762 -32.72 17.87 -19.58
CA ASN A 762 -32.49 17.72 -21.01
C ASN A 762 -33.78 17.57 -21.81
N CYS A 763 -34.90 17.27 -21.16
CA CYS A 763 -36.14 17.10 -21.90
C CYS A 763 -36.68 18.42 -22.45
N SER A 764 -36.21 19.56 -21.95
CA SER A 764 -36.82 20.85 -22.30
C SER A 764 -36.69 21.25 -23.78
N PRO A 765 -35.50 21.30 -24.39
CA PRO A 765 -35.46 21.57 -25.83
C PRO A 765 -36.16 20.52 -26.67
N LEU A 766 -36.10 19.25 -26.24
CA LEU A 766 -36.78 18.17 -26.92
C LEU A 766 -38.30 18.26 -26.81
N VAL A 767 -38.83 18.71 -25.67
CA VAL A 767 -40.28 18.86 -25.57
C VAL A 767 -40.74 20.11 -26.31
N SER A 768 -39.88 21.12 -26.41
CA SER A 768 -40.24 22.26 -27.26
C SER A 768 -40.26 21.85 -28.73
N GLU A 769 -39.34 20.97 -29.14
CA GLU A 769 -39.27 20.53 -30.52
C GLU A 769 -40.33 19.50 -30.90
N PHE A 770 -40.76 18.64 -29.96
CA PHE A 770 -41.71 17.59 -30.31
C PHE A 770 -43.05 17.67 -29.59
N GLY A 771 -43.17 18.35 -28.47
CA GLY A 771 -44.45 18.40 -27.79
C GLY A 771 -44.53 17.47 -26.59
N GLU A 772 -45.38 17.84 -25.64
CA GLU A 772 -45.48 17.13 -24.38
C GLU A 772 -46.21 15.80 -24.53
N GLY A 773 -45.92 14.87 -23.64
CA GLY A 773 -46.52 13.57 -23.66
C GLY A 773 -45.50 12.51 -23.25
N GLU A 774 -45.83 11.26 -23.56
CA GLU A 774 -44.90 10.17 -23.29
C GLU A 774 -43.77 10.15 -24.29
N LYS A 775 -44.01 10.65 -25.50
CA LYS A 775 -43.00 10.59 -26.56
C LYS A 775 -41.77 11.41 -26.20
N THR A 776 -41.96 12.62 -25.70
CA THR A 776 -40.82 13.48 -25.37
C THR A 776 -39.99 12.90 -24.23
N VAL A 777 -40.65 12.36 -23.20
CA VAL A 777 -39.91 11.83 -22.07
C VAL A 777 -39.18 10.54 -22.45
N VAL A 778 -39.81 9.71 -23.30
CA VAL A 778 -39.14 8.48 -23.71
C VAL A 778 -37.96 8.80 -24.64
N GLU A 779 -38.09 9.85 -25.46
CA GLU A 779 -36.98 10.23 -26.33
C GLU A 779 -35.83 10.82 -25.54
N SER A 780 -36.13 11.64 -24.51
CA SER A 780 -35.07 12.14 -23.65
C SER A 780 -34.40 11.02 -22.88
N LEU A 781 -35.20 10.06 -22.41
CA LEU A 781 -34.64 8.90 -21.71
C LEU A 781 -33.73 8.09 -22.61
N LYS A 782 -34.12 7.88 -23.87
CA LYS A 782 -33.26 7.21 -24.83
C LYS A 782 -31.97 7.99 -25.04
N ARG A 783 -32.08 9.29 -25.36
CA ARG A 783 -30.90 10.08 -25.70
C ARG A 783 -29.95 10.25 -24.52
N VAL A 784 -30.43 10.05 -23.29
CA VAL A 784 -29.56 10.12 -22.12
C VAL A 784 -28.96 8.77 -21.75
N ILE A 785 -29.75 7.69 -21.82
CA ILE A 785 -29.34 6.43 -21.23
C ILE A 785 -28.75 5.48 -22.26
N LEU A 786 -29.30 5.41 -23.47
CA LEU A 786 -28.79 4.49 -24.49
C LEU A 786 -27.29 4.58 -24.77
N PRO A 787 -26.65 5.74 -24.88
CA PRO A 787 -25.21 5.76 -25.21
C PRO A 787 -24.32 5.05 -24.19
N SER A 788 -24.75 4.90 -22.93
CA SER A 788 -23.89 4.34 -21.91
C SER A 788 -24.18 2.88 -21.58
N LEU A 789 -24.98 2.18 -22.39
CA LEU A 789 -25.34 0.81 -22.07
C LEU A 789 -24.70 -0.18 -23.04
N GLY A 790 -24.46 -1.39 -22.53
CA GLY A 790 -23.97 -2.48 -23.35
C GLY A 790 -25.09 -3.14 -24.15
N ASP A 791 -24.70 -4.16 -24.91
CA ASP A 791 -25.64 -4.79 -25.85
C ASP A 791 -26.78 -5.49 -25.12
N THR A 792 -26.45 -6.36 -24.16
CA THR A 792 -27.50 -6.97 -23.36
C THR A 792 -28.19 -5.95 -22.48
N ASP A 793 -27.45 -4.93 -22.05
CA ASP A 793 -28.05 -3.80 -21.35
C ASP A 793 -29.02 -3.07 -22.26
N GLU A 794 -28.67 -2.89 -23.53
CA GLU A 794 -29.57 -2.27 -24.50
C GLU A 794 -30.81 -3.13 -24.72
N LEU A 795 -30.65 -4.46 -24.71
CA LEU A 795 -31.80 -5.34 -24.86
C LEU A 795 -32.76 -5.21 -23.69
N VAL A 796 -32.23 -5.21 -22.46
CA VAL A 796 -33.08 -5.04 -21.28
C VAL A 796 -33.75 -3.67 -21.30
N PHE A 797 -32.99 -2.64 -21.65
CA PHE A 797 -33.52 -1.28 -21.76
C PHE A 797 -34.68 -1.23 -22.76
N LYS A 798 -34.48 -1.79 -23.94
CA LYS A 798 -35.50 -1.77 -24.98
C LYS A 798 -36.74 -2.54 -24.55
N ASP A 799 -36.55 -3.72 -23.95
CA ASP A 799 -37.68 -4.54 -23.53
C ASP A 799 -38.51 -3.83 -22.46
N GLU A 800 -37.84 -3.30 -21.43
CA GLU A 800 -38.58 -2.66 -20.36
C GLU A 800 -39.23 -1.36 -20.84
N LEU A 801 -38.54 -0.60 -21.68
CA LEU A 801 -39.09 0.66 -22.17
C LEU A 801 -40.31 0.41 -23.05
N SER A 802 -40.28 -0.64 -23.87
CA SER A 802 -41.46 -1.01 -24.64
C SER A 802 -42.57 -1.53 -23.73
N LYS A 803 -42.20 -2.16 -22.62
CA LYS A 803 -43.20 -2.70 -21.72
C LYS A 803 -43.99 -1.61 -21.01
N ILE A 804 -43.30 -0.62 -20.44
CA ILE A 804 -43.98 0.32 -19.56
C ILE A 804 -44.55 1.51 -20.33
N PHE A 805 -43.81 2.03 -21.30
CA PHE A 805 -44.27 3.19 -22.04
C PHE A 805 -45.12 2.79 -23.23
N ASP A 806 -46.21 3.54 -23.44
CA ASP A 806 -47.14 3.22 -24.52
C ASP A 806 -46.54 3.55 -25.88
N SER A 807 -45.94 4.74 -26.00
CA SER A 807 -45.37 5.14 -27.28
C SER A 807 -44.13 4.31 -27.60
N ALA A 808 -43.99 3.92 -28.86
CA ALA A 808 -42.86 3.12 -29.31
C ALA A 808 -41.96 3.92 -30.22
N SER A 814 -35.90 12.71 -38.72
CA SER A 814 -35.14 13.58 -39.61
C SER A 814 -34.39 12.78 -40.66
N LYS A 815 -35.00 12.61 -41.84
CA LYS A 815 -34.36 11.86 -42.90
C LYS A 815 -33.23 12.66 -43.54
N ALA A 816 -33.30 13.99 -43.46
CA ALA A 816 -32.27 14.84 -44.05
C ALA A 816 -30.91 14.62 -43.39
N ILE A 817 -30.88 14.50 -42.07
CA ILE A 817 -29.62 14.23 -41.40
C ILE A 817 -29.13 12.80 -41.67
N VAL A 818 -30.05 11.85 -41.90
CA VAL A 818 -29.64 10.52 -42.33
C VAL A 818 -28.93 10.59 -43.68
N GLN A 819 -29.50 11.35 -44.62
CA GLN A 819 -28.86 11.54 -45.92
C GLN A 819 -27.52 12.23 -45.77
N CYS A 820 -27.42 13.19 -44.86
CA CYS A 820 -26.14 13.89 -44.65
C CYS A 820 -25.08 12.97 -44.07
N LEU A 821 -25.44 12.13 -43.09
CA LEU A 821 -24.50 11.14 -42.58
C LEU A 821 -24.07 10.17 -43.67
N LYS A 822 -25.00 9.70 -44.49
CA LYS A 822 -24.63 8.78 -45.57
C LYS A 822 -23.69 9.44 -46.57
N ASP A 823 -23.97 10.69 -46.95
CA ASP A 823 -23.11 11.41 -47.87
C ASP A 823 -21.73 11.66 -47.26
N ALA A 824 -21.68 12.01 -45.98
CA ALA A 824 -20.41 12.25 -45.31
C ALA A 824 -19.59 10.96 -45.21
N GLY A 825 -20.25 9.84 -44.96
CA GLY A 825 -19.55 8.56 -44.94
C GLY A 825 -19.04 8.17 -46.30
N GLN A 826 -19.81 8.45 -47.35
CA GLN A 826 -19.36 8.10 -48.70
C GLN A 826 -18.22 8.99 -49.16
N ARG A 827 -18.23 10.27 -48.78
CA ARG A 827 -17.17 11.19 -49.19
C ARG A 827 -15.83 10.84 -48.55
N SER A 828 -15.83 10.54 -47.26
CA SER A 828 -14.59 10.25 -46.55
C SER A 828 -14.17 8.80 -46.65
N GLY A 829 -14.95 7.95 -47.31
CA GLY A 829 -14.59 6.57 -47.52
C GLY A 829 -14.99 5.61 -46.42
N PHE A 830 -15.59 6.08 -45.34
CA PHE A 830 -16.04 5.19 -44.28
C PHE A 830 -17.28 4.43 -44.72
N SER A 831 -17.56 3.34 -44.02
CA SER A 831 -18.71 2.51 -44.32
C SER A 831 -19.13 1.69 -43.11
N SER A 833 -24.30 0.51 -42.45
CA SER A 833 -24.31 -0.40 -41.31
C SER A 833 -25.31 0.05 -40.25
N GLU A 834 -26.08 -0.90 -39.73
CA GLU A 834 -27.11 -0.57 -38.74
C GLU A 834 -26.50 -0.07 -37.43
N GLU A 835 -25.46 -0.74 -36.94
CA GLU A 835 -24.82 -0.31 -35.70
C GLU A 835 -24.13 1.03 -35.88
N PHE A 836 -23.47 1.23 -37.03
CA PHE A 836 -22.83 2.52 -37.31
C PHE A 836 -23.86 3.63 -37.39
N LEU A 837 -25.01 3.36 -38.03
CA LEU A 837 -26.06 4.36 -38.11
C LEU A 837 -26.64 4.69 -36.73
N LYS A 838 -26.84 3.66 -35.89
CA LYS A 838 -27.37 3.88 -34.55
C LYS A 838 -26.41 4.71 -33.71
N LYS A 839 -25.12 4.40 -33.77
CA LYS A 839 -24.14 5.17 -33.02
C LYS A 839 -23.99 6.58 -33.57
N CYS A 840 -24.13 6.75 -34.89
CA CYS A 840 -24.09 8.08 -35.48
C CYS A 840 -25.26 8.93 -35.01
N MET A 841 -26.48 8.36 -35.00
CA MET A 841 -27.63 9.10 -34.50
C MET A 841 -27.50 9.41 -33.02
N GLN A 842 -26.99 8.46 -32.23
CA GLN A 842 -26.80 8.72 -30.80
C GLN A 842 -25.82 9.86 -30.57
N PHE A 843 -24.69 9.84 -31.27
CA PHE A 843 -23.72 10.91 -31.10
C PHE A 843 -24.26 12.23 -31.62
N TYR A 844 -25.05 12.19 -32.69
CA TYR A 844 -25.70 13.39 -33.21
C TYR A 844 -26.63 14.01 -32.17
N TYR A 845 -27.42 13.17 -31.50
CA TYR A 845 -28.34 13.71 -30.51
C TYR A 845 -27.63 14.23 -29.27
N MET A 846 -26.57 13.55 -28.82
CA MET A 846 -25.78 14.10 -27.72
C MET A 846 -25.13 15.43 -28.09
N GLN A 847 -24.52 15.52 -29.29
CA GLN A 847 -23.90 16.79 -29.65
C GLN A 847 -24.93 17.88 -29.91
N LYS A 848 -26.18 17.50 -30.22
CA LYS A 848 -27.25 18.48 -30.25
C LYS A 848 -27.59 18.96 -28.85
N THR A 849 -27.64 18.07 -27.87
CA THR A 849 -28.08 18.42 -26.52
C THR A 849 -26.96 18.67 -25.52
N GLN A 850 -25.85 17.92 -25.56
CA GLN A 850 -24.78 18.05 -24.58
C GLN A 850 -23.55 18.67 -25.23
N GLN A 851 -22.80 19.44 -24.46
CA GLN A 851 -21.64 20.17 -24.96
C GLN A 851 -20.33 19.42 -24.78
N ALA A 852 -20.34 18.24 -24.16
CA ALA A 852 -19.11 17.51 -23.88
C ALA A 852 -19.41 16.03 -23.73
N LEU A 853 -18.68 15.20 -24.46
CA LEU A 853 -18.87 13.76 -24.46
C LEU A 853 -17.54 13.05 -24.26
N ILE A 854 -17.62 11.77 -23.88
CA ILE A 854 -16.47 10.87 -23.84
C ILE A 854 -16.77 9.68 -24.74
N LEU A 855 -15.76 9.25 -25.48
CA LEU A 855 -15.88 8.13 -26.42
C LEU A 855 -15.13 6.95 -25.83
N VAL A 856 -15.81 5.82 -25.69
CA VAL A 856 -15.21 4.63 -25.10
C VAL A 856 -15.78 3.38 -25.76
N GLY A 857 -14.94 2.37 -25.91
CA GLY A 857 -15.34 1.09 -26.46
C GLY A 857 -14.12 0.23 -26.60
N LYS A 858 -14.31 -0.93 -27.23
CA LYS A 858 -13.18 -1.78 -27.54
C LYS A 858 -12.29 -1.11 -28.57
N ALA A 859 -11.02 -1.52 -28.61
CA ALA A 859 -10.06 -0.89 -29.51
C ALA A 859 -10.43 -1.17 -30.97
N GLY A 860 -10.46 -0.11 -31.77
CA GLY A 860 -10.80 -0.24 -33.18
C GLY A 860 -12.25 -0.61 -33.47
N CYS A 861 -13.20 -0.04 -32.74
CA CYS A 861 -14.60 -0.21 -33.07
C CYS A 861 -15.11 0.81 -34.07
N GLY A 862 -14.39 1.92 -34.27
CA GLY A 862 -14.82 2.92 -35.20
C GLY A 862 -15.23 4.23 -34.53
N LYS A 863 -14.65 4.52 -33.38
CA LYS A 863 -14.99 5.74 -32.67
C LYS A 863 -14.53 6.98 -33.44
N THR A 864 -13.29 6.97 -33.91
CA THR A 864 -12.79 8.09 -34.71
C THR A 864 -13.55 8.19 -36.02
N ALA A 865 -13.85 7.05 -36.63
CA ALA A 865 -14.69 7.06 -37.84
C ALA A 865 -16.07 7.64 -37.55
N THR A 866 -16.65 7.26 -36.41
CA THR A 866 -17.98 7.75 -36.04
C THR A 866 -17.97 9.26 -35.90
N TRP A 867 -17.06 9.80 -35.09
CA TRP A 867 -17.12 11.24 -34.88
C TRP A 867 -16.67 12.02 -36.11
N LYS A 868 -15.72 11.50 -36.88
CA LYS A 868 -15.32 12.19 -38.10
C LYS A 868 -16.46 12.26 -39.10
N THR A 869 -17.21 11.16 -39.26
CA THR A 869 -18.29 11.19 -40.22
C THR A 869 -19.45 12.07 -39.74
N VAL A 870 -19.69 12.13 -38.42
CA VAL A 870 -20.76 13.02 -37.97
C VAL A 870 -20.33 14.49 -38.08
N ILE A 871 -19.04 14.79 -37.92
CA ILE A 871 -18.59 16.16 -38.09
C ILE A 871 -18.66 16.58 -39.56
N ASP A 872 -18.30 15.68 -40.48
CA ASP A 872 -18.46 15.99 -41.90
C ASP A 872 -19.94 16.17 -42.26
N ALA A 873 -20.81 15.36 -41.67
CA ALA A 873 -22.25 15.52 -41.90
C ALA A 873 -22.76 16.83 -41.31
N MET A 874 -22.17 17.29 -40.21
CA MET A 874 -22.49 18.62 -39.68
C MET A 874 -22.05 19.72 -40.62
N ALA A 875 -20.88 19.54 -41.25
CA ALA A 875 -20.41 20.51 -42.23
C ALA A 875 -21.37 20.62 -43.41
N ILE A 876 -21.81 19.46 -43.94
CA ILE A 876 -22.65 19.49 -45.13
C ILE A 876 -24.11 19.77 -44.77
N PHE A 877 -24.47 19.62 -43.50
CA PHE A 877 -25.86 19.82 -43.08
C PHE A 877 -26.10 21.25 -42.64
N ASP A 878 -25.40 21.69 -41.59
CA ASP A 878 -25.61 23.03 -41.04
C ASP A 878 -24.90 24.12 -41.84
N GLY A 879 -24.00 23.75 -42.75
CA GLY A 879 -23.24 24.71 -43.49
C GLY A 879 -22.08 25.31 -42.74
N HIS A 880 -21.83 24.87 -41.50
CA HIS A 880 -20.74 25.42 -40.71
C HIS A 880 -19.40 24.90 -41.21
N ALA A 881 -18.40 25.79 -41.22
CA ALA A 881 -17.05 25.36 -41.51
C ALA A 881 -16.48 24.60 -40.31
N ASN A 882 -16.00 23.40 -40.58
CA ASN A 882 -15.59 22.48 -39.53
C ASN A 882 -14.07 22.38 -39.48
N VAL A 883 -13.51 22.59 -38.30
CA VAL A 883 -12.11 22.34 -38.02
C VAL A 883 -12.04 21.36 -36.85
N VAL A 884 -11.17 20.36 -36.97
CA VAL A 884 -11.08 19.29 -35.98
C VAL A 884 -9.65 19.22 -35.45
N TYR A 885 -9.52 19.01 -34.15
CA TYR A 885 -8.23 18.83 -33.50
C TYR A 885 -8.27 17.52 -32.72
N VAL A 886 -7.22 16.71 -32.87
CA VAL A 886 -7.08 15.47 -32.13
C VAL A 886 -5.82 15.56 -31.28
N ILE A 887 -5.95 15.31 -29.99
CA ILE A 887 -4.87 15.49 -29.02
C ILE A 887 -4.67 14.17 -28.29
N ASP A 888 -3.43 13.71 -28.23
CA ASP A 888 -3.06 12.58 -27.38
C ASP A 888 -2.64 13.17 -26.04
N THR A 889 -3.36 12.81 -24.97
CA THR A 889 -3.15 13.48 -23.69
C THR A 889 -1.85 13.03 -23.03
N LYS A 890 -1.60 11.71 -23.03
CA LYS A 890 -0.55 11.17 -22.18
C LYS A 890 0.84 11.22 -22.81
N VAL A 891 0.95 11.52 -24.10
CA VAL A 891 2.27 11.71 -24.70
C VAL A 891 2.93 12.96 -24.11
N LEU A 892 2.14 13.97 -23.81
CA LEU A 892 2.63 15.20 -23.20
C LEU A 892 2.27 15.21 -21.72
N THR A 893 3.03 15.98 -20.94
CA THR A 893 2.73 16.12 -19.53
C THR A 893 1.51 17.03 -19.35
N LYS A 894 0.91 16.95 -18.16
CA LYS A 894 -0.26 17.77 -17.87
C LYS A 894 0.06 19.25 -17.90
N GLU A 895 1.22 19.63 -17.37
CA GLU A 895 1.66 21.03 -17.43
C GLU A 895 1.90 21.46 -18.88
N SER A 896 2.47 20.58 -19.70
CA SER A 896 2.65 20.91 -21.12
C SER A 896 1.32 20.93 -21.85
N LEU A 897 0.36 20.12 -21.41
CA LEU A 897 -0.95 20.10 -22.04
C LEU A 897 -1.74 21.38 -21.75
N TYR A 898 -1.69 21.86 -20.51
CA TYR A 898 -2.58 22.94 -20.09
C TYR A 898 -1.82 24.24 -19.77
N GLY A 899 -0.63 24.42 -20.33
CA GLY A 899 0.11 25.65 -20.14
C GLY A 899 1.16 25.54 -19.04
N SER A 900 2.42 25.44 -19.44
CA SER A 900 3.53 25.25 -18.51
C SER A 900 3.99 26.60 -17.98
N MET A 901 3.78 26.84 -16.69
CA MET A 901 4.35 27.98 -16.00
C MET A 901 5.42 27.49 -15.04
N LEU A 902 6.65 27.99 -15.22
CA LEU A 902 7.76 27.60 -14.36
C LEU A 902 7.50 28.18 -12.98
N LYS A 903 7.51 27.30 -11.96
CA LYS A 903 7.23 27.76 -10.60
C LYS A 903 8.38 28.58 -10.04
N ALA A 904 9.56 28.51 -10.69
CA ALA A 904 10.68 29.33 -10.26
C ALA A 904 10.39 30.81 -10.44
N THR A 905 9.81 31.19 -11.59
CA THR A 905 9.54 32.59 -11.90
C THR A 905 8.06 32.92 -11.89
N LEU A 906 7.19 31.91 -11.86
CA LEU A 906 5.73 32.07 -11.94
C LEU A 906 5.34 32.87 -13.18
N GLU A 907 6.04 32.57 -14.28
CA GLU A 907 5.82 33.23 -15.56
C GLU A 907 5.07 32.28 -16.48
N TRP A 908 4.03 32.80 -17.13
CA TRP A 908 3.14 31.94 -17.92
C TRP A 908 3.69 31.72 -19.32
N ARG A 909 3.80 30.45 -19.71
CA ARG A 909 4.12 30.06 -21.07
C ARG A 909 2.96 29.21 -21.59
N ASP A 910 2.46 29.54 -22.77
CA ASP A 910 1.23 28.96 -23.26
C ASP A 910 1.41 27.49 -23.64
N GLY A 911 0.38 26.69 -23.39
CA GLY A 911 0.32 25.33 -23.86
C GLY A 911 -0.49 25.21 -25.14
N LEU A 912 -0.49 24.01 -25.72
CA LEU A 912 -1.19 23.79 -26.97
C LEU A 912 -2.70 23.89 -26.80
N PHE A 913 -3.23 23.33 -25.71
CA PHE A 913 -4.65 23.51 -25.39
C PHE A 913 -4.92 24.96 -25.02
N THR A 914 -3.98 25.57 -24.29
CA THR A 914 -4.09 27.00 -23.96
C THR A 914 -4.06 27.86 -25.22
N SER A 915 -3.17 27.52 -26.16
CA SER A 915 -3.13 28.26 -27.43
C SER A 915 -4.40 28.06 -28.23
N ILE A 916 -4.95 26.84 -28.22
CA ILE A 916 -6.19 26.58 -28.94
C ILE A 916 -7.33 27.41 -28.35
N LEU A 917 -7.42 27.46 -27.02
CA LEU A 917 -8.48 28.26 -26.38
C LEU A 917 -8.27 29.75 -26.61
N ARG A 918 -7.01 30.19 -26.65
CA ARG A 918 -6.74 31.60 -26.93
C ARG A 918 -7.15 31.95 -28.36
N ARG A 919 -6.88 31.06 -29.31
CA ARG A 919 -7.31 31.30 -30.69
C ARG A 919 -8.83 31.30 -30.78
N VAL A 920 -9.49 30.42 -30.04
CA VAL A 920 -10.95 30.36 -30.04
C VAL A 920 -11.55 31.64 -29.47
N ASN A 921 -11.01 32.10 -28.34
CA ASN A 921 -11.58 33.26 -27.67
C ASN A 921 -11.28 34.55 -28.41
N ASP A 922 -10.09 34.65 -29.02
CA ASP A 922 -9.73 35.88 -29.72
C ASP A 922 -10.59 36.08 -30.96
N ASP A 923 -10.73 35.05 -31.78
CA ASP A 923 -11.51 35.08 -33.03
C ASP A 923 -11.04 36.22 -33.93
N ILE A 924 -9.78 36.09 -34.38
CA ILE A 924 -9.14 37.16 -35.14
C ILE A 924 -9.81 37.33 -36.50
N THR A 925 -10.04 36.23 -37.20
CA THR A 925 -10.57 36.28 -38.56
C THR A 925 -12.09 36.41 -38.60
N GLY A 926 -12.78 36.23 -37.48
CA GLY A 926 -14.23 36.36 -37.47
C GLY A 926 -14.97 35.21 -38.09
N THR A 927 -14.30 34.10 -38.40
CA THR A 927 -14.97 32.95 -39.00
C THR A 927 -15.79 32.15 -38.00
N PHE A 928 -15.72 32.49 -36.71
CA PHE A 928 -16.40 31.75 -35.65
C PHE A 928 -17.92 31.92 -35.66
N LYS A 929 -18.45 32.83 -36.49
CA LYS A 929 -19.89 33.01 -36.57
C LYS A 929 -20.58 31.76 -37.11
N ASN A 930 -19.87 30.98 -37.92
CA ASN A 930 -20.39 29.72 -38.43
C ASN A 930 -19.33 28.63 -38.34
N SER A 931 -18.61 28.57 -37.23
CA SER A 931 -17.55 27.59 -37.05
C SER A 931 -17.71 26.90 -35.71
N ARG A 932 -17.72 25.58 -35.72
CA ARG A 932 -17.69 24.76 -34.51
C ARG A 932 -16.35 24.04 -34.45
N ILE A 933 -15.63 24.24 -33.36
CA ILE A 933 -14.24 23.81 -33.22
C ILE A 933 -14.19 22.66 -32.22
N TRP A 934 -13.54 21.57 -32.63
CA TRP A 934 -13.55 20.31 -31.89
C TRP A 934 -12.13 19.92 -31.51
N VAL A 935 -11.92 19.66 -30.23
CA VAL A 935 -10.65 19.13 -29.72
C VAL A 935 -10.94 17.76 -29.14
N VAL A 936 -10.39 16.72 -29.77
CA VAL A 936 -10.63 15.34 -29.37
C VAL A 936 -9.41 14.86 -28.59
N PHE A 937 -9.64 14.41 -27.35
CA PHE A 937 -8.57 13.94 -26.47
C PHE A 937 -8.52 12.42 -26.55
N ASP A 938 -7.57 11.92 -27.35
CA ASP A 938 -7.52 10.51 -27.72
C ASP A 938 -6.45 9.80 -26.88
N SER A 939 -6.84 9.46 -25.66
CA SER A 939 -6.03 8.64 -24.75
C SER A 939 -6.90 8.26 -23.55
N ASP A 940 -6.34 7.48 -22.64
CA ASP A 940 -7.11 7.00 -21.49
C ASP A 940 -7.46 8.14 -20.54
N LEU A 941 -8.47 7.90 -19.70
CA LEU A 941 -9.04 8.91 -18.83
C LEU A 941 -8.25 8.96 -17.52
N ASP A 942 -7.23 9.82 -17.50
CA ASP A 942 -6.49 10.07 -16.28
C ASP A 942 -7.25 11.08 -15.43
N PRO A 943 -7.61 10.75 -14.18
CA PRO A 943 -8.33 11.72 -13.34
C PRO A 943 -7.58 13.02 -13.11
N GLU A 944 -6.25 12.95 -13.03
CA GLU A 944 -5.45 14.17 -12.86
C GLU A 944 -5.52 15.07 -14.09
N TYR A 945 -5.57 14.48 -15.27
CA TYR A 945 -5.61 15.27 -16.50
C TYR A 945 -7.00 15.85 -16.76
N VAL A 946 -8.05 15.16 -16.35
CA VAL A 946 -9.41 15.54 -16.72
C VAL A 946 -10.06 16.46 -15.69
N GLU A 947 -9.52 16.49 -14.46
CA GLU A 947 -10.12 17.32 -13.42
C GLU A 947 -9.81 18.80 -13.59
N ALA A 948 -8.90 19.17 -14.49
CA ALA A 948 -8.64 20.57 -14.78
C ALA A 948 -9.77 21.24 -15.55
N MET A 949 -10.67 20.45 -16.16
CA MET A 949 -11.80 20.98 -16.89
C MET A 949 -13.13 20.63 -16.21
N ASN A 950 -13.15 20.56 -14.88
CA ASN A 950 -14.38 20.23 -14.17
C ASN A 950 -15.44 21.32 -14.39
N SER A 951 -15.02 22.58 -14.35
CA SER A 951 -15.95 23.67 -14.67
C SER A 951 -16.28 23.72 -16.15
N VAL A 952 -15.35 23.29 -17.01
CA VAL A 952 -15.58 23.31 -18.45
C VAL A 952 -16.67 22.31 -18.81
N LEU A 953 -16.62 21.10 -18.26
CA LEU A 953 -17.60 20.07 -18.58
C LEU A 953 -18.98 20.41 -18.01
N ASP A 954 -19.01 21.06 -16.86
CA ASP A 954 -20.25 21.38 -16.17
C ASP A 954 -20.88 22.64 -16.76
N ASP A 955 -21.88 23.20 -16.07
CA ASP A 955 -22.60 24.36 -16.57
C ASP A 955 -21.78 25.64 -16.49
N ASN A 956 -20.62 25.62 -15.81
CA ASN A 956 -19.79 26.80 -15.74
C ASN A 956 -19.24 27.18 -17.12
N LYS A 957 -18.73 26.19 -17.85
CA LYS A 957 -18.22 26.36 -19.22
C LYS A 957 -17.12 27.42 -19.29
N ILE A 958 -16.30 27.48 -18.24
CA ILE A 958 -15.22 28.44 -18.13
C ILE A 958 -13.94 27.68 -17.79
N LEU A 959 -12.85 28.02 -18.48
CA LEU A 959 -11.58 27.33 -18.29
C LEU A 959 -10.79 28.00 -17.18
N THR A 960 -10.37 27.22 -16.20
CA THR A 960 -9.61 27.72 -15.06
C THR A 960 -8.13 27.45 -15.30
N LEU A 961 -7.36 28.52 -15.44
CA LEU A 961 -5.92 28.46 -15.68
C LEU A 961 -5.16 28.76 -14.40
N PRO A 962 -3.95 28.20 -14.24
CA PRO A 962 -3.18 28.43 -13.00
C PRO A 962 -2.84 29.89 -12.73
N ASN A 963 -2.66 30.70 -13.77
CA ASN A 963 -2.26 32.09 -13.57
C ASN A 963 -3.45 33.00 -13.24
N GLY A 964 -4.67 32.48 -13.21
CA GLY A 964 -5.83 33.26 -12.88
C GLY A 964 -6.67 33.69 -14.06
N GLU A 965 -6.19 33.51 -15.28
CA GLU A 965 -6.97 33.86 -16.45
C GLU A 965 -8.15 32.91 -16.61
N ARG A 966 -9.22 33.42 -17.24
CA ARG A 966 -10.47 32.67 -17.40
C ARG A 966 -10.93 32.83 -18.85
N LEU A 967 -10.59 31.86 -19.69
CA LEU A 967 -10.99 31.88 -21.10
C LEU A 967 -12.31 31.13 -21.26
N PRO A 968 -13.36 31.75 -21.75
CA PRO A 968 -14.66 31.07 -21.87
C PRO A 968 -14.67 30.03 -22.97
N ILE A 969 -15.60 29.09 -22.84
CA ILE A 969 -15.83 28.05 -23.84
C ILE A 969 -17.17 28.36 -24.52
N PRO A 970 -17.20 28.69 -25.80
CA PRO A 970 -18.46 28.97 -26.49
C PRO A 970 -19.26 27.69 -26.70
N PRO A 971 -20.56 27.79 -26.97
CA PRO A 971 -21.38 26.59 -27.16
C PRO A 971 -20.99 25.73 -28.35
N ASN A 972 -20.27 26.28 -29.34
CA ASN A 972 -19.85 25.53 -30.51
C ASN A 972 -18.48 24.90 -30.35
N PHE A 973 -17.86 25.04 -29.17
CA PHE A 973 -16.55 24.47 -28.88
C PHE A 973 -16.79 23.29 -27.94
N ARG A 974 -16.79 22.09 -28.51
CA ARG A 974 -17.11 20.88 -27.77
C ARG A 974 -15.91 19.96 -27.68
N ILE A 975 -15.77 19.30 -26.53
CA ILE A 975 -14.59 18.52 -26.17
C ILE A 975 -14.94 17.05 -26.17
N LEU A 976 -14.11 16.24 -26.83
CA LEU A 976 -14.30 14.79 -26.91
C LEU A 976 -13.13 14.07 -26.25
N PHE A 977 -13.43 12.89 -25.69
CA PHE A 977 -12.46 12.07 -24.98
C PHE A 977 -12.54 10.65 -25.54
N GLU A 978 -11.51 10.22 -26.28
CA GLU A 978 -11.47 8.87 -26.82
C GLU A 978 -10.63 7.98 -25.93
N THR A 979 -11.26 6.97 -25.33
CA THR A 979 -10.58 6.07 -24.40
C THR A 979 -11.04 4.65 -24.62
N ASP A 980 -10.53 3.75 -23.76
CA ASP A 980 -10.79 2.32 -23.90
C ASP A 980 -11.57 1.72 -22.74
N ASN A 981 -11.46 2.25 -21.52
CA ASN A 981 -12.10 1.64 -20.37
C ASN A 981 -12.40 2.73 -19.33
N LEU A 982 -13.23 2.37 -18.36
CA LEU A 982 -13.64 3.27 -17.28
C LEU A 982 -13.12 2.77 -15.94
N ASP A 983 -11.87 2.30 -15.90
CA ASP A 983 -11.33 1.75 -14.65
C ASP A 983 -10.97 2.85 -13.67
N HIS A 984 -10.14 3.81 -14.09
CA HIS A 984 -9.70 4.90 -13.22
C HIS A 984 -10.51 6.16 -13.49
N THR A 985 -11.81 6.09 -13.20
CA THR A 985 -12.70 7.22 -13.39
C THR A 985 -13.63 7.35 -12.19
N THR A 986 -13.77 8.58 -11.69
CA THR A 986 -14.70 8.87 -10.62
C THR A 986 -16.12 8.96 -11.15
N PRO A 987 -17.12 8.59 -10.34
CA PRO A 987 -18.52 8.73 -10.77
C PRO A 987 -18.95 10.17 -11.01
N ALA A 988 -18.25 11.16 -10.43
CA ALA A 988 -18.61 12.56 -10.62
C ALA A 988 -18.51 12.98 -12.08
N THR A 989 -17.39 12.68 -12.74
CA THR A 989 -17.25 12.95 -14.17
C THR A 989 -18.10 12.02 -15.02
N ILE A 990 -18.45 10.83 -14.50
CA ILE A 990 -19.30 9.91 -15.24
C ILE A 990 -20.71 10.46 -15.37
N THR A 991 -21.28 10.94 -14.26
CA THR A 991 -22.60 11.57 -14.32
C THR A 991 -22.53 12.98 -14.90
N ARG A 992 -21.39 13.65 -14.76
CA ARG A 992 -21.22 15.00 -15.25
C ARG A 992 -21.14 15.07 -16.76
N CYS A 993 -20.45 14.12 -17.39
CA CYS A 993 -20.20 14.13 -18.83
C CYS A 993 -20.95 12.98 -19.49
N GLY A 994 -21.48 13.23 -20.69
CA GLY A 994 -22.16 12.19 -21.43
C GLY A 994 -21.18 11.10 -21.87
N LEU A 995 -21.64 9.85 -21.78
CA LEU A 995 -20.81 8.68 -22.05
C LEU A 995 -21.43 7.88 -23.18
N LEU A 996 -20.67 7.71 -24.26
CA LEU A 996 -21.07 6.87 -25.39
C LEU A 996 -20.25 5.59 -25.33
N TRP A 997 -20.94 4.46 -25.21
CA TRP A 997 -20.31 3.16 -24.97
C TRP A 997 -20.43 2.28 -26.21
N PHE A 998 -19.30 1.94 -26.81
CA PHE A 998 -19.23 1.03 -27.94
C PHE A 998 -19.11 -0.37 -27.37
N SER A 999 -20.25 -1.05 -27.21
CA SER A 999 -20.26 -2.36 -26.56
C SER A 999 -19.51 -3.42 -27.37
N THR A 1000 -19.74 -3.50 -28.67
CA THR A 1000 -19.06 -4.45 -29.52
C THR A 1000 -18.68 -3.76 -30.83
N ASP A 1001 -18.13 -4.54 -31.75
CA ASP A 1001 -17.75 -4.01 -33.05
C ASP A 1001 -18.98 -3.69 -33.88
N VAL A 1002 -18.80 -2.80 -34.87
CA VAL A 1002 -19.88 -2.45 -35.79
C VAL A 1002 -20.03 -3.43 -36.93
N CYS A 1003 -19.27 -4.53 -36.91
CA CYS A 1003 -19.27 -5.57 -37.95
C CYS A 1003 -18.90 -4.92 -39.28
N SER A 1004 -19.73 -5.00 -40.32
CA SER A 1004 -19.45 -4.46 -41.66
C SER A 1004 -18.11 -4.93 -42.21
N ILE A 1005 -17.83 -6.23 -42.05
CA ILE A 1005 -16.56 -6.77 -42.52
C ILE A 1005 -16.48 -6.73 -44.04
N SER A 1006 -17.63 -6.85 -44.71
CA SER A 1006 -17.67 -6.64 -46.15
C SER A 1006 -17.43 -5.18 -46.51
N SER A 1007 -17.98 -4.27 -45.70
CA SER A 1007 -17.84 -2.85 -45.95
C SER A 1007 -16.45 -2.35 -45.55
N LYS A 1008 -15.84 -2.98 -44.54
CA LYS A 1008 -14.52 -2.59 -44.05
C LYS A 1008 -13.43 -2.80 -45.09
N ILE A 1009 -13.52 -3.87 -45.88
CA ILE A 1009 -12.45 -4.27 -46.78
C ILE A 1009 -12.26 -3.27 -47.92
N ASP A 1010 -13.22 -2.37 -48.14
CA ASP A 1010 -13.11 -1.40 -49.22
C ASP A 1010 -12.44 -0.10 -48.81
N HIS A 1011 -12.69 0.36 -47.58
CA HIS A 1011 -12.10 1.61 -47.10
C HIS A 1011 -10.58 1.53 -47.06
N LEU A 1012 -10.05 0.40 -46.60
CA LEU A 1012 -8.60 0.19 -46.56
C LEU A 1012 -7.99 0.31 -47.95
N LEU A 1013 -8.57 -0.38 -48.93
CA LEU A 1013 -8.04 -0.35 -50.29
C LEU A 1013 -8.15 1.04 -50.88
N ASN A 1014 -9.29 1.71 -50.69
CA ASN A 1014 -9.48 3.05 -51.24
C ASN A 1014 -8.49 4.06 -50.66
N LYS A 1015 -8.27 4.06 -49.34
CA LYS A 1015 -7.28 4.99 -48.80
C LYS A 1015 -5.87 4.57 -49.18
N SER A 1016 -5.65 3.27 -49.44
CA SER A 1016 -4.36 2.83 -49.95
C SER A 1016 -4.07 3.41 -51.33
N TYR A 1017 -5.06 3.39 -52.22
CA TYR A 1017 -4.84 4.04 -53.53
C TYR A 1017 -4.74 5.55 -53.37
N GLU A 1018 -5.50 6.14 -52.45
CA GLU A 1018 -5.46 7.58 -52.23
C GLU A 1018 -4.12 8.04 -51.70
N ALA A 1019 -3.40 7.20 -50.97
CA ALA A 1019 -2.09 7.56 -50.44
C ALA A 1019 -0.97 7.43 -51.47
N LEU A 1020 -1.26 6.90 -52.66
CA LEU A 1020 -0.23 6.68 -53.67
C LEU A 1020 0.09 7.99 -54.38
N ASP A 1021 1.01 7.89 -55.35
CA ASP A 1021 1.58 8.98 -56.18
C ASP A 1021 1.37 10.42 -55.72
N PHE A 1027 -5.55 3.06 -67.22
CA PHE A 1027 -6.09 1.91 -67.94
C PHE A 1027 -5.91 0.62 -67.15
N GLU A 1028 -4.69 0.37 -66.71
CA GLU A 1028 -4.41 -0.84 -65.93
C GLU A 1028 -4.96 -0.71 -64.51
N LEU A 1029 -5.16 0.53 -64.04
CA LEU A 1029 -5.60 0.75 -62.67
C LEU A 1029 -6.99 0.18 -62.42
N ASP A 1030 -7.92 0.43 -63.35
CA ASP A 1030 -9.27 -0.10 -63.19
C ASP A 1030 -9.29 -1.61 -63.26
N LYS A 1031 -8.51 -2.20 -64.17
CA LYS A 1031 -8.46 -3.65 -64.29
C LYS A 1031 -7.88 -4.29 -63.03
N LEU A 1032 -6.79 -3.73 -62.49
CA LEU A 1032 -6.23 -4.30 -61.26
C LEU A 1032 -7.16 -4.10 -60.09
N LYS A 1033 -7.88 -2.97 -60.04
CA LYS A 1033 -8.85 -2.74 -58.97
C LYS A 1033 -9.97 -3.78 -59.02
N ASP A 1034 -10.49 -4.05 -60.22
CA ASP A 1034 -11.53 -5.08 -60.36
C ASP A 1034 -10.99 -6.46 -60.00
N LEU A 1035 -9.74 -6.75 -60.37
CA LEU A 1035 -9.15 -8.05 -60.04
C LEU A 1035 -9.00 -8.22 -58.54
N ILE A 1036 -8.50 -7.20 -57.85
CA ILE A 1036 -8.37 -7.26 -56.39
C ILE A 1036 -9.73 -7.39 -55.73
N SER A 1037 -10.72 -6.61 -56.20
CA SER A 1037 -12.04 -6.67 -55.59
C SER A 1037 -12.72 -8.02 -55.81
N ASP A 1038 -12.56 -8.61 -56.99
CA ASP A 1038 -13.13 -9.94 -57.23
C ASP A 1038 -12.40 -10.99 -56.41
N SER A 1039 -11.08 -10.86 -56.26
CA SER A 1039 -10.32 -11.80 -55.42
C SER A 1039 -10.70 -11.67 -53.95
N PHE A 1040 -10.99 -10.46 -53.48
CA PHE A 1040 -11.50 -10.26 -52.12
C PHE A 1040 -12.98 -10.67 -52.08
N ASP A 1041 -13.19 -11.98 -52.07
CA ASP A 1041 -14.53 -12.54 -51.90
C ASP A 1041 -14.77 -12.67 -50.41
N MET A 1042 -15.76 -11.92 -49.90
CA MET A 1042 -16.01 -11.87 -48.47
C MET A 1042 -16.47 -13.21 -47.90
N ALA A 1043 -17.09 -14.05 -48.75
CA ALA A 1043 -17.56 -15.35 -48.28
C ALA A 1043 -16.41 -16.23 -47.83
N SER A 1044 -15.34 -16.32 -48.63
CA SER A 1044 -14.18 -17.11 -48.23
C SER A 1044 -13.33 -16.39 -47.19
N LEU A 1045 -13.21 -15.07 -47.30
CA LEU A 1045 -12.39 -14.30 -46.36
C LEU A 1045 -12.95 -14.34 -44.95
N THR A 1046 -14.28 -14.32 -44.79
CA THR A 1046 -14.86 -14.44 -43.46
C THR A 1046 -14.56 -15.79 -42.83
N ASN A 1047 -14.66 -16.87 -43.61
CA ASN A 1047 -14.33 -18.19 -43.09
C ASN A 1047 -12.87 -18.29 -42.71
N ILE A 1048 -11.98 -17.74 -43.54
CA ILE A 1048 -10.55 -17.76 -43.24
C ILE A 1048 -10.25 -16.96 -41.98
N PHE A 1049 -10.89 -15.79 -41.83
CA PHE A 1049 -10.67 -14.96 -40.65
C PHE A 1049 -11.18 -15.65 -39.39
N THR A 1050 -12.33 -16.32 -39.48
CA THR A 1050 -12.85 -17.05 -38.32
C THR A 1050 -11.96 -18.24 -37.96
N CYS A 1051 -11.42 -18.94 -38.96
CA CYS A 1051 -10.54 -20.05 -38.68
C CYS A 1051 -9.17 -19.59 -38.18
N SER A 1052 -8.80 -18.34 -38.46
CA SER A 1052 -7.53 -17.81 -38.02
C SER A 1052 -7.46 -17.65 -36.50
N ASN A 1053 -8.60 -17.58 -35.82
CA ASN A 1053 -8.61 -17.36 -34.38
C ASN A 1053 -8.15 -18.59 -33.60
N ASP A 1054 -8.21 -19.77 -34.19
CA ASP A 1054 -7.78 -20.99 -33.52
C ASP A 1054 -6.29 -21.05 -33.27
N LEU A 1055 -5.48 -20.36 -34.08
CA LEU A 1055 -4.05 -20.33 -33.87
C LEU A 1055 -3.71 -19.51 -32.63
N VAL A 1056 -2.60 -19.85 -31.99
CA VAL A 1056 -2.09 -19.08 -30.86
C VAL A 1056 -1.42 -17.83 -31.42
N HIS A 1057 -1.63 -16.70 -30.74
CA HIS A 1057 -1.12 -15.42 -31.20
C HIS A 1057 -0.35 -14.74 -30.07
N ILE A 1058 0.96 -14.59 -30.25
CA ILE A 1058 1.77 -13.76 -29.37
C ILE A 1058 1.37 -12.31 -29.61
N LEU A 1059 1.19 -11.56 -28.53
CA LEU A 1059 0.55 -10.24 -28.55
C LEU A 1059 -0.82 -10.34 -29.23
N GLY A 1060 -1.73 -11.02 -28.54
CA GLY A 1060 -3.05 -11.32 -29.08
C GLY A 1060 -3.87 -10.13 -29.48
N VAL A 1061 -4.04 -9.94 -30.79
CA VAL A 1061 -4.82 -8.85 -31.36
C VAL A 1061 -5.91 -9.47 -32.22
N ARG A 1062 -7.10 -8.89 -32.18
CA ARG A 1062 -8.26 -9.41 -32.91
C ARG A 1062 -8.01 -9.40 -34.41
N THR A 1063 -8.70 -10.31 -35.12
CA THR A 1063 -8.53 -10.42 -36.56
C THR A 1063 -9.06 -9.19 -37.30
N PHE A 1064 -9.99 -8.46 -36.69
CA PHE A 1064 -10.51 -7.24 -37.30
C PHE A 1064 -9.49 -6.11 -37.26
N ASN A 1065 -8.44 -6.24 -36.45
CA ASN A 1065 -7.48 -5.18 -36.23
C ASN A 1065 -6.14 -5.41 -36.91
N LYS A 1066 -6.01 -6.47 -37.71
CA LYS A 1066 -4.81 -6.71 -38.51
C LYS A 1066 -5.04 -6.59 -40.01
N LEU A 1067 -6.25 -6.20 -40.43
CA LEU A 1067 -6.53 -6.13 -41.87
C LEU A 1067 -5.83 -4.96 -42.53
N GLU A 1068 -5.44 -3.95 -41.75
CA GLU A 1068 -4.67 -2.83 -42.30
C GLU A 1068 -3.36 -3.33 -42.89
N THR A 1069 -2.64 -4.17 -42.13
CA THR A 1069 -1.37 -4.73 -42.61
C THR A 1069 -1.58 -5.57 -43.87
N ALA A 1070 -2.63 -6.41 -43.86
CA ALA A 1070 -2.90 -7.27 -45.01
C ALA A 1070 -3.16 -6.46 -46.27
N VAL A 1071 -4.06 -5.48 -46.18
CA VAL A 1071 -4.45 -4.71 -47.36
C VAL A 1071 -3.28 -3.85 -47.84
N GLN A 1072 -2.57 -3.20 -46.90
CA GLN A 1072 -1.45 -2.35 -47.28
C GLN A 1072 -0.34 -3.17 -47.95
N LEU A 1073 -0.03 -4.34 -47.39
CA LEU A 1073 1.02 -5.17 -47.95
C LEU A 1073 0.62 -5.72 -49.32
N ALA A 1074 -0.63 -6.16 -49.47
CA ALA A 1074 -1.07 -6.69 -50.76
C ALA A 1074 -1.06 -5.62 -51.83
N VAL A 1075 -1.54 -4.42 -51.50
CA VAL A 1075 -1.55 -3.33 -52.47
C VAL A 1075 -0.13 -2.91 -52.82
N HIS A 1076 0.77 -2.84 -51.83
CA HIS A 1076 2.15 -2.47 -52.13
C HIS A 1076 2.83 -3.51 -53.01
N LEU A 1077 2.61 -4.80 -52.73
CA LEU A 1077 3.22 -5.86 -53.54
C LEU A 1077 2.70 -5.83 -54.97
N ILE A 1078 1.39 -5.61 -55.14
CA ILE A 1078 0.83 -5.55 -56.49
C ILE A 1078 1.33 -4.31 -57.23
N SER A 1079 1.46 -3.19 -56.53
CA SER A 1079 1.95 -1.97 -57.17
C SER A 1079 3.43 -2.08 -57.52
N SER A 1080 4.19 -2.88 -56.76
CA SER A 1080 5.61 -3.07 -57.04
C SER A 1080 5.87 -3.81 -58.35
N TYR A 1081 4.89 -4.55 -58.86
CA TYR A 1081 5.05 -5.32 -60.09
C TYR A 1081 4.34 -4.65 -61.27
N ARG A 1082 4.23 -3.33 -61.25
CA ARG A 1082 3.42 -2.62 -62.24
C ARG A 1082 3.98 -2.68 -63.65
N GLN A 1083 5.30 -2.53 -63.81
CA GLN A 1083 5.86 -2.40 -65.16
C GLN A 1083 5.89 -3.74 -65.89
N TRP A 1084 5.74 -4.85 -65.16
CA TRP A 1084 5.70 -6.18 -65.76
C TRP A 1084 4.28 -6.72 -65.88
N PHE A 1085 3.29 -5.84 -66.02
CA PHE A 1085 1.90 -6.24 -66.15
C PHE A 1085 1.35 -6.05 -67.57
N GLN A 1086 2.06 -5.31 -68.42
CA GLN A 1086 1.52 -4.95 -69.72
C GLN A 1086 1.73 -6.01 -70.78
N ASN A 1087 2.55 -7.03 -70.52
CA ASN A 1087 2.90 -8.03 -71.52
C ASN A 1087 2.66 -9.44 -70.98
N LEU A 1088 1.48 -9.65 -70.41
CA LEU A 1088 1.15 -10.96 -69.86
C LEU A 1088 -0.35 -11.17 -69.94
N ASP A 1089 -0.75 -12.44 -69.96
CA ASP A 1089 -2.15 -12.81 -70.15
C ASP A 1089 -2.94 -12.60 -68.86
N ASP A 1090 -4.26 -12.71 -68.98
CA ASP A 1090 -5.13 -12.46 -67.84
C ASP A 1090 -5.03 -13.58 -66.80
N LYS A 1091 -4.81 -14.82 -67.26
CA LYS A 1091 -4.73 -15.95 -66.33
C LYS A 1091 -3.52 -15.84 -65.42
N SER A 1092 -2.36 -15.48 -65.99
CA SER A 1092 -1.16 -15.32 -65.18
C SER A 1092 -1.28 -14.14 -64.24
N LEU A 1093 -1.93 -13.06 -64.69
CA LEU A 1093 -2.22 -11.93 -63.80
C LEU A 1093 -3.10 -12.35 -62.63
N LYS A 1094 -4.14 -13.14 -62.91
CA LYS A 1094 -5.02 -13.62 -61.85
C LYS A 1094 -4.25 -14.49 -60.85
N ASP A 1095 -3.40 -15.39 -61.37
CA ASP A 1095 -2.62 -16.25 -60.48
C ASP A 1095 -1.65 -15.45 -59.63
N VAL A 1096 -0.98 -14.45 -60.23
CA VAL A 1096 -0.03 -13.63 -59.50
C VAL A 1096 -0.73 -12.79 -58.44
N ILE A 1097 -1.87 -12.19 -58.78
CA ILE A 1097 -2.61 -11.37 -57.82
C ILE A 1097 -3.14 -12.23 -56.67
N THR A 1098 -3.67 -13.40 -57.00
CA THR A 1098 -4.16 -14.31 -55.96
C THR A 1098 -3.02 -14.76 -55.05
N LEU A 1099 -1.85 -15.05 -55.63
CA LEU A 1099 -0.71 -15.49 -54.82
C LEU A 1099 -0.18 -14.38 -53.93
N LEU A 1100 -0.15 -13.15 -54.44
CA LEU A 1100 0.32 -12.02 -53.62
C LEU A 1100 -0.66 -11.74 -52.49
N ILE A 1101 -1.96 -11.79 -52.78
CA ILE A 1101 -2.97 -11.67 -51.72
C ILE A 1101 -2.82 -12.81 -50.71
N LYS A 1102 -2.47 -14.00 -51.20
CA LYS A 1102 -2.30 -15.15 -50.33
C LYS A 1102 -1.14 -14.93 -49.38
N ARG A 1103 -0.02 -14.41 -49.90
CA ARG A 1103 1.13 -14.09 -49.06
C ARG A 1103 0.81 -13.01 -48.03
N SER A 1104 0.10 -11.97 -48.45
CA SER A 1104 -0.25 -10.89 -47.52
C SER A 1104 -1.17 -11.41 -46.41
N LEU A 1105 -2.16 -12.23 -46.76
CA LEU A 1105 -3.05 -12.80 -45.76
C LEU A 1105 -2.30 -13.74 -44.83
N LEU A 1106 -1.35 -14.50 -45.38
CA LEU A 1106 -0.51 -15.37 -44.55
C LEU A 1106 0.25 -14.56 -43.51
N TYR A 1107 0.97 -13.53 -43.95
CA TYR A 1107 1.80 -12.74 -43.06
C TYR A 1107 1.00 -11.79 -42.18
N ALA A 1108 -0.29 -11.62 -42.44
CA ALA A 1108 -1.13 -10.84 -41.53
C ALA A 1108 -1.85 -11.70 -40.49
N LEU A 1109 -2.50 -12.78 -40.90
CA LEU A 1109 -3.29 -13.60 -39.99
C LEU A 1109 -2.50 -14.74 -39.36
N ALA A 1110 -1.25 -14.96 -39.75
CA ALA A 1110 -0.45 -16.03 -39.18
C ALA A 1110 0.95 -15.58 -38.78
N GLY A 1111 1.21 -14.28 -38.72
CA GLY A 1111 2.52 -13.81 -38.32
C GLY A 1111 2.88 -14.14 -36.88
N ASP A 1112 1.93 -13.99 -35.96
CA ASP A 1112 2.17 -14.13 -34.53
C ASP A 1112 2.00 -15.56 -34.04
N SER A 1113 2.19 -16.54 -34.91
CA SER A 1113 2.02 -17.94 -34.54
C SER A 1113 3.33 -18.69 -34.77
N THR A 1114 3.42 -19.88 -34.19
CA THR A 1114 4.62 -20.69 -34.32
C THR A 1114 4.75 -21.23 -35.74
N GLY A 1115 5.93 -21.78 -36.03
CA GLY A 1115 6.19 -22.35 -37.35
C GLY A 1115 5.28 -23.51 -37.68
N GLU A 1116 5.01 -24.38 -36.70
CA GLU A 1116 4.05 -25.45 -36.90
C GLU A 1116 2.65 -24.90 -37.15
N SER A 1117 2.26 -23.87 -36.38
CA SER A 1117 0.97 -23.23 -36.59
C SER A 1117 0.95 -22.50 -37.92
N GLN A 1118 2.08 -21.91 -38.33
CA GLN A 1118 2.15 -21.28 -39.64
C GLN A 1118 1.93 -22.30 -40.75
N ARG A 1119 2.57 -23.46 -40.66
CA ARG A 1119 2.38 -24.50 -41.66
C ARG A 1119 0.95 -25.02 -41.67
N ALA A 1120 0.35 -25.16 -40.48
CA ALA A 1120 -1.04 -25.59 -40.39
C ALA A 1120 -1.97 -24.60 -41.05
N PHE A 1121 -1.74 -23.30 -40.83
CA PHE A 1121 -2.56 -22.29 -41.50
C PHE A 1121 -2.31 -22.26 -42.99
N ILE A 1122 -1.07 -22.51 -43.44
CA ILE A 1122 -0.80 -22.58 -44.87
C ILE A 1122 -1.60 -23.71 -45.50
N GLN A 1123 -1.62 -24.88 -44.86
CA GLN A 1123 -2.37 -26.02 -45.39
C GLN A 1123 -3.86 -25.74 -45.39
N THR A 1124 -4.39 -25.21 -44.28
CA THR A 1124 -5.83 -24.95 -44.19
C THR A 1124 -6.27 -23.87 -45.18
N ILE A 1125 -5.47 -22.81 -45.34
CA ILE A 1125 -5.82 -21.74 -46.26
C ILE A 1125 -5.69 -22.20 -47.70
N ASN A 1126 -4.71 -23.06 -48.00
CA ASN A 1126 -4.58 -23.61 -49.33
C ASN A 1126 -5.77 -24.50 -49.67
N THR A 1127 -6.25 -25.27 -48.70
CA THR A 1127 -7.49 -26.01 -48.91
C THR A 1127 -8.71 -25.10 -48.92
N TYR A 1128 -8.56 -23.88 -48.42
CA TYR A 1128 -9.66 -22.91 -48.43
C TYR A 1128 -9.60 -22.04 -49.69
N SER A 1137 1.73 -22.56 -51.81
CA SER A 1137 2.47 -23.58 -51.09
C SER A 1137 3.05 -23.04 -49.80
N ASP A 1138 3.93 -23.81 -49.18
CA ASP A 1138 4.53 -23.38 -47.91
C ASP A 1138 5.50 -22.23 -48.13
N TYR A 1139 6.39 -22.33 -49.11
CA TYR A 1139 7.40 -21.33 -49.39
C TYR A 1139 7.25 -20.79 -50.81
N SER A 1140 6.02 -20.48 -51.20
CA SER A 1140 5.76 -19.96 -52.53
C SER A 1140 6.31 -18.55 -52.67
N THR A 1141 6.66 -18.18 -53.91
CA THR A 1141 7.24 -16.88 -54.18
C THR A 1141 6.98 -16.49 -55.62
N ILE A 1142 7.33 -15.25 -55.96
CA ILE A 1142 7.27 -14.73 -57.31
C ILE A 1142 8.63 -14.14 -57.65
N VAL A 1143 9.20 -14.59 -58.77
CA VAL A 1143 10.51 -14.12 -59.21
C VAL A 1143 10.34 -13.30 -60.48
N ILE A 1144 11.39 -12.57 -60.84
CA ILE A 1144 11.35 -11.70 -62.02
C ILE A 1144 11.31 -12.52 -63.29
N LYS A 1148 8.94 -13.74 -68.51
CA LYS A 1148 7.67 -13.34 -67.92
C LYS A 1148 7.59 -13.75 -66.45
N LEU A 1149 6.48 -13.43 -65.81
CA LEU A 1149 6.29 -13.78 -64.40
C LEU A 1149 6.12 -15.28 -64.26
N SER A 1150 6.75 -15.85 -63.23
CA SER A 1150 6.73 -17.29 -63.02
C SER A 1150 6.65 -17.61 -61.54
N PHE A 1151 6.19 -18.82 -61.24
CA PHE A 1151 6.13 -19.32 -59.87
C PHE A 1151 7.42 -20.05 -59.57
N SER A 1152 7.99 -19.78 -58.40
CA SER A 1152 9.28 -20.35 -58.00
C SER A 1152 9.21 -20.70 -56.51
N SER A 1153 10.35 -20.96 -55.92
CA SER A 1153 10.44 -21.33 -54.51
C SER A 1153 11.42 -20.42 -53.79
N PHE A 1154 11.17 -20.25 -52.49
CA PHE A 1154 12.09 -19.54 -51.60
C PHE A 1154 13.45 -20.20 -51.50
N CYS A 1155 13.53 -21.51 -51.73
CA CYS A 1155 14.77 -22.25 -51.47
C CYS A 1155 15.86 -21.89 -52.48
N SER A 1156 15.48 -21.51 -53.69
CA SER A 1156 16.45 -21.23 -54.73
C SER A 1156 17.23 -19.94 -54.51
N GLU A 1157 16.82 -19.10 -53.57
CA GLU A 1157 17.43 -17.79 -53.34
C GLU A 1157 18.55 -17.84 -52.29
N ILE A 1158 18.87 -19.02 -51.77
CA ILE A 1158 19.88 -19.14 -50.71
C ILE A 1158 21.27 -18.96 -51.30
N PRO A 1159 22.05 -17.98 -50.82
CA PRO A 1159 23.42 -17.83 -51.30
C PRO A 1159 24.41 -18.65 -50.48
N SER A 1160 25.70 -18.52 -50.78
CA SER A 1160 26.76 -19.22 -50.06
C SER A 1160 27.75 -18.21 -49.53
N VAL A 1161 28.22 -18.43 -48.31
CA VAL A 1161 29.15 -17.52 -47.65
C VAL A 1161 30.35 -18.31 -47.13
N SER A 1162 31.53 -17.71 -47.22
CA SER A 1162 32.78 -18.30 -46.73
C SER A 1162 33.52 -17.22 -45.95
N LEU A 1163 33.41 -17.28 -44.63
CA LEU A 1163 34.00 -16.26 -43.77
C LEU A 1163 35.38 -16.68 -43.30
N GLU A 1164 36.12 -15.71 -42.77
CA GLU A 1164 37.45 -15.94 -42.24
C GLU A 1164 37.37 -16.57 -40.85
N ALA A 1165 38.50 -17.10 -40.39
CA ALA A 1165 38.55 -17.74 -39.08
C ALA A 1165 38.26 -16.74 -37.96
N HIS A 1166 38.85 -15.54 -38.04
CA HIS A 1166 38.64 -14.54 -37.01
C HIS A 1166 37.37 -13.72 -37.20
N GLU A 1167 36.61 -13.99 -38.26
CA GLU A 1167 35.34 -13.30 -38.47
C GLU A 1167 34.19 -13.92 -37.69
N VAL A 1168 34.43 -15.03 -37.00
CA VAL A 1168 33.40 -15.66 -36.17
C VAL A 1168 33.06 -14.81 -34.96
N MET A 1169 34.06 -14.24 -34.29
CA MET A 1169 33.87 -13.47 -33.07
C MET A 1169 33.08 -12.18 -33.29
N ARG A 1170 32.92 -11.72 -34.53
CA ARG A 1170 32.09 -10.56 -34.81
C ARG A 1170 30.63 -10.94 -34.64
N PRO A 1171 29.87 -10.25 -33.77
CA PRO A 1171 28.46 -10.63 -33.56
C PRO A 1171 27.54 -10.23 -34.70
N ASP A 1172 27.97 -9.34 -35.59
CA ASP A 1172 27.10 -8.77 -36.61
C ASP A 1172 26.99 -9.66 -37.85
N ILE A 1173 27.68 -10.80 -37.87
CA ILE A 1173 27.69 -11.68 -39.01
C ILE A 1173 26.63 -12.75 -38.81
N VAL A 1174 25.72 -12.89 -39.78
CA VAL A 1174 24.73 -13.94 -39.78
C VAL A 1174 25.02 -14.87 -40.94
N ILE A 1175 24.43 -16.06 -40.91
CA ILE A 1175 24.58 -17.01 -42.02
C ILE A 1175 23.24 -17.14 -42.71
N PRO A 1176 23.14 -16.78 -43.99
CA PRO A 1176 21.83 -16.78 -44.67
C PRO A 1176 21.32 -18.19 -44.89
N THR A 1177 20.30 -18.55 -44.14
CA THR A 1177 19.55 -19.79 -44.35
C THR A 1177 18.26 -19.45 -45.07
N ILE A 1178 17.39 -20.46 -45.22
CA ILE A 1178 16.10 -20.23 -45.87
C ILE A 1178 15.24 -19.27 -45.05
N ASP A 1179 15.21 -19.47 -43.73
CA ASP A 1179 14.37 -18.63 -42.88
C ASP A 1179 14.94 -17.22 -42.75
N THR A 1180 16.27 -17.09 -42.79
CA THR A 1180 16.88 -15.77 -42.76
C THR A 1180 16.47 -14.95 -43.98
N ILE A 1181 16.55 -15.55 -45.18
CA ILE A 1181 16.16 -14.86 -46.40
C ILE A 1181 14.66 -14.55 -46.38
N LYS A 1182 13.86 -15.51 -45.91
CA LYS A 1182 12.41 -15.30 -45.82
C LYS A 1182 12.06 -14.12 -44.92
N HIS A 1183 12.66 -14.09 -43.72
CA HIS A 1183 12.41 -13.00 -42.79
C HIS A 1183 12.91 -11.67 -43.33
N GLU A 1184 14.08 -11.65 -43.97
CA GLU A 1184 14.61 -10.40 -44.52
C GLU A 1184 13.70 -9.87 -45.63
N LYS A 1185 13.22 -10.75 -46.50
CA LYS A 1185 12.37 -10.31 -47.60
C LYS A 1185 11.03 -9.79 -47.09
N ILE A 1186 10.42 -10.47 -46.11
CA ILE A 1186 9.14 -9.98 -45.62
C ILE A 1186 9.33 -8.72 -44.76
N PHE A 1187 10.49 -8.58 -44.12
CA PHE A 1187 10.78 -7.35 -43.39
C PHE A 1187 10.92 -6.18 -44.35
N TYR A 1188 11.57 -6.39 -45.50
CA TYR A 1188 11.61 -5.36 -46.54
C TYR A 1188 10.21 -5.05 -47.06
N ASP A 1189 9.40 -6.08 -47.29
CA ASP A 1189 8.06 -5.89 -47.84
C ASP A 1189 7.17 -5.09 -46.88
N LEU A 1190 7.27 -5.37 -45.59
CA LEU A 1190 6.45 -4.64 -44.62
C LEU A 1190 7.02 -3.25 -44.36
N LEU A 1191 8.34 -3.09 -44.44
CA LEU A 1191 8.94 -1.78 -44.22
C LEU A 1191 8.60 -0.83 -45.37
N ASN A 1192 8.66 -1.32 -46.60
CA ASN A 1192 8.28 -0.49 -47.74
C ASN A 1192 6.79 -0.25 -47.82
N SER A 1193 5.98 -0.96 -47.03
CA SER A 1193 4.56 -0.69 -46.89
C SER A 1193 4.28 0.40 -45.87
N LYS A 1194 5.33 0.93 -45.23
CA LYS A 1194 5.23 2.02 -44.25
C LYS A 1194 4.33 1.63 -43.08
N ARG A 1195 4.49 0.39 -42.63
CA ARG A 1195 3.70 -0.17 -41.55
C ARG A 1195 4.63 -0.62 -40.43
N GLY A 1196 4.20 -0.42 -39.18
CA GLY A 1196 5.01 -0.81 -38.05
C GLY A 1196 5.18 -2.31 -37.97
N ILE A 1197 6.37 -2.73 -37.52
CA ILE A 1197 6.75 -4.14 -37.48
C ILE A 1197 7.22 -4.49 -36.08
N ILE A 1198 6.62 -5.52 -35.49
CA ILE A 1198 7.06 -6.04 -34.20
C ILE A 1198 7.31 -7.54 -34.37
N LEU A 1199 8.51 -7.97 -33.98
CA LEU A 1199 8.90 -9.38 -34.08
C LEU A 1199 9.00 -9.94 -32.67
N CYS A 1200 8.35 -11.07 -32.43
CA CYS A 1200 8.29 -11.68 -31.11
C CYS A 1200 8.86 -13.09 -31.14
N GLY A 1201 9.44 -13.51 -30.03
CA GLY A 1201 10.02 -14.82 -29.90
C GLY A 1201 10.84 -14.97 -28.63
N PRO A 1202 11.34 -16.17 -28.37
CA PRO A 1202 12.17 -16.39 -27.19
C PRO A 1202 13.49 -15.65 -27.31
N PRO A 1203 14.12 -15.31 -26.19
CA PRO A 1203 15.40 -14.59 -26.24
C PRO A 1203 16.48 -15.42 -26.93
N GLY A 1204 17.33 -14.73 -27.69
CA GLY A 1204 18.38 -15.39 -28.44
C GLY A 1204 17.97 -15.96 -29.77
N SER A 1205 16.68 -15.89 -30.12
CA SER A 1205 16.21 -16.52 -31.35
C SER A 1205 16.65 -15.76 -32.59
N GLY A 1206 16.98 -14.48 -32.44
CA GLY A 1206 17.54 -13.74 -33.56
C GLY A 1206 16.68 -12.60 -34.09
N LYS A 1207 15.92 -11.95 -33.22
CA LYS A 1207 15.09 -10.82 -33.65
C LYS A 1207 15.95 -9.59 -33.94
N THR A 1208 16.70 -9.14 -32.93
CA THR A 1208 17.60 -8.00 -33.11
C THR A 1208 18.63 -8.30 -34.18
N MET A 1209 19.11 -9.55 -34.25
CA MET A 1209 20.10 -9.91 -35.25
C MET A 1209 19.55 -9.78 -36.66
N ILE A 1210 18.32 -10.27 -36.88
CA ILE A 1210 17.75 -10.22 -38.23
C ILE A 1210 17.40 -8.78 -38.61
N MET A 1211 17.01 -7.96 -37.63
CA MET A 1211 16.75 -6.56 -37.97
C MET A 1211 18.03 -5.81 -38.32
N ASN A 1212 19.11 -6.03 -37.55
CA ASN A 1212 20.37 -5.37 -37.89
C ASN A 1212 20.89 -5.85 -39.25
N ASN A 1213 20.76 -7.14 -39.54
CA ASN A 1213 21.20 -7.63 -40.85
C ASN A 1213 20.36 -7.05 -41.98
N ALA A 1214 19.04 -6.97 -41.81
CA ALA A 1214 18.20 -6.43 -42.87
C ALA A 1214 18.41 -4.93 -43.04
N LEU A 1215 18.82 -4.25 -41.98
CA LEU A 1215 18.98 -2.80 -42.04
C LEU A 1215 20.37 -2.37 -42.50
N ARG A 1216 21.40 -3.21 -42.31
CA ARG A 1216 22.75 -2.79 -42.69
C ARG A 1216 23.05 -3.06 -44.16
N ASN A 1217 22.45 -4.10 -44.74
CA ASN A 1217 22.77 -4.50 -46.10
C ASN A 1217 21.90 -3.82 -47.15
N SER A 1218 21.01 -2.91 -46.75
CA SER A 1218 20.09 -2.28 -47.67
C SER A 1218 20.51 -0.84 -47.95
N SER A 1219 20.23 -0.39 -49.17
CA SER A 1219 20.53 0.97 -49.59
C SER A 1219 19.29 1.86 -49.53
N LEU A 1220 18.23 1.42 -48.87
CA LEU A 1220 17.00 2.18 -48.77
C LEU A 1220 16.64 2.59 -47.36
N TYR A 1221 17.42 2.19 -46.35
CA TYR A 1221 17.10 2.47 -44.96
C TYR A 1221 18.38 2.67 -44.16
N ASP A 1222 18.26 3.47 -43.10
CA ASP A 1222 19.37 3.75 -42.20
C ASP A 1222 19.03 3.28 -40.79
N VAL A 1223 20.04 3.20 -39.94
CA VAL A 1223 19.93 2.64 -38.61
C VAL A 1223 20.11 3.75 -37.58
N VAL A 1224 19.17 3.85 -36.65
CA VAL A 1224 19.28 4.73 -35.49
C VAL A 1224 19.49 3.84 -34.27
N GLY A 1225 20.55 4.10 -33.52
CA GLY A 1225 20.85 3.30 -32.35
C GLY A 1225 20.25 3.91 -31.11
N ILE A 1226 19.18 3.31 -30.60
CA ILE A 1226 18.50 3.77 -29.40
C ILE A 1226 18.41 2.61 -28.42
N ASN A 1227 18.72 2.88 -27.16
CA ASN A 1227 18.60 1.90 -26.08
C ASN A 1227 17.51 2.32 -25.11
N PHE A 1228 16.71 1.35 -24.67
CA PHE A 1228 15.59 1.62 -23.78
C PHE A 1228 15.88 1.05 -22.39
N SER A 1229 14.99 1.34 -21.46
CA SER A 1229 15.13 0.95 -20.05
C SER A 1229 13.75 1.11 -19.41
N LYS A 1230 13.71 1.00 -18.08
CA LYS A 1230 12.46 1.20 -17.36
C LYS A 1230 11.96 2.63 -17.47
N ASP A 1231 12.87 3.57 -17.69
CA ASP A 1231 12.50 4.98 -17.82
C ASP A 1231 13.10 5.62 -19.08
N HIS A 1236 15.77 10.64 -25.15
CA HIS A 1236 15.08 9.40 -25.53
C HIS A 1236 15.41 9.01 -26.96
N ILE A 1237 14.45 8.35 -27.63
CA ILE A 1237 14.65 7.94 -29.01
C ILE A 1237 14.69 9.14 -29.93
N LEU A 1238 13.80 10.12 -29.69
CA LEU A 1238 13.76 11.31 -30.54
C LEU A 1238 15.00 12.18 -30.35
N SER A 1239 15.67 12.05 -29.20
CA SER A 1239 16.89 12.82 -28.96
C SER A 1239 17.99 12.45 -29.94
N ALA A 1240 18.15 11.14 -30.20
CA ALA A 1240 19.11 10.72 -31.22
C ALA A 1240 18.57 10.95 -32.61
N LEU A 1241 17.24 10.87 -32.78
CA LEU A 1241 16.60 11.11 -34.06
C LEU A 1241 16.74 12.56 -34.53
N HIS A 1242 16.92 13.51 -33.60
CA HIS A 1242 17.12 14.90 -33.99
C HIS A 1242 18.46 15.09 -34.68
N ARG A 1243 19.42 14.20 -34.42
CA ARG A 1243 20.73 14.26 -35.06
C ARG A 1243 20.76 13.51 -36.39
N HIS A 1244 19.67 12.84 -36.78
CA HIS A 1244 19.61 12.12 -38.04
C HIS A 1244 18.50 12.61 -38.97
N THR A 1245 17.66 13.54 -38.53
CA THR A 1245 16.57 14.05 -39.35
C THR A 1245 16.71 15.56 -39.49
N ASN A 1246 15.96 16.12 -40.45
CA ASN A 1246 16.00 17.54 -40.75
C ASN A 1246 14.60 18.13 -40.68
N TYR A 1247 14.52 19.34 -40.14
CA TYR A 1247 13.24 20.04 -40.04
C TYR A 1247 13.07 21.02 -41.19
N THR A 1255 7.57 20.25 -41.17
CA THR A 1255 7.79 18.89 -41.66
C THR A 1255 9.16 18.37 -41.24
N LEU A 1256 9.24 17.08 -40.91
CA LEU A 1256 10.49 16.43 -40.57
C LEU A 1256 10.81 15.40 -41.64
N LEU A 1257 12.02 15.46 -42.16
CA LEU A 1257 12.48 14.61 -43.26
C LEU A 1257 13.73 13.87 -42.84
N PRO A 1258 13.97 12.68 -43.41
CA PRO A 1258 15.27 12.04 -43.22
C PRO A 1258 16.38 12.87 -43.84
N LYS A 1259 17.57 12.80 -43.23
CA LYS A 1259 18.70 13.57 -43.72
C LYS A 1259 19.11 13.13 -45.12
N SER A 1260 19.11 11.82 -45.37
CA SER A 1260 19.36 11.33 -46.71
C SER A 1260 18.15 11.54 -47.60
N ASP A 1261 18.42 11.89 -48.85
CA ASP A 1261 17.36 12.14 -49.83
C ASP A 1261 16.97 10.90 -50.61
N ILE A 1262 17.60 9.76 -50.34
CA ILE A 1262 17.29 8.50 -51.03
C ILE A 1262 16.79 7.44 -50.05
N LYS A 1263 17.61 7.09 -49.07
CA LYS A 1263 17.25 6.10 -48.07
C LYS A 1263 16.26 6.69 -47.07
N ASN A 1264 15.26 5.91 -46.69
CA ASN A 1264 14.38 6.29 -45.62
C ASN A 1264 15.08 6.08 -44.27
N LEU A 1265 14.41 6.48 -43.20
CA LEU A 1265 14.89 6.27 -41.84
C LEU A 1265 13.85 5.45 -41.10
N VAL A 1266 14.31 4.50 -40.29
CA VAL A 1266 13.44 3.62 -39.53
C VAL A 1266 13.89 3.62 -38.08
N LEU A 1267 12.93 3.59 -37.16
CA LEU A 1267 13.21 3.67 -35.73
C LEU A 1267 13.33 2.26 -35.16
N PHE A 1268 14.56 1.87 -34.82
CA PHE A 1268 14.81 0.60 -34.13
C PHE A 1268 14.65 0.84 -32.64
N CYS A 1269 13.50 0.41 -32.11
CA CYS A 1269 13.19 0.57 -30.69
C CYS A 1269 13.23 -0.81 -30.04
N ASP A 1270 14.34 -1.11 -29.38
CA ASP A 1270 14.53 -2.40 -28.73
C ASP A 1270 14.10 -2.32 -27.28
N GLU A 1271 13.96 -3.51 -26.66
CA GLU A 1271 13.42 -3.72 -25.31
C GLU A 1271 12.23 -2.79 -25.03
N ILE A 1272 11.18 -2.93 -25.85
CA ILE A 1272 10.00 -2.09 -25.72
C ILE A 1272 9.17 -2.45 -24.51
N ASN A 1273 9.33 -3.65 -23.96
CA ASN A 1273 8.67 -4.00 -22.71
C ASN A 1273 9.28 -3.30 -21.51
N LEU A 1274 10.51 -2.79 -21.65
CA LEU A 1274 11.22 -2.21 -20.52
C LEU A 1274 10.53 -0.99 -19.89
N PRO A 1275 10.01 -0.01 -20.64
CA PRO A 1275 9.31 1.11 -19.96
C PRO A 1275 8.12 0.62 -19.14
N LYS A 1276 7.99 1.17 -17.94
CA LYS A 1276 6.99 0.71 -16.99
C LYS A 1276 5.76 1.59 -17.02
N LEU A 1277 4.62 0.98 -16.70
CA LEU A 1277 3.35 1.69 -16.67
C LEU A 1277 3.07 2.23 -15.27
N GLN A 1283 1.87 4.20 -20.05
CA GLN A 1283 3.25 4.52 -20.42
C GLN A 1283 3.27 5.56 -21.54
N ASN A 1284 4.13 6.57 -21.39
CA ASN A 1284 4.12 7.70 -22.32
C ASN A 1284 4.74 7.34 -23.67
N VAL A 1285 5.85 6.60 -23.65
CA VAL A 1285 6.62 6.42 -24.89
C VAL A 1285 5.88 5.49 -25.85
N VAL A 1286 5.16 4.49 -25.33
CA VAL A 1286 4.40 3.62 -26.21
C VAL A 1286 3.26 4.38 -26.86
N LEU A 1287 2.67 5.35 -26.15
CA LEU A 1287 1.63 6.17 -26.75
C LEU A 1287 2.22 7.18 -27.72
N PHE A 1288 3.48 7.58 -27.49
CA PHE A 1288 4.17 8.42 -28.47
C PHE A 1288 4.41 7.65 -29.77
N LEU A 1289 4.80 6.38 -29.67
CA LEU A 1289 4.95 5.54 -30.86
C LEU A 1289 3.61 5.36 -31.56
N ARG A 1290 2.54 5.17 -30.79
CA ARG A 1290 1.21 5.07 -31.36
C ARG A 1290 0.81 6.36 -32.08
N GLN A 1291 1.17 7.51 -31.50
CA GLN A 1291 0.90 8.79 -32.14
C GLN A 1291 1.68 8.93 -33.43
N LEU A 1292 2.93 8.47 -33.44
CA LEU A 1292 3.76 8.59 -34.63
C LEU A 1292 3.26 7.65 -35.74
N MET A 1293 2.66 6.52 -35.37
CA MET A 1293 2.23 5.57 -36.39
C MET A 1293 0.80 5.87 -36.88
N GLU A 1294 -0.11 6.22 -35.97
CA GLU A 1294 -1.51 6.42 -36.35
C GLU A 1294 -1.72 7.75 -37.04
N LYS A 1295 -1.53 8.86 -36.29
CA LYS A 1295 -1.76 10.17 -36.85
C LYS A 1295 -0.61 10.65 -37.73
N GLN A 1296 0.49 9.89 -37.75
CA GLN A 1296 1.65 10.16 -38.61
C GLN A 1296 2.22 11.54 -38.30
N GLY A 1297 2.57 11.76 -37.03
CA GLY A 1297 3.10 13.05 -36.61
C GLY A 1297 3.08 13.14 -35.10
N PHE A 1298 3.45 14.32 -34.61
CA PHE A 1298 3.43 14.58 -33.17
C PHE A 1298 3.36 16.08 -32.94
N TRP A 1299 2.96 16.45 -31.72
CA TRP A 1299 2.90 17.85 -31.32
C TRP A 1299 4.20 18.25 -30.62
N LYS A 1300 4.81 19.32 -31.11
CA LYS A 1300 6.06 19.83 -30.52
C LYS A 1300 5.71 20.52 -29.21
N THR A 1301 6.25 19.99 -28.11
CA THR A 1301 5.91 20.52 -26.79
C THR A 1301 6.34 21.97 -26.56
N PRO A 1302 7.60 22.39 -26.81
CA PRO A 1302 7.94 23.79 -26.51
C PRO A 1302 7.40 24.79 -27.52
N GLU A 1303 6.92 24.33 -28.67
CA GLU A 1303 6.41 25.23 -29.70
C GLU A 1303 4.90 25.16 -29.89
N ASN A 1304 4.24 24.11 -29.40
CA ASN A 1304 2.79 23.92 -29.49
C ASN A 1304 2.32 23.97 -30.94
N LYS A 1305 2.98 23.17 -31.77
CA LYS A 1305 2.68 23.10 -33.19
C LYS A 1305 2.65 21.64 -33.63
N TRP A 1306 1.95 21.40 -34.74
CA TRP A 1306 1.81 20.06 -35.29
C TRP A 1306 2.78 19.89 -36.46
N VAL A 1307 3.64 18.89 -36.37
CA VAL A 1307 4.58 18.54 -37.43
C VAL A 1307 4.18 17.18 -37.99
N THR A 1308 4.20 17.07 -39.31
CA THR A 1308 3.82 15.82 -39.98
C THR A 1308 5.07 15.08 -40.42
N ILE A 1309 5.07 13.77 -40.23
CA ILE A 1309 6.22 12.93 -40.55
C ILE A 1309 6.00 12.32 -41.93
N GLU A 1310 7.05 12.26 -42.74
CA GLU A 1310 6.95 11.76 -44.11
C GLU A 1310 7.50 10.34 -44.26
N ARG A 1311 8.75 10.11 -43.86
CA ARG A 1311 9.46 8.90 -44.24
C ARG A 1311 10.18 8.29 -43.03
N ILE A 1312 9.48 8.14 -41.92
CA ILE A 1312 10.03 7.48 -40.73
C ILE A 1312 9.12 6.31 -40.36
N HIS A 1313 9.72 5.15 -40.17
CA HIS A 1313 9.02 3.94 -39.74
C HIS A 1313 9.49 3.52 -38.35
N ILE A 1314 8.71 2.64 -37.72
CA ILE A 1314 8.96 2.21 -36.34
C ILE A 1314 8.93 0.69 -36.29
N VAL A 1315 9.99 0.09 -35.72
CA VAL A 1315 10.09 -1.35 -35.52
C VAL A 1315 10.49 -1.63 -34.07
N GLY A 1316 10.25 -2.87 -33.65
CA GLY A 1316 10.58 -3.29 -32.29
C GLY A 1316 10.53 -4.79 -32.15
N ALA A 1317 11.00 -5.26 -30.99
CA ALA A 1317 11.08 -6.70 -30.74
C ALA A 1317 11.11 -7.01 -29.25
N CYS A 1318 10.05 -7.67 -28.76
CA CYS A 1318 10.01 -8.23 -27.42
C CYS A 1318 9.05 -9.42 -27.40
N ASN A 1319 9.08 -10.15 -26.27
CA ASN A 1319 8.15 -11.22 -25.96
C ASN A 1319 7.35 -10.87 -24.72
N PRO A 1320 6.14 -10.33 -24.87
CA PRO A 1320 5.36 -9.87 -23.70
C PRO A 1320 4.95 -10.99 -22.74
N PRO A 1321 4.30 -12.09 -23.19
CA PRO A 1321 3.74 -13.02 -22.19
C PRO A 1321 4.78 -13.74 -21.33
N THR A 1322 6.04 -13.80 -21.76
CA THR A 1322 7.08 -14.45 -20.98
C THR A 1322 7.89 -13.48 -20.12
N ASP A 1323 7.56 -12.19 -20.18
CA ASP A 1323 8.29 -11.19 -19.40
C ASP A 1323 7.93 -11.29 -17.92
N PRO A 1324 8.89 -11.56 -17.02
CA PRO A 1324 8.59 -11.62 -15.59
C PRO A 1324 8.25 -10.25 -15.01
N ILE A 1327 4.78 -6.68 -18.50
CA ILE A 1327 3.99 -5.48 -18.74
C ILE A 1327 3.28 -5.57 -20.09
N PRO A 1328 2.09 -6.17 -20.11
CA PRO A 1328 1.32 -6.24 -21.35
C PRO A 1328 0.93 -4.86 -21.85
N MET A 1329 0.85 -4.73 -23.17
CA MET A 1329 0.61 -3.46 -23.83
C MET A 1329 -0.83 -3.30 -24.24
N SER A 1330 -1.26 -2.05 -24.39
CA SER A 1330 -2.60 -1.75 -24.87
C SER A 1330 -2.74 -2.16 -26.33
N GLU A 1331 -3.90 -2.71 -26.68
CA GLU A 1331 -4.17 -3.09 -28.06
C GLU A 1331 -4.23 -1.88 -28.98
N ARG A 1332 -4.50 -0.69 -28.43
CA ARG A 1332 -4.55 0.52 -29.24
C ARG A 1332 -3.20 0.87 -29.87
N PHE A 1333 -2.10 0.31 -29.37
CA PHE A 1333 -0.78 0.54 -29.94
C PHE A 1333 -0.38 -0.58 -30.89
N THR A 1334 -0.47 -1.83 -30.43
CA THR A 1334 -0.09 -2.98 -31.25
C THR A 1334 -1.02 -3.20 -32.42
N ARG A 1335 -2.22 -2.63 -32.39
CA ARG A 1335 -3.18 -2.76 -33.48
C ARG A 1335 -2.70 -2.07 -34.74
N HIS A 1336 -1.94 -0.99 -34.61
CA HIS A 1336 -1.44 -0.24 -35.76
C HIS A 1336 -0.13 -0.80 -36.30
N ALA A 1337 0.37 -1.90 -35.75
CA ALA A 1337 1.64 -2.48 -36.16
C ALA A 1337 1.43 -3.94 -36.52
N ALA A 1338 2.28 -4.44 -37.42
CA ALA A 1338 2.22 -5.84 -37.81
C ALA A 1338 3.02 -6.70 -36.84
N ILE A 1339 2.44 -7.83 -36.46
CA ILE A 1339 3.03 -8.74 -35.49
C ILE A 1339 3.45 -10.01 -36.21
N LEU A 1340 4.73 -10.35 -36.14
CA LEU A 1340 5.24 -11.60 -36.67
C LEU A 1340 6.03 -12.33 -35.59
N TYR A 1341 5.95 -13.65 -35.58
CA TYR A 1341 6.67 -14.48 -34.62
C TYR A 1341 7.97 -14.99 -35.23
N LEU A 1342 9.04 -14.91 -34.45
CA LEU A 1342 10.37 -15.32 -34.90
C LEU A 1342 10.79 -16.52 -34.06
N GLY A 1343 10.60 -17.72 -34.60
CA GLY A 1343 10.87 -18.95 -33.87
C GLY A 1343 12.33 -19.30 -33.83
N TYR A 1344 12.64 -20.32 -33.04
CA TYR A 1344 14.01 -20.80 -32.92
C TYR A 1344 14.42 -21.51 -34.21
N PRO A 1345 15.70 -21.45 -34.59
CA PRO A 1345 16.14 -22.18 -35.78
C PRO A 1345 16.02 -23.69 -35.58
N SER A 1346 15.75 -24.37 -36.68
CA SER A 1346 15.59 -25.82 -36.63
C SER A 1346 16.93 -26.51 -36.41
N GLY A 1347 16.87 -27.81 -36.15
CA GLY A 1347 18.09 -28.58 -35.93
C GLY A 1347 18.98 -28.61 -37.16
N LYS A 1348 18.38 -28.76 -38.35
CA LYS A 1348 19.16 -28.74 -39.57
C LYS A 1348 19.76 -27.36 -39.83
N SER A 1349 19.00 -26.30 -39.56
CA SER A 1349 19.51 -24.95 -39.77
C SER A 1349 20.65 -24.64 -38.81
N LEU A 1350 20.49 -25.02 -37.53
CA LEU A 1350 21.57 -24.85 -36.56
C LEU A 1350 22.79 -25.65 -36.97
N SER A 1351 22.58 -26.88 -37.43
CA SER A 1351 23.69 -27.71 -37.88
C SER A 1351 24.42 -27.09 -39.05
N GLN A 1352 23.68 -26.51 -40.01
CA GLN A 1352 24.32 -25.89 -41.17
C GLN A 1352 25.11 -24.64 -40.77
N ILE A 1353 24.51 -23.76 -39.96
CA ILE A 1353 25.19 -22.51 -39.63
C ILE A 1353 26.41 -22.79 -38.76
N TYR A 1354 26.31 -23.70 -37.81
CA TYR A 1354 27.48 -23.97 -36.99
C TYR A 1354 28.44 -24.93 -37.68
N GLU A 1355 28.00 -25.62 -38.74
CA GLU A 1355 28.94 -26.29 -39.63
C GLU A 1355 29.81 -25.28 -40.35
N ILE A 1356 29.21 -24.19 -40.82
CA ILE A 1356 29.99 -23.14 -41.45
C ILE A 1356 30.92 -22.47 -40.43
N TYR A 1357 30.42 -22.27 -39.20
CA TYR A 1357 31.28 -21.74 -38.14
C TYR A 1357 32.46 -22.66 -37.85
N TYR A 1358 32.21 -23.96 -37.76
CA TYR A 1358 33.26 -24.94 -37.51
C TYR A 1358 34.26 -24.99 -38.66
N LYS A 1359 33.77 -24.86 -39.91
CA LYS A 1359 34.67 -24.78 -41.06
C LYS A 1359 35.56 -23.55 -40.96
N ALA A 1360 34.97 -22.42 -40.56
CA ALA A 1360 35.76 -21.19 -40.42
C ALA A 1360 36.84 -21.33 -39.37
N ILE A 1361 36.51 -21.92 -38.22
CA ILE A 1361 37.51 -22.03 -37.15
C ILE A 1361 38.49 -23.17 -37.44
N PHE A 1362 38.09 -24.11 -38.29
CA PHE A 1362 38.98 -25.21 -38.66
C PHE A 1362 39.85 -24.90 -39.86
N LYS A 1363 39.62 -23.76 -40.53
CA LYS A 1363 40.61 -23.29 -41.49
C LYS A 1363 41.95 -22.97 -40.81
N LEU A 1364 41.94 -22.71 -39.51
CA LEU A 1364 43.18 -22.58 -38.73
C LEU A 1364 43.96 -23.89 -38.70
N VAL A 1365 43.29 -25.02 -38.53
CA VAL A 1365 43.93 -26.33 -38.49
C VAL A 1365 43.35 -27.16 -39.63
N PRO A 1366 43.85 -27.02 -40.86
CA PRO A 1366 43.18 -27.64 -42.01
C PRO A 1366 43.22 -29.16 -42.02
N GLU A 1367 44.13 -29.77 -41.26
CA GLU A 1367 44.31 -31.22 -41.29
C GLU A 1367 43.14 -31.98 -40.67
N PHE A 1368 42.23 -31.31 -39.98
CA PHE A 1368 41.06 -31.95 -39.38
C PHE A 1368 39.76 -31.41 -39.94
N ARG A 1369 39.77 -30.90 -41.17
CA ARG A 1369 38.58 -30.32 -41.78
C ARG A 1369 37.54 -31.36 -42.16
N SER A 1370 37.91 -32.64 -42.17
CA SER A 1370 36.96 -33.69 -42.54
C SER A 1370 36.03 -34.08 -41.40
N TYR A 1371 36.24 -33.53 -40.20
CA TYR A 1371 35.43 -33.85 -39.04
C TYR A 1371 34.38 -32.78 -38.76
N THR A 1372 34.10 -31.90 -39.71
CA THR A 1372 33.23 -30.75 -39.45
C THR A 1372 31.81 -31.18 -39.14
N GLU A 1373 31.28 -32.16 -39.89
CA GLU A 1373 29.89 -32.57 -39.68
C GLU A 1373 29.65 -33.24 -38.33
N PRO A 1374 30.47 -34.20 -37.85
CA PRO A 1374 30.19 -34.79 -36.53
C PRO A 1374 30.22 -33.79 -35.37
N PHE A 1375 31.13 -32.82 -35.35
CA PHE A 1375 31.09 -31.82 -34.29
C PHE A 1375 29.82 -30.97 -34.34
N ALA A 1376 29.40 -30.56 -35.54
CA ALA A 1376 28.19 -29.76 -35.65
C ALA A 1376 26.96 -30.53 -35.20
N ARG A 1377 26.84 -31.80 -35.63
CA ARG A 1377 25.70 -32.60 -35.24
C ARG A 1377 25.73 -32.91 -33.75
N ALA A 1378 26.93 -33.14 -33.19
CA ALA A 1378 27.05 -33.37 -31.76
C ALA A 1378 26.66 -32.11 -30.97
N SER A 1379 27.07 -30.94 -31.46
CA SER A 1379 26.73 -29.70 -30.78
C SER A 1379 25.22 -29.46 -30.77
N VAL A 1380 24.57 -29.63 -31.92
CA VAL A 1380 23.13 -29.37 -31.96
C VAL A 1380 22.35 -30.44 -31.18
N HIS A 1381 22.82 -31.70 -31.21
CA HIS A 1381 22.15 -32.74 -30.44
C HIS A 1381 22.31 -32.50 -28.94
N LEU A 1382 23.51 -32.08 -28.52
CA LEU A 1382 23.72 -31.75 -27.10
C LEU A 1382 22.87 -30.56 -26.69
N TYR A 1383 22.73 -29.58 -27.58
CA TYR A 1383 21.90 -28.42 -27.27
C TYR A 1383 20.44 -28.82 -27.07
N ASN A 1384 19.89 -29.61 -28.00
CA ASN A 1384 18.48 -29.97 -27.86
C ASN A 1384 18.27 -30.93 -26.68
N GLU A 1385 19.26 -31.78 -26.40
CA GLU A 1385 19.17 -32.65 -25.22
C GLU A 1385 19.17 -31.84 -23.93
N CYS A 1386 20.04 -30.83 -23.85
CA CYS A 1386 20.07 -29.99 -22.66
C CYS A 1386 18.81 -29.14 -22.53
N LYS A 1387 18.24 -28.73 -23.67
CA LYS A 1387 16.98 -27.99 -23.65
C LYS A 1387 15.85 -28.87 -23.14
N ALA A 1388 15.77 -30.11 -23.61
CA ALA A 1388 14.67 -30.99 -23.20
C ALA A 1388 14.85 -31.47 -21.77
N ARG A 1389 16.10 -31.68 -21.33
CA ARG A 1389 16.34 -32.27 -20.02
C ARG A 1389 16.24 -31.21 -18.91
N TYR A 1390 17.10 -30.20 -18.96
CA TYR A 1390 17.21 -29.23 -17.88
C TYR A 1390 16.28 -28.06 -18.19
N SER A 1391 14.99 -28.25 -17.94
CA SER A 1391 13.98 -27.25 -18.21
C SER A 1391 13.95 -26.20 -17.11
N THR A 1392 13.26 -25.09 -17.38
CA THR A 1392 13.12 -24.03 -16.40
C THR A 1392 12.19 -24.40 -15.26
N GLY A 1393 11.43 -25.48 -15.38
CA GLY A 1393 10.58 -25.94 -14.29
C GLY A 1393 11.35 -26.46 -13.10
N LEU A 1394 12.61 -26.85 -13.28
CA LEU A 1394 13.45 -27.30 -12.18
C LEU A 1394 14.07 -26.10 -11.45
N GLN A 1395 14.80 -25.27 -12.17
CA GLN A 1395 15.37 -24.04 -11.62
C GLN A 1395 15.09 -22.89 -12.57
N SER A 1396 15.06 -21.67 -12.02
CA SER A 1396 14.67 -20.51 -12.79
C SER A 1396 15.68 -20.17 -13.88
N HIS A 1397 16.97 -20.32 -13.61
CA HIS A 1397 18.01 -19.94 -14.56
C HIS A 1397 18.35 -21.04 -15.56
N TYR A 1398 17.55 -22.10 -15.62
CA TYR A 1398 17.79 -23.19 -16.57
C TYR A 1398 17.09 -22.87 -17.89
N LEU A 1399 17.67 -21.91 -18.62
CA LEU A 1399 17.19 -21.50 -19.93
C LEU A 1399 18.33 -21.64 -20.93
N PHE A 1400 18.09 -22.37 -22.01
CA PHE A 1400 19.09 -22.60 -23.04
C PHE A 1400 18.61 -22.05 -24.37
N SER A 1401 19.50 -21.31 -25.02
CA SER A 1401 19.18 -20.60 -26.25
C SER A 1401 20.39 -20.73 -27.18
N PRO A 1402 20.18 -20.62 -28.51
CA PRO A 1402 21.30 -20.79 -29.44
C PRO A 1402 22.42 -19.75 -29.31
N ARG A 1403 22.28 -18.75 -28.42
CA ARG A 1403 23.42 -17.88 -28.14
C ARG A 1403 24.55 -18.64 -27.47
N GLU A 1404 24.20 -19.67 -26.69
CA GLU A 1404 25.22 -20.49 -26.03
C GLU A 1404 26.09 -21.22 -27.05
N LEU A 1405 25.51 -21.62 -28.18
CA LEU A 1405 26.30 -22.29 -29.21
C LEU A 1405 27.31 -21.33 -29.84
N THR A 1406 26.91 -20.08 -30.08
CA THR A 1406 27.86 -19.08 -30.55
C THR A 1406 28.95 -18.83 -29.52
N ARG A 1407 28.57 -18.81 -28.24
CA ARG A 1407 29.57 -18.68 -27.18
C ARG A 1407 30.55 -19.85 -27.20
N LEU A 1408 30.03 -21.07 -27.42
CA LEU A 1408 30.88 -22.26 -27.48
C LEU A 1408 31.85 -22.19 -28.66
N VAL A 1409 31.36 -21.76 -29.83
CA VAL A 1409 32.22 -21.68 -31.00
C VAL A 1409 33.29 -20.61 -30.82
N ARG A 1410 32.91 -19.48 -30.21
CA ARG A 1410 33.90 -18.43 -29.94
C ARG A 1410 34.94 -18.91 -28.94
N GLY A 1411 34.52 -19.65 -27.92
CA GLY A 1411 35.47 -20.22 -26.97
C GLY A 1411 36.41 -21.21 -27.62
N VAL A 1412 35.88 -22.05 -28.50
CA VAL A 1412 36.70 -23.03 -29.22
C VAL A 1412 37.71 -22.30 -30.11
N TYR A 1413 37.29 -21.23 -30.77
CA TYR A 1413 38.20 -20.46 -31.61
C TYR A 1413 39.30 -19.81 -30.76
N THR A 1414 38.94 -19.27 -29.60
CA THR A 1414 39.95 -18.64 -28.75
C THR A 1414 40.91 -19.68 -28.19
N ALA A 1415 40.44 -20.90 -27.96
CA ALA A 1415 41.32 -21.96 -27.50
C ALA A 1415 42.27 -22.41 -28.61
N ILE A 1416 41.75 -22.59 -29.83
CA ILE A 1416 42.56 -23.06 -30.94
C ILE A 1416 43.59 -22.01 -31.34
N ASN A 1417 43.19 -20.74 -31.44
CA ASN A 1417 44.09 -19.68 -31.85
C ASN A 1417 45.21 -19.44 -30.84
N THR A 1418 44.97 -19.75 -29.57
CA THR A 1418 45.95 -19.54 -28.50
C THR A 1418 46.45 -20.87 -27.95
N GLY A 1419 46.69 -21.83 -28.84
CA GLY A 1419 47.17 -23.13 -28.44
C GLY A 1419 48.24 -23.68 -29.38
N PRO A 1420 48.94 -24.72 -28.96
CA PRO A 1420 49.94 -25.35 -29.83
C PRO A 1420 49.30 -26.26 -30.86
N ARG A 1421 50.13 -26.99 -31.62
CA ARG A 1421 49.62 -27.93 -32.61
C ARG A 1421 48.84 -29.05 -31.92
N GLN A 1422 47.55 -29.12 -32.20
CA GLN A 1422 46.66 -30.07 -31.55
C GLN A 1422 46.51 -31.34 -32.38
N THR A 1423 45.81 -32.31 -31.79
CA THR A 1423 45.48 -33.56 -32.45
C THR A 1423 43.97 -33.79 -32.31
N LEU A 1424 43.49 -34.92 -32.85
CA LEU A 1424 42.07 -35.24 -32.77
C LEU A 1424 41.61 -35.40 -31.32
N ARG A 1425 42.45 -36.03 -30.50
CA ARG A 1425 42.14 -36.14 -29.08
C ARG A 1425 42.10 -34.76 -28.42
N SER A 1426 43.04 -33.89 -28.78
CA SER A 1426 43.03 -32.53 -28.24
C SER A 1426 41.78 -31.78 -28.66
N LEU A 1427 41.36 -31.94 -29.92
CA LEU A 1427 40.15 -31.27 -30.40
C LEU A 1427 38.90 -31.76 -29.67
N ILE A 1428 38.76 -33.08 -29.52
CA ILE A 1428 37.56 -33.60 -28.88
C ILE A 1428 37.54 -33.24 -27.39
N ARG A 1429 38.72 -33.21 -26.75
CA ARG A 1429 38.77 -32.80 -25.36
C ARG A 1429 38.47 -31.32 -25.20
N LEU A 1430 38.94 -30.49 -26.13
CA LEU A 1430 38.63 -29.07 -26.10
C LEU A 1430 37.14 -28.83 -26.27
N TRP A 1431 36.53 -29.55 -27.21
CA TRP A 1431 35.08 -29.42 -27.42
C TRP A 1431 34.31 -29.88 -26.20
N ALA A 1432 34.72 -31.00 -25.59
CA ALA A 1432 34.06 -31.48 -24.38
C ALA A 1432 34.19 -30.49 -23.24
N TYR A 1433 35.38 -29.92 -23.05
CA TYR A 1433 35.59 -28.94 -21.99
C TYR A 1433 34.76 -27.70 -22.20
N GLU A 1434 34.70 -27.19 -23.43
CA GLU A 1434 33.95 -25.97 -23.70
C GLU A 1434 32.45 -26.20 -23.59
N ALA A 1435 31.97 -27.35 -24.09
CA ALA A 1435 30.56 -27.69 -23.94
C ALA A 1435 30.18 -27.83 -22.47
N TRP A 1436 31.05 -28.48 -21.68
CA TRP A 1436 30.83 -28.61 -20.26
C TRP A 1436 30.76 -27.25 -19.59
N ARG A 1437 31.69 -26.35 -19.93
CA ARG A 1437 31.72 -25.02 -19.33
C ARG A 1437 30.49 -24.19 -19.70
N ILE A 1438 30.03 -24.30 -20.94
CA ILE A 1438 28.91 -23.47 -21.37
C ILE A 1438 27.59 -24.01 -20.84
N PHE A 1439 27.37 -25.33 -20.95
CA PHE A 1439 26.09 -25.92 -20.63
C PHE A 1439 25.95 -26.28 -19.14
N ALA A 1440 26.92 -26.98 -18.57
CA ALA A 1440 26.77 -27.58 -17.26
C ALA A 1440 27.08 -26.65 -16.10
N ASP A 1441 27.65 -25.47 -16.37
CA ASP A 1441 28.06 -24.59 -15.29
C ASP A 1441 26.87 -23.98 -14.55
N ARG A 1442 25.69 -23.98 -15.15
CA ARG A 1442 24.47 -23.59 -14.46
C ARG A 1442 24.01 -24.63 -13.45
N LEU A 1443 24.47 -25.88 -13.57
CA LEU A 1443 24.00 -26.94 -12.70
C LEU A 1443 24.69 -26.87 -11.34
N VAL A 1444 24.03 -27.40 -10.32
CA VAL A 1444 24.58 -27.43 -8.97
C VAL A 1444 25.73 -28.43 -8.87
N LYS A 1447 24.15 -34.18 -8.57
CA LYS A 1447 23.38 -35.14 -9.34
C LYS A 1447 23.23 -34.67 -10.79
N GLU A 1448 22.94 -33.38 -10.96
CA GLU A 1448 22.79 -32.82 -12.31
C GLU A 1448 24.12 -32.83 -13.05
N LYS A 1449 25.22 -32.58 -12.35
CA LYS A 1449 26.53 -32.66 -13.00
C LYS A 1449 26.87 -34.09 -13.40
N ASN A 1450 26.48 -35.07 -12.58
CA ASN A 1450 26.66 -36.47 -12.96
C ASN A 1450 25.82 -36.82 -14.18
N SER A 1451 24.58 -36.32 -14.24
CA SER A 1451 23.74 -36.52 -15.41
C SER A 1451 24.35 -35.89 -16.65
N PHE A 1452 24.95 -34.70 -16.50
CA PHE A 1452 25.61 -34.07 -17.63
C PHE A 1452 26.83 -34.87 -18.06
N GLU A 1453 27.58 -35.43 -17.11
CA GLU A 1453 28.71 -36.28 -17.47
C GLU A 1453 28.26 -37.49 -18.25
N GLN A 1454 27.16 -38.11 -17.82
CA GLN A 1454 26.59 -39.24 -18.56
C GLN A 1454 26.17 -38.82 -19.96
N LEU A 1455 25.52 -37.64 -20.08
CA LEU A 1455 25.09 -37.16 -21.39
C LEU A 1455 26.29 -36.86 -22.30
N LEU A 1456 27.34 -36.27 -21.74
CA LEU A 1456 28.54 -35.97 -22.52
C LEU A 1456 29.19 -37.25 -23.01
N TYR A 1457 29.29 -38.27 -22.13
CA TYR A 1457 29.84 -39.55 -22.55
C TYR A 1457 28.99 -40.20 -23.63
N GLU A 1458 27.66 -40.11 -23.49
CA GLU A 1458 26.77 -40.70 -24.49
C GLU A 1458 26.92 -40.01 -25.84
N THR A 1459 27.00 -38.67 -25.85
CA THR A 1459 27.16 -37.95 -27.11
C THR A 1459 28.53 -38.25 -27.74
N VAL A 1460 29.58 -38.33 -26.93
CA VAL A 1460 30.90 -38.64 -27.45
C VAL A 1460 30.92 -40.04 -28.05
N ASP A 1461 30.31 -41.01 -27.36
CA ASP A 1461 30.27 -42.37 -27.88
C ASP A 1461 29.43 -42.48 -29.15
N LYS A 1462 28.30 -41.76 -29.20
CA LYS A 1462 27.39 -41.89 -30.33
C LYS A 1462 27.93 -41.19 -31.58
N TYR A 1463 28.49 -39.98 -31.41
CA TYR A 1463 28.85 -39.17 -32.56
C TYR A 1463 30.34 -39.17 -32.90
N LEU A 1464 31.21 -39.36 -31.91
CA LEU A 1464 32.66 -39.31 -32.12
C LEU A 1464 33.33 -40.53 -31.51
N PRO A 1465 33.25 -41.68 -32.18
CA PRO A 1465 33.90 -42.90 -31.65
C PRO A 1465 35.41 -42.91 -31.89
N ASN A 1466 36.11 -41.99 -31.23
CA ASN A 1466 37.55 -41.88 -31.40
C ASN A 1466 38.28 -42.61 -30.27
N GLN A 1467 39.55 -42.92 -30.52
CA GLN A 1467 40.33 -43.72 -29.59
C GLN A 1467 40.79 -42.88 -28.40
N ASP A 1468 40.59 -43.43 -27.19
CA ASP A 1468 41.07 -42.85 -25.94
C ASP A 1468 40.58 -41.42 -25.75
N LEU A 1469 39.27 -41.24 -25.90
CA LEU A 1469 38.66 -39.93 -25.77
C LEU A 1469 38.83 -39.36 -24.37
N GLY A 1470 38.18 -39.99 -23.39
CA GLY A 1470 38.25 -39.58 -22.00
C GLY A 1470 37.97 -38.12 -21.73
N ASN A 1471 38.47 -37.62 -20.59
CA ASN A 1471 38.45 -36.20 -20.24
C ASN A 1471 37.05 -35.60 -20.27
N ILE A 1472 36.07 -36.37 -19.79
CA ILE A 1472 34.70 -35.89 -19.70
C ILE A 1472 34.27 -35.67 -18.26
N SER A 1473 35.00 -36.20 -17.27
CA SER A 1473 34.68 -35.95 -15.88
C SER A 1473 35.08 -34.53 -15.49
N SER A 1474 34.59 -34.10 -14.33
CA SER A 1474 34.90 -32.77 -13.84
C SER A 1474 36.38 -32.64 -13.53
N THR A 1475 36.98 -33.67 -12.95
CA THR A 1475 38.40 -33.65 -12.61
C THR A 1475 39.28 -34.24 -13.70
N SER A 1476 38.69 -34.73 -14.79
CA SER A 1476 39.46 -35.29 -15.90
C SER A 1476 39.66 -34.29 -17.04
N LEU A 1477 39.00 -33.13 -17.00
CA LEU A 1477 39.09 -32.12 -18.05
C LEU A 1477 39.49 -30.79 -17.41
N LEU A 1478 40.78 -30.49 -17.42
CA LEU A 1478 41.32 -29.25 -16.87
C LEU A 1478 42.11 -28.55 -17.98
N PHE A 1479 41.53 -27.49 -18.53
CA PHE A 1479 42.16 -26.72 -19.58
C PHE A 1479 42.45 -25.30 -19.08
N SER A 1480 43.69 -24.86 -19.23
CA SER A 1480 44.06 -23.51 -18.81
C SER A 1480 45.33 -23.10 -19.52
N GLY A 1481 45.57 -21.79 -19.56
CA GLY A 1481 46.79 -21.23 -20.11
C GLY A 1481 47.62 -20.53 -19.05
N LEU A 1482 47.34 -20.85 -17.79
CA LEU A 1482 48.02 -20.21 -16.66
C LEU A 1482 49.44 -20.71 -16.46
N LEU A 1483 49.82 -21.81 -17.11
CA LEU A 1483 51.10 -22.46 -16.87
C LEU A 1483 52.12 -22.18 -17.96
N SER A 1484 51.69 -21.74 -19.13
CA SER A 1484 52.57 -21.59 -20.28
C SER A 1484 52.01 -20.48 -21.17
N LEU A 1485 52.53 -20.41 -22.39
CA LEU A 1485 52.15 -19.39 -23.35
C LEU A 1485 50.93 -19.78 -24.19
N ASP A 1486 50.40 -20.99 -24.01
CA ASP A 1486 49.32 -21.44 -24.87
C ASP A 1486 48.31 -22.27 -24.08
N PHE A 1487 47.11 -22.36 -24.64
CA PHE A 1487 46.03 -23.11 -24.02
C PHE A 1487 46.20 -24.60 -24.30
N LYS A 1488 46.20 -25.41 -23.24
CA LYS A 1488 46.34 -26.86 -23.38
C LYS A 1488 45.81 -27.55 -22.13
N GLU A 1489 45.60 -28.85 -22.25
CA GLU A 1489 45.21 -29.67 -21.10
C GLU A 1489 46.36 -29.76 -20.12
N VAL A 1490 46.05 -29.76 -18.82
CA VAL A 1490 47.06 -29.69 -17.78
C VAL A 1490 46.95 -30.91 -16.87
N ASN A 1491 48.00 -31.13 -16.10
CA ASN A 1491 47.98 -32.11 -15.02
C ASN A 1491 47.61 -31.42 -13.71
N LYS A 1492 47.14 -32.22 -12.76
CA LYS A 1492 46.63 -31.66 -11.51
C LYS A 1492 47.76 -31.09 -10.65
N THR A 1493 48.90 -31.81 -10.58
CA THR A 1493 49.93 -31.49 -9.59
C THR A 1493 50.61 -30.16 -9.86
N ASP A 1494 51.01 -29.91 -11.11
CA ASP A 1494 51.63 -28.64 -11.44
C ASP A 1494 50.66 -27.48 -11.25
N LEU A 1495 49.40 -27.69 -11.65
CA LEU A 1495 48.38 -26.65 -11.47
C LEU A 1495 48.18 -26.30 -10.00
N VAL A 1496 48.06 -27.31 -9.14
CA VAL A 1496 47.80 -27.02 -7.72
C VAL A 1496 49.04 -26.41 -7.07
N ASN A 1497 50.24 -26.86 -7.46
CA ASN A 1497 51.45 -26.26 -6.89
C ASN A 1497 51.57 -24.80 -7.31
N PHE A 1498 51.31 -24.51 -8.58
CA PHE A 1498 51.37 -23.13 -9.06
C PHE A 1498 50.33 -22.26 -8.37
N ILE A 1499 49.12 -22.79 -8.18
CA ILE A 1499 48.07 -21.97 -7.58
C ILE A 1499 48.33 -21.76 -6.09
N GLU A 1500 48.95 -22.74 -5.41
CA GLU A 1500 49.33 -22.51 -4.02
C GLU A 1500 50.41 -21.44 -3.91
N GLU A 1501 51.41 -21.49 -4.79
CA GLU A 1501 52.46 -20.46 -4.77
C GLU A 1501 51.87 -19.08 -5.06
N ARG A 1502 50.98 -19.00 -6.06
CA ARG A 1502 50.37 -17.71 -6.38
C ARG A 1502 49.45 -17.22 -5.26
N PHE A 1503 48.81 -18.15 -4.54
CA PHE A 1503 47.93 -17.74 -3.46
C PHE A 1503 48.71 -17.28 -2.24
N LYS A 1504 49.86 -17.89 -1.96
CA LYS A 1504 50.71 -17.38 -0.88
C LYS A 1504 51.30 -16.02 -1.25
N THR A 1505 51.62 -15.82 -2.53
CA THR A 1505 52.05 -14.49 -2.98
C THR A 1505 50.90 -13.48 -2.82
N PHE A 1506 49.68 -13.90 -3.14
CA PHE A 1506 48.51 -13.05 -2.95
C PHE A 1506 48.31 -12.68 -1.49
N CYS A 1507 48.45 -13.65 -0.59
CA CYS A 1507 48.31 -13.39 0.84
C CYS A 1507 49.40 -12.45 1.33
N ASP A 1508 50.63 -12.61 0.83
CA ASP A 1508 51.71 -11.71 1.23
C ASP A 1508 51.58 -10.32 0.64
N GLU A 1509 50.85 -10.16 -0.47
CA GLU A 1509 50.71 -8.86 -1.11
C GLU A 1509 49.32 -8.23 -0.95
N GLU A 1510 48.26 -9.02 -1.01
CA GLU A 1510 46.89 -8.54 -0.93
C GLU A 1510 46.31 -8.90 0.44
N LEU A 1511 45.01 -8.67 0.59
CA LEU A 1511 44.28 -9.02 1.80
C LEU A 1511 44.41 -10.51 2.11
N GLU A 1512 44.58 -10.84 3.38
CA GLU A 1512 44.83 -12.22 3.79
C GLU A 1512 43.54 -12.83 4.30
N VAL A 1513 43.15 -13.96 3.70
CA VAL A 1513 41.98 -14.72 4.13
C VAL A 1513 42.44 -16.15 4.34
N PRO A 1514 42.14 -16.77 5.50
CA PRO A 1514 42.55 -18.17 5.70
C PRO A 1514 41.73 -19.13 4.86
N MET A 1515 42.08 -19.24 3.58
CA MET A 1515 41.33 -20.06 2.64
C MET A 1515 41.96 -21.43 2.49
N VAL A 1516 41.14 -22.46 2.64
CA VAL A 1516 41.55 -23.84 2.38
C VAL A 1516 41.23 -24.16 0.93
N ILE A 1517 42.19 -24.75 0.23
CA ILE A 1517 42.11 -24.89 -1.22
C ILE A 1517 41.84 -26.35 -1.57
N HIS A 1518 40.75 -26.58 -2.29
CA HIS A 1518 40.21 -27.89 -2.56
C HIS A 1518 39.90 -28.04 -4.05
N GLU A 1519 39.46 -29.24 -4.43
CA GLU A 1519 39.31 -29.58 -5.84
C GLU A 1519 38.17 -28.80 -6.49
N SER A 1520 37.05 -28.63 -5.79
CA SER A 1520 35.94 -27.89 -6.35
C SER A 1520 36.28 -26.42 -6.55
N MET A 1521 37.07 -25.84 -5.64
CA MET A 1521 37.51 -24.46 -5.81
C MET A 1521 38.44 -24.32 -7.00
N VAL A 1522 39.30 -25.33 -7.23
CA VAL A 1522 40.18 -25.30 -8.40
C VAL A 1522 39.37 -25.39 -9.68
N ASP A 1523 38.36 -26.27 -9.71
CA ASP A 1523 37.49 -26.36 -10.87
C ASP A 1523 36.74 -25.05 -11.12
N HIS A 1524 36.20 -24.46 -10.05
CA HIS A 1524 35.49 -23.20 -10.16
C HIS A 1524 36.40 -22.10 -10.68
N ILE A 1525 37.60 -21.97 -10.13
CA ILE A 1525 38.49 -20.89 -10.54
C ILE A 1525 39.00 -21.12 -11.97
N LEU A 1526 39.13 -22.38 -12.40
CA LEU A 1526 39.46 -22.64 -13.80
C LEU A 1526 38.35 -22.13 -14.71
N ARG A 1527 37.10 -22.44 -14.37
CA ARG A 1527 36.01 -21.95 -15.21
C ARG A 1527 35.87 -20.43 -15.15
N ILE A 1528 36.13 -19.82 -14.00
CA ILE A 1528 36.08 -18.36 -13.89
C ILE A 1528 37.16 -17.72 -14.75
N ASP A 1529 38.37 -18.28 -14.73
CA ASP A 1529 39.45 -17.72 -15.54
C ASP A 1529 39.17 -17.88 -17.02
N ARG A 1530 38.60 -19.03 -17.41
CA ARG A 1530 38.29 -19.22 -18.82
C ARG A 1530 37.11 -18.35 -19.27
N ALA A 1531 36.26 -17.93 -18.32
CA ALA A 1531 35.21 -16.98 -18.67
C ALA A 1531 35.73 -15.55 -18.72
N LEU A 1532 36.69 -15.21 -17.87
CA LEU A 1532 37.20 -13.85 -17.77
C LEU A 1532 38.12 -13.47 -18.91
N LYS A 1533 38.85 -14.43 -19.48
CA LYS A 1533 39.75 -14.15 -20.60
C LYS A 1533 39.00 -13.75 -21.86
N GLN A 1534 37.77 -14.23 -22.04
CA GLN A 1534 36.98 -13.92 -23.22
C GLN A 1534 36.63 -12.44 -23.26
N VAL A 1535 36.77 -11.85 -24.46
CA VAL A 1535 36.44 -10.45 -24.67
C VAL A 1535 34.95 -10.24 -24.42
N GLN A 1536 34.61 -9.07 -23.83
CA GLN A 1536 33.25 -8.70 -23.38
C GLN A 1536 32.60 -9.83 -22.58
N GLY A 1537 33.39 -10.47 -21.72
CA GLY A 1537 32.89 -11.53 -20.88
C GLY A 1537 32.35 -11.01 -19.56
N HIS A 1538 31.04 -11.15 -19.35
CA HIS A 1538 30.39 -10.76 -18.12
C HIS A 1538 29.76 -11.99 -17.48
N MET A 1539 29.56 -11.92 -16.17
CA MET A 1539 29.31 -13.12 -15.39
C MET A 1539 28.56 -12.78 -14.11
N MET A 1540 27.78 -13.75 -13.62
CA MET A 1540 27.05 -13.62 -12.35
C MET A 1540 27.12 -14.97 -11.64
N LEU A 1541 27.34 -14.93 -10.34
CA LEU A 1541 27.65 -16.11 -9.55
C LEU A 1541 26.52 -16.43 -8.58
N ILE A 1542 26.01 -17.65 -8.63
CA ILE A 1542 24.93 -18.12 -7.75
C ILE A 1542 25.50 -19.15 -6.80
N GLY A 1543 25.23 -18.99 -5.51
CA GLY A 1543 25.64 -19.97 -4.53
C GLY A 1543 25.26 -19.53 -3.14
N ALA A 1544 25.41 -20.45 -2.20
CA ALA A 1544 25.12 -20.15 -0.81
C ALA A 1544 26.17 -19.21 -0.25
N SER A 1545 25.84 -18.60 0.89
CA SER A 1545 26.76 -17.65 1.51
C SER A 1545 27.97 -18.37 2.10
N ARG A 1546 29.09 -17.67 2.13
CA ARG A 1546 30.37 -18.18 2.62
C ARG A 1546 30.85 -19.39 1.82
N THR A 1547 30.42 -19.48 0.56
CA THR A 1547 30.95 -20.48 -0.37
C THR A 1547 32.25 -20.00 -0.99
N GLY A 1548 32.50 -18.69 -0.96
CA GLY A 1548 33.76 -18.16 -1.41
C GLY A 1548 33.79 -17.67 -2.84
N LYS A 1549 32.63 -17.31 -3.40
CA LYS A 1549 32.58 -16.88 -4.79
C LYS A 1549 33.33 -15.56 -5.01
N THR A 1550 33.10 -14.59 -4.12
CA THR A 1550 33.73 -13.28 -4.26
C THR A 1550 35.25 -13.37 -4.06
N ILE A 1551 35.70 -14.19 -3.11
CA ILE A 1551 37.13 -14.27 -2.84
C ILE A 1551 37.85 -14.98 -3.97
N LEU A 1552 37.22 -15.98 -4.59
CA LEU A 1552 37.86 -16.64 -5.72
C LEU A 1552 37.85 -15.74 -6.95
N THR A 1553 36.78 -14.96 -7.14
CA THR A 1553 36.75 -14.00 -8.24
C THR A 1553 37.82 -12.93 -8.07
N ARG A 1554 37.99 -12.42 -6.85
CA ARG A 1554 39.04 -11.43 -6.61
C ARG A 1554 40.43 -12.03 -6.81
N PHE A 1555 40.62 -13.28 -6.38
CA PHE A 1555 41.92 -13.92 -6.57
C PHE A 1555 42.23 -14.14 -8.05
N VAL A 1556 41.26 -14.60 -8.83
CA VAL A 1556 41.53 -14.84 -10.24
C VAL A 1556 41.69 -13.51 -10.98
N ALA A 1557 41.01 -12.46 -10.51
CA ALA A 1557 41.20 -11.14 -11.09
C ALA A 1557 42.60 -10.63 -10.86
N TRP A 1558 43.12 -10.80 -9.64
CA TRP A 1558 44.51 -10.45 -9.38
C TRP A 1558 45.46 -11.33 -10.18
N LEU A 1559 45.09 -12.61 -10.35
CA LEU A 1559 45.90 -13.53 -11.14
C LEU A 1559 45.90 -13.15 -12.61
N ASN A 1560 44.75 -12.70 -13.13
CA ASN A 1560 44.61 -12.36 -14.54
C ASN A 1560 44.95 -10.90 -14.84
N GLY A 1561 45.35 -10.13 -13.83
CA GLY A 1561 45.87 -8.79 -14.08
C GLY A 1561 44.84 -7.70 -14.25
N LEU A 1562 43.55 -7.99 -14.05
CA LEU A 1562 42.55 -6.94 -14.17
C LEU A 1562 42.59 -6.02 -12.96
N LYS A 1563 41.91 -4.88 -13.08
CA LYS A 1563 41.83 -3.89 -12.03
C LYS A 1563 40.51 -4.04 -11.29
N ILE A 1564 40.59 -4.21 -9.97
CA ILE A 1564 39.41 -4.42 -9.15
C ILE A 1564 38.76 -3.07 -8.82
N VAL A 1565 37.44 -3.03 -8.88
CA VAL A 1565 36.66 -1.87 -8.47
C VAL A 1565 35.53 -2.37 -7.57
N GLN A 1566 35.39 -1.75 -6.40
CA GLN A 1566 34.36 -2.15 -5.45
C GLN A 1566 33.37 -1.03 -5.26
N PRO A 1567 32.07 -1.26 -5.50
CA PRO A 1567 31.08 -0.20 -5.27
C PRO A 1567 30.95 0.11 -3.79
N LYS A 1568 31.30 1.35 -3.42
CA LYS A 1568 31.19 1.81 -2.04
C LYS A 1568 29.75 2.25 -1.77
N ILE A 1569 28.88 1.26 -1.68
CA ILE A 1569 27.45 1.50 -1.52
C ILE A 1569 27.02 1.17 -0.09
N LEU A 1575 20.62 7.08 -6.20
CA LEU A 1575 20.85 6.80 -7.62
C LEU A 1575 22.02 7.62 -8.14
N SER A 1576 22.26 8.77 -7.51
CA SER A 1576 23.35 9.64 -7.94
C SER A 1576 24.71 8.98 -7.73
N ASP A 1577 24.89 8.30 -6.59
CA ASP A 1577 26.16 7.62 -6.33
C ASP A 1577 26.39 6.48 -7.32
N PHE A 1578 25.35 5.69 -7.61
CA PHE A 1578 25.49 4.62 -8.59
C PHE A 1578 25.80 5.18 -9.97
N ASP A 1579 25.14 6.28 -10.34
CA ASP A 1579 25.40 6.91 -11.63
C ASP A 1579 26.83 7.41 -11.72
N MET A 1580 27.34 8.04 -10.66
CA MET A 1580 28.69 8.60 -10.74
C MET A 1580 29.74 7.49 -10.72
N ILE A 1581 29.51 6.40 -9.99
CA ILE A 1581 30.50 5.32 -9.99
C ILE A 1581 30.49 4.57 -11.33
N LEU A 1582 29.30 4.43 -11.94
CA LEU A 1582 29.25 3.83 -13.28
C LEU A 1582 29.95 4.72 -14.30
N LYS A 1583 29.72 6.04 -14.22
CA LYS A 1583 30.39 6.96 -15.14
C LYS A 1583 31.90 6.96 -14.92
N LYS A 1584 32.34 6.87 -13.67
CA LYS A 1584 33.77 6.79 -13.37
C LYS A 1584 34.37 5.51 -13.95
N ALA A 1585 33.66 4.39 -13.82
CA ALA A 1585 34.14 3.13 -14.38
C ALA A 1585 34.26 3.19 -15.89
N ILE A 1586 33.24 3.74 -16.56
CA ILE A 1586 33.27 3.84 -18.03
C ILE A 1586 34.39 4.77 -18.47
N SER A 1587 34.53 5.92 -17.81
CA SER A 1587 35.54 6.88 -18.19
C SER A 1587 36.96 6.35 -17.97
N ASP A 1588 37.17 5.66 -16.84
CA ASP A 1588 38.49 5.09 -16.56
C ASP A 1588 38.81 3.97 -17.54
N CYS A 1589 37.80 3.17 -17.91
CA CYS A 1589 38.01 2.11 -18.88
C CYS A 1589 38.32 2.66 -20.26
N SER A 1590 37.68 3.78 -20.63
CA SER A 1590 37.79 4.31 -21.99
C SER A 1590 38.99 5.22 -22.17
N LEU A 1591 39.05 6.31 -21.41
CA LEU A 1591 40.08 7.33 -21.64
C LEU A 1591 41.48 6.87 -21.22
N LYS A 1592 41.58 5.91 -20.31
CA LYS A 1592 42.86 5.44 -19.82
C LYS A 1592 43.21 4.03 -20.28
N GLU A 1593 42.29 3.37 -21.00
CA GLU A 1593 42.42 1.95 -21.39
C GLU A 1593 42.71 1.08 -20.16
N SER A 1594 41.74 1.04 -19.25
CA SER A 1594 41.88 0.28 -18.01
C SER A 1594 40.95 -0.92 -18.06
N ARG A 1595 41.52 -2.12 -18.06
CA ARG A 1595 40.72 -3.33 -18.02
C ARG A 1595 40.22 -3.56 -16.60
N THR A 1596 38.89 -3.53 -16.43
CA THR A 1596 38.28 -3.50 -15.10
C THR A 1596 37.42 -4.73 -14.88
N CYS A 1597 37.42 -5.21 -13.64
CA CYS A 1597 36.50 -6.25 -13.18
C CYS A 1597 35.62 -5.65 -12.09
N LEU A 1598 34.31 -5.57 -12.35
CA LEU A 1598 33.37 -4.95 -11.44
C LEU A 1598 32.62 -6.03 -10.67
N ILE A 1599 32.75 -6.03 -9.36
CA ILE A 1599 32.11 -7.02 -8.49
C ILE A 1599 30.93 -6.34 -7.83
N ILE A 1600 29.72 -6.63 -8.30
CA ILE A 1600 28.50 -6.06 -7.76
C ILE A 1600 27.78 -7.12 -6.94
N ASP A 1601 27.60 -6.87 -5.65
CA ASP A 1601 26.96 -7.80 -4.76
C ASP A 1601 25.47 -7.50 -4.66
N GLU A 1602 24.71 -8.48 -4.16
CA GLU A 1602 23.28 -8.32 -4.01
C GLU A 1602 22.92 -7.25 -3.00
N SER A 1603 23.76 -7.04 -1.99
CA SER A 1603 23.53 -5.99 -1.00
C SER A 1603 23.70 -4.58 -1.58
N ASN A 1604 24.33 -4.44 -2.74
CA ASN A 1604 24.52 -3.12 -3.33
C ASN A 1604 23.22 -2.55 -3.88
N ILE A 1605 22.42 -3.38 -4.54
CA ILE A 1605 21.16 -2.89 -5.10
C ILE A 1605 20.14 -2.70 -3.99
N LEU A 1606 19.44 -1.57 -4.04
CA LEU A 1606 18.44 -1.20 -3.04
C LEU A 1606 17.12 -0.79 -3.66
N GLU A 1607 17.12 -0.37 -4.92
CA GLU A 1607 15.91 0.04 -5.62
C GLU A 1607 15.92 -0.55 -7.03
N THR A 1608 14.77 -0.46 -7.69
CA THR A 1608 14.65 -0.98 -9.05
C THR A 1608 15.37 -0.08 -10.05
N ALA A 1609 15.65 1.17 -9.68
CA ALA A 1609 16.40 2.06 -10.56
C ALA A 1609 17.82 1.56 -10.79
N PHE A 1610 18.47 1.06 -9.75
CA PHE A 1610 19.81 0.50 -9.89
C PHE A 1610 19.79 -0.73 -10.79
N LEU A 1611 18.78 -1.59 -10.60
CA LEU A 1611 18.64 -2.78 -11.42
C LEU A 1611 18.43 -2.42 -12.89
N GLU A 1612 17.61 -1.39 -13.14
CA GLU A 1612 17.41 -0.92 -14.51
C GLU A 1612 18.69 -0.35 -15.09
N ARG A 1613 19.47 0.38 -14.28
CA ARG A 1613 20.73 0.96 -14.76
C ARG A 1613 21.72 -0.13 -15.16
N MET A 1614 21.92 -1.14 -14.31
CA MET A 1614 22.83 -2.21 -14.69
C MET A 1614 22.25 -3.10 -15.80
N ASN A 1615 20.91 -3.18 -15.90
CA ASN A 1615 20.31 -3.88 -17.02
C ASN A 1615 20.63 -3.19 -18.33
N THR A 1616 20.53 -1.86 -18.35
CA THR A 1616 20.90 -1.10 -19.55
C THR A 1616 22.39 -1.22 -19.84
N LEU A 1617 23.22 -1.21 -18.79
CA LEU A 1617 24.67 -1.28 -19.00
C LEU A 1617 25.10 -2.67 -19.49
N LEU A 1618 24.37 -3.71 -19.09
CA LEU A 1618 24.78 -5.07 -19.45
C LEU A 1618 24.09 -5.56 -20.73
N ALA A 1619 22.98 -4.92 -21.12
CA ALA A 1619 22.29 -5.34 -22.34
C ALA A 1619 23.17 -5.13 -23.56
N ASN A 1620 23.51 -3.87 -23.86
CA ASN A 1620 24.53 -3.56 -24.84
C ASN A 1620 25.86 -3.39 -24.11
N ALA A 1621 26.87 -2.83 -24.79
CA ALA A 1621 28.20 -2.70 -24.19
C ALA A 1621 28.20 -1.71 -23.03
N ASP A 1622 27.49 -0.58 -23.18
CA ASP A 1622 27.47 0.43 -22.13
C ASP A 1622 26.21 1.26 -22.27
N ILE A 1623 25.97 2.10 -21.27
CA ILE A 1623 24.85 3.03 -21.26
C ILE A 1623 25.40 4.44 -21.33
N PRO A 1624 25.45 5.04 -22.53
CA PRO A 1624 25.90 6.44 -22.64
C PRO A 1624 24.96 7.44 -21.99
N ASP A 1625 23.71 7.04 -21.71
CA ASP A 1625 22.77 7.94 -21.05
C ASP A 1625 23.23 8.30 -19.64
N LEU A 1626 23.80 7.33 -18.93
CA LEU A 1626 24.31 7.57 -17.58
C LEU A 1626 25.62 8.34 -17.62
N GLU A 1630 26.73 19.85 -20.71
CA GLU A 1630 28.08 20.10 -21.19
C GLU A 1630 28.96 18.87 -20.98
N GLU A 1631 28.51 17.97 -20.10
CA GLU A 1631 29.25 16.74 -19.84
C GLU A 1631 29.30 15.84 -21.06
N TYR A 1632 28.20 15.77 -21.81
CA TYR A 1632 28.17 14.98 -23.04
C TYR A 1632 29.17 15.53 -24.06
N ASP A 1633 29.23 16.86 -24.20
CA ASP A 1633 30.18 17.47 -25.13
C ASP A 1633 31.63 17.26 -24.66
N LYS A 1634 31.86 17.34 -23.35
CA LYS A 1634 33.20 17.10 -22.81
C LYS A 1634 33.64 15.66 -23.07
N LEU A 1635 32.72 14.71 -22.85
CA LEU A 1635 33.02 13.32 -23.15
C LEU A 1635 33.28 13.11 -24.64
N LEU A 1636 32.50 13.78 -25.48
CA LEU A 1636 32.69 13.65 -26.93
C LEU A 1636 34.05 14.20 -27.37
N ASN A 1637 34.47 15.35 -26.84
CA ASN A 1637 35.74 15.91 -27.27
C ASN A 1637 36.92 15.14 -26.72
N ASN A 1638 36.81 14.63 -25.48
CA ASN A 1638 37.84 13.74 -24.97
C ASN A 1638 37.89 12.44 -25.78
N LEU A 1639 36.74 11.97 -26.23
CA LEU A 1639 36.68 10.79 -27.09
C LEU A 1639 37.40 11.05 -28.41
N ARG A 1640 37.17 12.23 -28.99
CA ARG A 1640 37.86 12.60 -30.23
C ARG A 1640 39.37 12.69 -30.02
N ASN A 1641 39.79 13.26 -28.89
CA ASN A 1641 41.21 13.36 -28.59
C ASN A 1641 41.84 11.97 -28.44
N LYS A 1642 41.15 11.06 -27.75
CA LYS A 1642 41.65 9.71 -27.57
C LYS A 1642 41.71 8.96 -28.90
N THR A 1643 40.69 9.13 -29.74
CA THR A 1643 40.67 8.47 -31.03
C THR A 1643 41.77 8.99 -31.94
N ARG A 1644 42.04 10.30 -31.90
CA ARG A 1644 43.11 10.85 -32.72
C ARG A 1644 44.48 10.44 -32.19
N SER A 1645 44.62 10.32 -30.87
CA SER A 1645 45.87 9.81 -30.31
C SER A 1645 46.11 8.36 -30.69
N LEU A 1646 45.07 7.53 -30.66
CA LEU A 1646 45.18 6.13 -31.03
C LEU A 1646 45.01 5.94 -32.53
N LEU A 1650 37.73 8.20 -38.99
CA LEU A 1650 36.40 8.19 -38.41
C LEU A 1650 35.89 9.61 -38.19
N ASP A 1651 34.86 9.99 -38.94
CA ASP A 1651 34.29 11.33 -38.89
C ASP A 1651 32.85 11.34 -38.40
N THR A 1652 32.00 10.47 -38.94
CA THR A 1652 30.59 10.45 -38.57
C THR A 1652 30.42 9.94 -37.14
N GLU A 1653 29.30 10.34 -36.53
CA GLU A 1653 29.03 9.94 -35.15
C GLU A 1653 28.68 8.46 -35.05
N GLN A 1654 28.20 7.85 -36.13
CA GLN A 1654 27.87 6.43 -36.10
C GLN A 1654 29.11 5.58 -35.92
N GLU A 1655 30.14 5.80 -36.75
CA GLU A 1655 31.36 5.01 -36.65
C GLU A 1655 32.10 5.32 -35.36
N LEU A 1656 32.06 6.58 -34.91
CA LEU A 1656 32.65 6.97 -33.64
C LEU A 1656 31.99 6.23 -32.48
N TYR A 1657 30.65 6.19 -32.50
CA TYR A 1657 29.90 5.52 -31.44
C TYR A 1657 30.17 4.02 -31.46
N ASP A 1658 30.25 3.42 -32.66
CA ASP A 1658 30.55 2.00 -32.75
C ASP A 1658 31.95 1.67 -32.26
N TRP A 1659 32.94 2.51 -32.57
CA TRP A 1659 34.29 2.30 -32.07
C TRP A 1659 34.34 2.44 -30.55
N PHE A 1660 33.64 3.43 -30.00
CA PHE A 1660 33.59 3.59 -28.55
C PHE A 1660 32.92 2.40 -27.88
N VAL A 1661 31.84 1.90 -28.49
CA VAL A 1661 31.16 0.72 -27.97
C VAL A 1661 32.07 -0.50 -27.99
N GLY A 1662 32.80 -0.72 -29.10
CA GLY A 1662 33.73 -1.83 -29.15
C GLY A 1662 34.84 -1.71 -28.12
N GLU A 1663 35.37 -0.49 -27.93
CA GLU A 1663 36.42 -0.28 -26.94
C GLU A 1663 35.91 -0.54 -25.53
N ILE A 1664 34.72 -0.06 -25.20
CA ILE A 1664 34.21 -0.24 -23.84
C ILE A 1664 33.76 -1.68 -23.62
N ALA A 1665 33.41 -2.40 -24.69
CA ALA A 1665 33.07 -3.81 -24.54
C ALA A 1665 34.32 -4.66 -24.36
N LYS A 1666 35.41 -4.32 -25.05
CA LYS A 1666 36.60 -5.18 -25.02
C LYS A 1666 37.30 -5.16 -23.67
N ASN A 1667 37.30 -4.00 -22.99
CA ASN A 1667 38.13 -3.80 -21.81
C ASN A 1667 37.32 -3.74 -20.51
N LEU A 1668 36.10 -4.27 -20.51
CA LEU A 1668 35.25 -4.21 -19.32
C LEU A 1668 34.67 -5.58 -19.04
N HIS A 1669 34.73 -5.99 -17.77
CA HIS A 1669 34.10 -7.20 -17.28
C HIS A 1669 33.40 -6.88 -15.96
N VAL A 1670 32.19 -7.42 -15.77
CA VAL A 1670 31.42 -7.19 -14.56
C VAL A 1670 31.06 -8.55 -13.96
N VAL A 1671 31.14 -8.65 -12.64
CA VAL A 1671 30.82 -9.87 -11.91
C VAL A 1671 29.71 -9.55 -10.92
N PHE A 1672 28.64 -10.34 -10.95
CA PHE A 1672 27.53 -10.17 -10.02
C PHE A 1672 27.54 -11.30 -9.00
N THR A 1673 27.76 -10.95 -7.74
CA THR A 1673 27.71 -11.89 -6.64
C THR A 1673 26.30 -11.87 -6.07
N ILE A 1674 25.59 -12.98 -6.18
CA ILE A 1674 24.22 -13.09 -5.69
C ILE A 1674 24.11 -14.39 -4.90
N CYS A 1675 23.42 -14.33 -3.77
CA CYS A 1675 23.29 -15.45 -2.87
C CYS A 1675 21.85 -15.60 -2.42
N ASP A 1676 21.47 -16.84 -2.09
CA ASP A 1676 20.13 -17.22 -1.64
C ASP A 1676 19.06 -16.74 -2.62
N PRO A 1677 18.91 -17.40 -3.77
CA PRO A 1677 17.96 -16.90 -4.79
C PRO A 1677 16.50 -16.93 -4.35
N THR A 1678 16.19 -17.42 -3.15
CA THR A 1678 14.82 -17.39 -2.65
C THR A 1678 14.33 -15.98 -2.39
N ASN A 1679 15.25 -15.02 -2.23
CA ASN A 1679 14.87 -13.63 -2.03
C ASN A 1679 14.17 -13.08 -3.27
N ASN A 1680 13.14 -12.25 -3.04
CA ASN A 1680 12.39 -11.67 -4.15
C ASN A 1680 13.26 -10.75 -5.00
N LYS A 1681 14.11 -9.95 -4.34
CA LYS A 1681 15.03 -9.09 -5.08
C LYS A 1681 16.04 -9.92 -5.86
N SER A 1682 16.56 -10.98 -5.25
CA SER A 1682 17.51 -11.85 -5.93
C SER A 1682 16.86 -12.58 -7.09
N SER A 1683 15.62 -13.04 -6.90
CA SER A 1683 14.90 -13.73 -7.97
C SER A 1683 14.60 -12.77 -9.12
N ALA A 1684 14.26 -11.53 -8.80
CA ALA A 1684 14.04 -10.52 -9.84
C ALA A 1684 15.32 -10.22 -10.60
N MET A 1685 16.45 -10.17 -9.88
CA MET A 1685 17.73 -9.92 -10.54
C MET A 1685 18.11 -11.07 -11.48
N ILE A 1686 17.91 -12.32 -11.03
CA ILE A 1686 18.27 -13.46 -11.86
C ILE A 1686 17.34 -13.60 -13.05
N SER A 1687 16.03 -13.46 -12.82
CA SER A 1687 15.06 -13.72 -13.87
C SER A 1687 14.90 -12.56 -14.83
N SER A 1688 15.59 -11.44 -14.57
CA SER A 1688 15.52 -10.27 -15.44
C SER A 1688 16.11 -10.61 -16.81
N PRO A 1689 15.39 -10.29 -17.89
CA PRO A 1689 15.87 -10.71 -19.23
C PRO A 1689 17.12 -9.99 -19.70
N ALA A 1690 17.37 -8.76 -19.23
CA ALA A 1690 18.53 -8.01 -19.72
C ALA A 1690 19.83 -8.54 -19.12
N LEU A 1691 19.81 -8.85 -17.83
CA LEU A 1691 21.03 -9.28 -17.16
C LEU A 1691 21.29 -10.77 -17.37
N PHE A 1692 20.24 -11.54 -17.66
CA PHE A 1692 20.40 -12.98 -17.85
C PHE A 1692 21.15 -13.30 -19.13
N ASN A 1693 20.85 -12.60 -20.23
CA ASN A 1693 21.35 -13.00 -21.53
C ASN A 1693 22.84 -12.74 -21.70
N ARG A 1694 23.34 -11.59 -21.26
CA ARG A 1694 24.73 -11.24 -21.48
C ARG A 1694 25.69 -11.97 -20.56
N CYS A 1695 25.39 -12.04 -19.26
CA CYS A 1695 26.26 -12.70 -18.31
C CYS A 1695 26.17 -14.21 -18.47
N ILE A 1696 27.24 -14.90 -18.08
CA ILE A 1696 27.27 -16.36 -18.03
C ILE A 1696 26.87 -16.79 -16.62
N ILE A 1697 25.92 -17.72 -16.55
CA ILE A 1697 25.32 -18.12 -15.29
C ILE A 1697 26.23 -19.14 -14.63
N ASN A 1698 26.59 -18.89 -13.36
CA ASN A 1698 27.44 -19.80 -12.62
C ASN A 1698 26.75 -20.12 -11.31
N TRP A 1699 26.41 -21.40 -11.12
CA TRP A 1699 25.90 -21.90 -9.85
C TRP A 1699 27.02 -22.64 -9.15
N MET A 1700 27.69 -21.96 -8.22
CA MET A 1700 28.68 -22.62 -7.38
C MET A 1700 28.03 -23.69 -6.50
N GLY A 1701 26.79 -23.44 -6.07
CA GLY A 1701 26.03 -24.42 -5.33
C GLY A 1701 26.52 -24.60 -3.91
N ASP A 1702 26.06 -25.66 -3.28
CA ASP A 1702 26.43 -26.01 -1.91
C ASP A 1702 27.48 -27.12 -1.94
N TRP A 1703 28.21 -27.23 -0.82
CA TRP A 1703 29.27 -28.21 -0.73
C TRP A 1703 28.72 -29.63 -0.69
N ASP A 1704 29.42 -30.53 -1.37
CA ASP A 1704 29.09 -31.94 -1.36
C ASP A 1704 29.83 -32.64 -0.23
N THR A 1705 29.64 -33.95 -0.12
CA THR A 1705 30.27 -34.70 0.97
C THR A 1705 31.78 -34.77 0.81
N LYS A 1706 32.27 -35.05 -0.40
CA LYS A 1706 33.70 -35.27 -0.59
C LYS A 1706 34.50 -34.00 -0.36
N THR A 1707 34.09 -32.90 -0.99
CA THR A 1707 34.82 -31.65 -0.87
C THR A 1707 34.83 -31.14 0.56
N MET A 1708 33.70 -31.28 1.25
CA MET A 1708 33.64 -30.95 2.67
C MET A 1708 34.56 -31.86 3.47
N SER A 1709 34.72 -33.10 3.01
CA SER A 1709 35.62 -34.02 3.70
C SER A 1709 37.07 -33.55 3.61
N GLN A 1710 37.57 -33.17 2.42
CA GLN A 1710 38.97 -32.77 2.40
C GLN A 1710 39.15 -31.38 3.02
N VAL A 1711 38.12 -30.54 2.98
CA VAL A 1711 38.19 -29.26 3.69
C VAL A 1711 38.37 -29.50 5.19
N ALA A 1712 37.52 -30.36 5.76
CA ALA A 1712 37.63 -30.66 7.18
C ALA A 1712 38.95 -31.34 7.51
N ASN A 1713 39.42 -32.24 6.63
CA ASN A 1713 40.68 -32.93 6.88
C ASN A 1713 41.85 -31.95 6.90
N ASN A 1714 41.88 -31.00 5.96
CA ASN A 1714 42.95 -30.02 5.96
C ASN A 1714 42.83 -29.07 7.14
N MET A 1715 41.63 -28.85 7.65
CA MET A 1715 41.50 -28.03 8.85
C MET A 1715 41.97 -28.75 10.10
N VAL A 1716 41.75 -30.06 10.20
CA VAL A 1716 41.99 -30.77 11.44
C VAL A 1716 43.30 -31.59 11.40
N ASP A 1717 44.04 -31.52 10.29
CA ASP A 1717 45.32 -32.21 10.22
C ASP A 1717 46.47 -31.37 10.75
N VAL A 1718 46.21 -30.16 11.24
CA VAL A 1718 47.24 -29.31 11.81
C VAL A 1718 47.30 -29.42 13.33
N VAL A 1719 46.27 -29.96 13.96
CA VAL A 1719 46.19 -30.04 15.42
C VAL A 1719 46.39 -31.48 15.84
N PRO A 1720 47.19 -31.76 16.88
CA PRO A 1720 47.37 -33.15 17.33
C PRO A 1720 46.10 -33.77 17.90
N MET A 1721 45.55 -34.73 17.16
CA MET A 1721 44.33 -35.44 17.55
C MET A 1721 44.61 -36.88 17.95
N GLU A 1722 45.63 -37.50 17.37
CA GLU A 1722 45.92 -38.92 17.56
C GLU A 1722 46.78 -39.10 18.82
N PHE A 1723 46.12 -38.92 19.97
CA PHE A 1723 46.76 -39.07 21.26
C PHE A 1723 46.10 -40.17 22.09
N THR A 1724 44.87 -40.55 21.73
CA THR A 1724 44.12 -41.54 22.50
C THR A 1724 43.88 -42.77 21.63
N ASP A 1725 43.54 -43.87 22.29
CA ASP A 1725 43.23 -45.10 21.60
C ASP A 1725 41.88 -44.99 20.90
N PHE A 1726 41.67 -45.88 19.93
CA PHE A 1726 40.44 -45.86 19.15
C PHE A 1726 40.16 -47.29 18.70
N ILE A 1727 38.91 -47.71 18.82
CA ILE A 1727 38.46 -49.02 18.33
C ILE A 1727 37.56 -48.78 17.13
N VAL A 1728 37.82 -49.48 16.04
CA VAL A 1728 37.06 -49.25 14.81
C VAL A 1728 35.64 -49.77 14.98
N PRO A 1729 34.62 -48.95 14.80
CA PRO A 1729 33.24 -49.44 14.88
C PRO A 1729 32.80 -50.13 13.60
N GLU A 1730 31.67 -50.82 13.69
CA GLU A 1730 31.08 -51.54 12.55
C GLU A 1730 29.84 -50.78 12.11
N VAL A 1731 29.96 -50.02 11.03
CA VAL A 1731 28.87 -49.21 10.50
C VAL A 1731 28.67 -49.54 9.03
N ASN A 1732 27.55 -49.08 8.49
CA ASN A 1732 27.21 -49.34 7.10
C ASN A 1732 28.12 -48.55 6.17
N LYS A 1733 28.31 -49.08 4.95
CA LYS A 1733 29.18 -48.44 3.97
C LYS A 1733 28.57 -47.14 3.46
N GLU A 1734 27.24 -47.05 3.45
CA GLU A 1734 26.58 -45.84 2.97
C GLU A 1734 26.65 -44.70 3.99
N LEU A 1735 26.95 -45.00 5.25
CA LEU A 1735 26.97 -43.99 6.29
C LEU A 1735 28.27 -43.21 6.36
N VAL A 1736 29.33 -43.68 5.70
CA VAL A 1736 30.63 -43.03 5.74
C VAL A 1736 30.81 -42.22 4.45
N PHE A 1737 31.55 -41.11 4.54
CA PHE A 1737 31.76 -40.23 3.40
C PHE A 1737 33.23 -40.05 3.03
N THR A 1738 34.12 -39.99 4.00
CA THR A 1738 35.54 -39.84 3.76
C THR A 1738 36.19 -41.21 3.56
N GLU A 1739 37.52 -41.26 3.62
CA GLU A 1739 38.29 -42.49 3.52
C GLU A 1739 37.92 -43.44 4.66
N PRO A 1740 38.13 -44.74 4.50
CA PRO A 1740 37.72 -45.69 5.54
C PRO A 1740 38.39 -45.40 6.89
N ILE A 1741 37.67 -45.73 7.96
CA ILE A 1741 38.02 -45.27 9.30
C ILE A 1741 39.32 -45.94 9.74
N GLN A 1742 40.40 -45.16 9.78
CA GLN A 1742 41.68 -45.63 10.29
C GLN A 1742 42.22 -44.82 11.46
N THR A 1743 41.78 -43.58 11.65
CA THR A 1743 42.37 -42.71 12.66
C THR A 1743 41.26 -41.89 13.33
N ILE A 1744 41.68 -40.94 14.17
CA ILE A 1744 40.72 -40.10 14.87
C ILE A 1744 40.10 -39.06 13.93
N ARG A 1745 40.90 -38.54 12.99
CA ARG A 1745 40.44 -37.43 12.16
C ARG A 1745 39.25 -37.82 11.30
N ASP A 1746 39.28 -39.01 10.70
CA ASP A 1746 38.17 -39.44 9.86
C ASP A 1746 36.89 -39.63 10.68
N ALA A 1747 37.02 -40.16 11.89
CA ALA A 1747 35.86 -40.32 12.76
C ALA A 1747 35.27 -38.97 13.16
N VAL A 1748 36.13 -38.00 13.48
CA VAL A 1748 35.65 -36.67 13.85
C VAL A 1748 34.95 -36.01 12.67
N VAL A 1749 35.53 -36.11 11.47
CA VAL A 1749 34.92 -35.52 10.28
C VAL A 1749 33.58 -36.17 9.99
N ASN A 1750 33.51 -37.50 10.08
CA ASN A 1750 32.25 -38.21 9.84
C ASN A 1750 31.18 -37.80 10.84
N ILE A 1751 31.57 -37.70 12.12
CA ILE A 1751 30.63 -37.30 13.17
C ILE A 1751 30.09 -35.90 12.89
N LEU A 1752 30.98 -34.97 12.55
CA LEU A 1752 30.54 -33.59 12.44
C LEU A 1752 29.74 -33.36 11.15
N ILE A 1753 30.06 -34.08 10.07
CA ILE A 1753 29.26 -33.96 8.85
C ILE A 1753 27.89 -34.60 9.05
N HIS A 1754 27.82 -35.70 9.80
CA HIS A 1754 26.53 -36.29 10.13
C HIS A 1754 25.71 -35.33 10.98
N PHE A 1755 26.36 -34.65 11.94
CA PHE A 1755 25.66 -33.65 12.72
C PHE A 1755 25.16 -32.51 11.84
N ASP A 1756 25.97 -32.06 10.89
CA ASP A 1756 25.57 -30.95 10.03
C ASP A 1756 24.34 -31.33 9.20
N ARG A 1757 24.35 -32.55 8.65
CA ARG A 1757 23.19 -33.02 7.89
C ARG A 1757 21.95 -33.14 8.78
N ASN A 1758 22.10 -33.68 9.99
CA ASN A 1758 20.96 -33.79 10.89
C ASN A 1758 20.47 -32.42 11.33
N PHE A 1759 21.39 -31.47 11.51
CA PHE A 1759 21.03 -30.11 11.89
C PHE A 1759 20.22 -29.43 10.81
N TYR A 1760 20.66 -29.55 9.55
CA TYR A 1760 19.92 -28.92 8.46
C TYR A 1760 18.62 -29.68 8.17
N GLN A 1761 18.54 -30.96 8.56
CA GLN A 1761 17.27 -31.66 8.49
C GLN A 1761 16.31 -31.15 9.56
N LYS A 1762 16.83 -30.87 10.76
CA LYS A 1762 15.98 -30.43 11.86
C LYS A 1762 15.48 -29.00 11.65
N MET A 1763 16.36 -28.11 11.20
CA MET A 1763 15.97 -26.73 10.97
C MET A 1763 15.23 -26.52 9.64
N LYS A 1764 15.15 -27.55 8.81
CA LYS A 1764 14.46 -27.50 7.51
C LYS A 1764 14.98 -26.39 6.61
N ASN A 1768 15.63 -24.73 0.32
CA ASN A 1768 16.52 -23.60 0.53
C ASN A 1768 17.98 -24.06 0.57
N PRO A 1769 18.88 -23.27 -0.02
CA PRO A 1769 20.30 -23.62 0.01
C PRO A 1769 20.85 -23.56 1.43
N ARG A 1770 21.82 -24.42 1.71
CA ARG A 1770 22.42 -24.53 3.03
C ARG A 1770 23.84 -23.96 2.99
N SER A 1771 24.08 -22.92 3.78
CA SER A 1771 25.37 -22.25 3.77
C SER A 1771 26.39 -23.05 4.57
N PRO A 1772 27.57 -23.32 3.99
CA PRO A 1772 28.61 -24.06 4.73
C PRO A 1772 29.41 -23.21 5.70
N GLY A 1773 28.92 -22.01 6.02
CA GLY A 1773 29.63 -21.16 6.96
C GLY A 1773 29.66 -21.74 8.37
N TYR A 1774 28.58 -22.43 8.76
CA TYR A 1774 28.55 -23.09 10.06
C TYR A 1774 29.64 -24.14 10.16
N PHE A 1775 29.93 -24.83 9.06
CA PHE A 1775 31.01 -25.83 9.06
C PHE A 1775 32.36 -25.18 9.35
N ILE A 1776 32.67 -24.07 8.69
CA ILE A 1776 33.96 -23.42 8.88
C ILE A 1776 34.06 -22.86 10.30
N ASP A 1777 32.97 -22.24 10.79
CA ASP A 1777 32.98 -21.71 12.15
C ASP A 1777 33.16 -22.82 13.18
N GLY A 1778 32.46 -23.94 12.99
CA GLY A 1778 32.58 -25.05 13.91
C GLY A 1778 33.96 -25.69 13.87
N LEU A 1779 34.56 -25.78 12.68
CA LEU A 1779 35.91 -26.32 12.58
C LEU A 1779 36.92 -25.41 13.26
N ARG A 1780 36.78 -24.10 13.09
CA ARG A 1780 37.69 -23.17 13.75
C ARG A 1780 37.54 -23.23 15.27
N ALA A 1781 36.31 -23.25 15.76
CA ALA A 1781 36.08 -23.36 17.20
C ALA A 1781 36.57 -24.70 17.74
N LEU A 1782 36.43 -25.75 16.94
CA LEU A 1782 36.94 -27.06 17.31
C LEU A 1782 38.46 -27.02 17.45
N VAL A 1783 39.15 -26.38 16.51
CA VAL A 1783 40.59 -26.23 16.58
C VAL A 1783 40.99 -25.50 17.86
N LYS A 1784 40.32 -24.38 18.14
CA LYS A 1784 40.68 -23.59 19.32
C LYS A 1784 40.43 -24.35 20.62
N LEU A 1785 39.25 -24.97 20.75
CA LEU A 1785 38.93 -25.72 21.96
C LEU A 1785 39.86 -26.90 22.15
N VAL A 1786 40.15 -27.64 21.07
CA VAL A 1786 41.02 -28.81 21.20
C VAL A 1786 42.43 -28.39 21.59
N THR A 1787 42.97 -27.34 20.96
CA THR A 1787 44.34 -26.97 21.28
C THR A 1787 44.45 -26.44 22.71
N ALA A 1788 43.46 -25.67 23.17
CA ALA A 1788 43.51 -25.16 24.54
C ALA A 1788 43.36 -26.27 25.56
N LYS A 1789 42.34 -27.12 25.40
CA LYS A 1789 42.09 -28.18 26.35
C LYS A 1789 43.20 -29.23 26.34
N TYR A 1790 43.75 -29.53 25.16
CA TYR A 1790 44.83 -30.50 25.06
C TYR A 1790 46.11 -29.95 25.67
N GLN A 1791 46.38 -28.65 25.50
CA GLN A 1791 47.53 -28.05 26.17
C GLN A 1791 47.38 -28.12 27.68
N ASP A 1792 46.19 -27.79 28.19
CA ASP A 1792 45.97 -27.85 29.63
C ASP A 1792 46.11 -29.27 30.16
N LEU A 1793 45.57 -30.25 29.43
CA LEU A 1793 45.67 -31.64 29.87
C LEU A 1793 47.11 -32.13 29.80
N GLN A 1794 47.88 -31.66 28.82
CA GLN A 1794 49.29 -32.02 28.76
C GLN A 1794 50.07 -31.47 29.95
N GLU A 1795 49.82 -30.20 30.32
CA GLU A 1795 50.47 -29.66 31.52
C GLU A 1795 50.05 -30.43 32.78
N ASN A 1796 48.78 -30.77 32.90
CA ASN A 1796 48.33 -31.52 34.07
C ASN A 1796 48.95 -32.92 34.12
N GLN A 1797 49.06 -33.58 32.97
CA GLN A 1797 49.65 -34.91 32.92
C GLN A 1797 51.13 -34.86 33.23
N ARG A 1798 51.84 -33.86 32.72
CA ARG A 1798 53.24 -33.68 33.07
C ARG A 1798 53.41 -33.42 34.56
N PHE A 1799 52.52 -32.59 35.13
CA PHE A 1799 52.60 -32.29 36.55
C PHE A 1799 52.37 -33.53 37.41
N VAL A 1800 51.37 -34.35 37.05
CA VAL A 1800 51.08 -35.53 37.86
C VAL A 1800 52.16 -36.59 37.68
N ASN A 1801 52.77 -36.66 36.49
CA ASN A 1801 53.88 -37.58 36.28
C ASN A 1801 55.09 -37.18 37.10
N VAL A 1802 55.43 -35.89 37.10
CA VAL A 1802 56.55 -35.41 37.90
C VAL A 1802 56.27 -35.60 39.38
N GLY A 1803 55.02 -35.39 39.79
CA GLY A 1803 54.65 -35.60 41.18
C GLY A 1803 54.77 -37.06 41.61
N LEU A 1804 54.34 -37.98 40.73
CA LEU A 1804 54.48 -39.40 41.03
C LEU A 1804 55.94 -39.81 41.12
N GLU A 1805 56.78 -39.29 40.21
CA GLU A 1805 58.20 -39.59 40.27
C GLU A 1805 58.84 -39.06 41.54
N LYS A 1806 58.48 -37.82 41.93
CA LYS A 1806 59.03 -37.24 43.16
C LYS A 1806 58.55 -38.00 44.39
N LEU A 1807 57.29 -38.42 44.39
CA LEU A 1807 56.76 -39.20 45.51
C LEU A 1807 57.46 -40.55 45.62
N ASN A 1808 57.71 -41.20 44.49
CA ASN A 1808 58.42 -42.48 44.51
C ASN A 1808 59.86 -42.29 45.00
N GLU A 1809 60.53 -41.22 44.56
CA GLU A 1809 61.89 -40.96 45.04
C GLU A 1809 61.91 -40.67 46.53
N SER A 1810 60.96 -39.88 47.02
CA SER A 1810 60.89 -39.57 48.44
C SER A 1810 60.58 -40.82 49.27
N VAL A 1811 59.70 -41.69 48.76
CA VAL A 1811 59.38 -42.93 49.45
C VAL A 1811 60.59 -43.84 49.53
N LEU A 1812 61.35 -43.93 48.42
CA LEU A 1812 62.57 -44.74 48.43
C LEU A 1812 63.60 -44.17 49.40
N LYS A 1813 63.75 -42.84 49.43
CA LYS A 1813 64.69 -42.22 50.37
C LYS A 1813 64.28 -42.44 51.82
N VAL A 1814 62.98 -42.37 52.10
CA VAL A 1814 62.50 -42.58 53.47
C VAL A 1814 62.67 -44.03 53.88
N ASN A 1815 62.41 -44.97 52.96
CA ASN A 1815 62.58 -46.38 53.26
C ASN A 1815 64.06 -46.73 53.42
N GLU A 1816 64.95 -46.01 52.73
CA GLU A 1816 66.38 -46.23 52.92
C GLU A 1816 66.82 -45.86 54.32
N LEU A 1817 66.30 -44.76 54.85
CA LEU A 1817 66.63 -44.31 56.21
C LEU A 1817 65.60 -44.79 57.21
N LEU A 2072 59.47 -48.03 65.46
CA LEU A 2072 58.81 -48.71 64.34
C LEU A 2072 57.53 -48.00 63.94
N ASP A 2073 57.05 -47.11 64.82
CA ASP A 2073 55.84 -46.35 64.54
C ASP A 2073 56.07 -45.39 63.37
N ARG A 2074 57.22 -44.74 63.33
CA ARG A 2074 57.53 -43.82 62.24
C ARG A 2074 57.63 -44.55 60.90
N SER A 2075 58.27 -45.73 60.90
CA SER A 2075 58.38 -46.52 59.68
C SER A 2075 57.01 -46.99 59.19
N ILE A 2076 56.16 -47.42 60.12
CA ILE A 2076 54.82 -47.87 59.75
C ILE A 2076 54.00 -46.71 59.20
N SER A 2077 54.11 -45.53 59.83
CA SER A 2077 53.39 -44.35 59.35
C SER A 2077 53.88 -43.94 57.96
N LEU A 2078 55.20 -44.00 57.73
CA LEU A 2078 55.75 -43.67 56.42
C LEU A 2078 55.29 -44.67 55.37
N VAL A 2079 55.24 -45.95 55.71
CA VAL A 2079 54.78 -46.98 54.78
C VAL A 2079 53.30 -46.77 54.44
N LYS A 2080 52.49 -46.44 55.45
CA LYS A 2080 51.07 -46.18 55.21
C LYS A 2080 50.88 -44.94 54.34
N SER A 2081 51.67 -43.89 54.59
CA SER A 2081 51.58 -42.68 53.77
C SER A 2081 52.01 -42.95 52.33
N LEU A 2082 53.06 -43.76 52.15
CA LEU A 2082 53.49 -44.13 50.80
C LEU A 2082 52.44 -44.96 50.09
N THR A 2083 51.79 -45.89 50.79
CA THR A 2083 50.73 -46.68 50.18
C THR A 2083 49.54 -45.82 49.80
N PHE A 2084 49.17 -44.88 50.66
CA PHE A 2084 48.06 -43.97 50.34
C PHE A 2084 48.40 -43.09 49.15
N GLU A 2085 49.65 -42.61 49.09
CA GLU A 2085 50.08 -41.80 47.95
C GLU A 2085 50.07 -42.61 46.66
N LYS A 2086 50.50 -43.87 46.74
CA LYS A 2086 50.48 -44.74 45.55
C LYS A 2086 49.05 -45.00 45.07
N GLU A 2087 48.13 -45.24 46.02
CA GLU A 2087 46.73 -45.45 45.65
C GLU A 2087 46.13 -44.19 45.02
N ARG A 2088 46.46 -43.02 45.60
CA ARG A 2088 45.98 -41.76 45.03
C ARG A 2088 46.56 -41.52 43.64
N TRP A 2089 47.83 -41.88 43.45
CA TRP A 2089 48.46 -41.73 42.14
C TRP A 2089 47.83 -42.65 41.11
N LEU A 2090 47.49 -43.89 41.51
CA LEU A 2090 46.82 -44.80 40.59
C LEU A 2090 45.43 -44.30 40.22
N ASN A 2091 44.68 -43.81 41.21
CA ASN A 2091 43.37 -43.23 40.94
C ASN A 2091 43.48 -42.01 40.03
N THR A 2092 44.50 -41.18 40.25
CA THR A 2092 44.70 -40.01 39.39
C THR A 2092 45.09 -40.42 37.98
N THR A 2093 45.89 -41.48 37.85
CA THR A 2093 46.24 -41.98 36.52
C THR A 2093 45.01 -42.47 35.77
N LYS A 2094 44.13 -43.19 36.46
CA LYS A 2094 42.87 -43.60 35.86
C LYS A 2094 42.02 -42.39 35.49
N GLN A 2095 42.02 -41.36 36.34
CA GLN A 2095 41.26 -40.14 36.08
C GLN A 2095 41.75 -39.41 34.85
N PHE A 2096 43.07 -39.24 34.70
CA PHE A 2096 43.59 -38.59 33.50
C PHE A 2096 43.41 -39.45 32.26
N SER A 2097 43.44 -40.78 32.40
CA SER A 2097 43.15 -41.63 31.25
C SER A 2097 41.70 -41.44 30.78
N LYS A 2098 40.77 -41.42 31.73
CA LYS A 2098 39.37 -41.16 31.39
C LYS A 2098 39.19 -39.77 30.81
N THR A 2099 39.91 -38.78 31.36
CA THR A 2099 39.83 -37.42 30.85
C THR A 2099 40.37 -37.33 29.42
N SER A 2100 41.47 -38.02 29.13
CA SER A 2100 42.01 -38.04 27.79
C SER A 2100 41.04 -38.70 26.81
N GLN A 2101 40.41 -39.80 27.21
CA GLN A 2101 39.41 -40.43 26.34
C GLN A 2101 38.20 -39.52 26.13
N GLU A 2102 37.84 -38.77 27.17
CA GLU A 2102 36.69 -37.86 27.19
C GLU A 2102 36.95 -36.55 26.43
N LEU A 2103 38.22 -36.21 26.21
CA LEU A 2103 38.60 -34.87 25.78
C LEU A 2103 38.03 -34.52 24.41
N ILE A 2104 38.18 -35.42 23.43
CA ILE A 2104 37.73 -35.11 22.08
C ILE A 2104 36.21 -35.00 22.03
N GLY A 2105 35.51 -35.85 22.78
CA GLY A 2105 34.06 -35.75 22.83
C GLY A 2105 33.59 -34.44 23.45
N ASN A 2106 34.20 -34.04 24.57
CA ASN A 2106 33.82 -32.77 25.19
C ASN A 2106 34.15 -31.59 24.30
N CYS A 2107 35.25 -31.67 23.56
CA CYS A 2107 35.59 -30.58 22.65
C CYS A 2107 34.60 -30.47 21.50
N ILE A 2108 34.15 -31.61 20.97
CA ILE A 2108 33.12 -31.60 19.94
C ILE A 2108 31.84 -30.98 20.48
N ILE A 2109 31.42 -31.40 21.69
CA ILE A 2109 30.21 -30.86 22.30
C ILE A 2109 30.32 -29.35 22.47
N SER A 2110 31.46 -28.89 23.00
CA SER A 2110 31.64 -27.47 23.29
C SER A 2110 31.66 -26.62 22.03
N SER A 2111 32.41 -27.04 21.01
CA SER A 2111 32.51 -26.23 19.80
C SER A 2111 31.21 -26.23 19.01
N ILE A 2112 30.53 -27.39 18.96
CA ILE A 2112 29.23 -27.44 18.32
C ILE A 2112 28.22 -26.57 19.05
N TYR A 2113 28.27 -26.60 20.39
CA TYR A 2113 27.39 -25.76 21.18
C TYR A 2113 27.67 -24.28 20.93
N GLU A 2114 28.94 -23.94 20.73
CA GLU A 2114 29.34 -22.57 20.42
C GLU A 2114 28.81 -22.10 19.07
N THR A 2115 28.91 -22.93 18.03
CA THR A 2115 28.69 -22.45 16.68
C THR A 2115 27.34 -22.86 16.07
N TYR A 2116 26.56 -23.71 16.72
CA TYR A 2116 25.28 -24.13 16.17
C TYR A 2116 24.08 -23.80 17.06
N PHE A 2117 24.26 -23.71 18.37
CA PHE A 2117 23.14 -23.71 19.30
C PHE A 2117 22.80 -22.31 19.82
N GLY A 2118 23.33 -21.26 19.20
CA GLY A 2118 23.02 -19.91 19.65
C GLY A 2118 21.58 -19.50 19.45
N HIS A 2119 21.00 -19.82 18.30
CA HIS A 2119 19.66 -19.37 17.94
C HIS A 2119 18.60 -20.42 18.28
N LEU A 2120 18.78 -21.13 19.39
CA LEU A 2120 17.89 -22.20 19.78
C LEU A 2120 17.24 -21.91 21.12
N ASN A 2121 16.00 -22.35 21.28
CA ASN A 2121 15.36 -22.41 22.58
C ASN A 2121 15.89 -23.63 23.34
N GLU A 2122 15.43 -23.81 24.58
CA GLU A 2122 16.02 -24.83 25.44
C GLU A 2122 15.69 -26.24 24.98
N ARG A 2123 14.44 -26.47 24.56
CA ARG A 2123 14.00 -27.83 24.22
C ARG A 2123 14.70 -28.35 22.97
N GLU A 2124 14.74 -27.53 21.91
CA GLU A 2124 15.39 -27.93 20.67
C GLU A 2124 16.90 -28.06 20.87
N ARG A 2125 17.49 -27.20 21.70
CA ARG A 2125 18.91 -27.31 22.02
C ARG A 2125 19.21 -28.63 22.72
N GLY A 2126 18.38 -29.01 23.69
CA GLY A 2126 18.56 -30.29 24.34
C GLY A 2126 18.38 -31.47 23.40
N ASP A 2127 17.39 -31.38 22.51
CA ASP A 2127 17.16 -32.45 21.55
C ASP A 2127 18.33 -32.60 20.60
N MET A 2128 18.90 -31.49 20.14
CA MET A 2128 20.05 -31.57 19.25
C MET A 2128 21.29 -32.06 19.99
N LEU A 2129 21.42 -31.72 21.27
CA LEU A 2129 22.51 -32.30 22.06
C LEU A 2129 22.34 -33.81 22.21
N VAL A 2130 21.10 -34.27 22.37
CA VAL A 2130 20.81 -35.70 22.42
C VAL A 2130 21.20 -36.37 21.10
N ILE A 2131 20.86 -35.71 19.98
CA ILE A 2131 21.23 -36.23 18.66
C ILE A 2131 22.75 -36.31 18.54
N LEU A 2132 23.44 -35.28 19.03
CA LEU A 2132 24.91 -35.25 18.93
C LEU A 2132 25.55 -36.35 19.76
N LYS A 2133 25.07 -36.59 20.98
CA LYS A 2133 25.67 -37.65 21.79
C LYS A 2133 25.33 -39.02 21.21
N ARG A 2134 24.15 -39.16 20.59
CA ARG A 2134 23.83 -40.40 19.89
C ARG A 2134 24.79 -40.64 18.73
N LEU A 2135 25.09 -39.59 17.98
CA LEU A 2135 26.05 -39.72 16.86
C LEU A 2135 27.45 -40.03 17.38
N LEU A 2136 27.83 -39.44 18.50
CA LEU A 2136 29.12 -39.76 19.12
C LEU A 2136 29.17 -41.22 19.55
N GLY A 2137 28.07 -41.73 20.09
CA GLY A 2137 28.02 -43.13 20.47
C GLY A 2137 28.07 -44.07 19.27
N LYS A 2138 27.47 -43.66 18.15
CA LYS A 2138 27.44 -44.53 16.98
C LYS A 2138 28.84 -44.77 16.41
N PHE A 2139 29.65 -43.71 16.31
CA PHE A 2139 31.01 -43.83 15.79
C PHE A 2139 32.03 -44.12 16.88
N ALA A 2140 31.57 -44.52 18.08
CA ALA A 2140 32.43 -45.01 19.16
C ALA A 2140 33.47 -43.96 19.58
N VAL A 2141 33.00 -42.77 19.91
CA VAL A 2141 33.82 -41.72 20.49
C VAL A 2141 33.19 -41.38 21.84
N LYS A 2142 33.95 -41.57 22.92
CA LYS A 2142 33.42 -41.41 24.25
C LYS A 2142 33.28 -39.93 24.62
N TYR A 2143 32.33 -39.67 25.52
CA TYR A 2143 31.99 -38.31 25.94
C TYR A 2143 31.54 -38.37 27.39
N ASP A 2144 30.97 -37.26 27.86
CA ASP A 2144 30.52 -37.17 29.24
C ASP A 2144 29.01 -37.31 29.31
N VAL A 2145 28.54 -38.16 30.23
CA VAL A 2145 27.11 -38.37 30.38
C VAL A 2145 26.43 -37.18 31.04
N ASN A 2146 27.18 -36.38 31.79
CA ASN A 2146 26.64 -35.23 32.51
C ASN A 2146 27.32 -33.91 32.12
N TYR A 2147 27.54 -33.69 30.83
CA TYR A 2147 28.24 -32.50 30.37
C TYR A 2147 27.43 -31.24 30.67
N ARG A 2148 28.14 -30.16 31.01
CA ARG A 2148 27.53 -28.85 31.20
C ARG A 2148 28.56 -27.79 30.84
N PHE A 2149 28.19 -26.86 29.97
CA PHE A 2149 29.10 -25.81 29.55
C PHE A 2149 29.52 -24.95 30.73
N ILE A 2150 28.56 -24.60 31.60
CA ILE A 2150 28.81 -23.67 32.69
C ILE A 2150 29.80 -24.26 33.70
N ASP A 2151 29.63 -25.53 34.05
CA ASP A 2151 30.50 -26.13 35.07
C ASP A 2151 31.89 -26.40 34.52
N TYR A 2152 32.01 -26.68 33.22
CA TYR A 2152 33.30 -27.10 32.69
C TYR A 2152 34.15 -25.94 32.21
N LEU A 2153 33.56 -24.95 31.53
CA LEU A 2153 34.36 -23.88 30.94
C LEU A 2153 34.04 -22.50 31.50
N VAL A 2154 33.28 -22.41 32.59
CA VAL A 2154 33.07 -21.18 33.32
C VAL A 2154 33.37 -21.43 34.78
N THR A 2155 34.19 -20.57 35.40
CA THR A 2155 34.47 -20.67 36.82
C THR A 2155 33.49 -19.81 37.60
N LEU A 2156 33.68 -19.80 38.92
CA LEU A 2156 32.76 -19.07 39.80
C LEU A 2156 32.94 -17.56 39.65
N ASP A 2157 34.16 -17.12 39.31
CA ASP A 2157 34.41 -15.68 39.22
C ASP A 2157 33.69 -15.06 38.03
N GLU A 2158 33.68 -15.74 36.87
CA GLU A 2158 32.91 -15.22 35.74
C GLU A 2158 31.41 -15.26 36.03
N LYS A 2159 30.94 -16.29 36.74
CA LYS A 2159 29.54 -16.34 37.13
C LYS A 2159 29.17 -15.16 38.01
N MET A 2160 30.02 -14.85 38.99
CA MET A 2160 29.79 -13.70 39.87
C MET A 2160 29.83 -12.40 39.09
N LYS A 2161 30.77 -12.26 38.15
CA LYS A 2161 30.86 -11.06 37.32
C LYS A 2161 29.60 -10.87 36.48
N TRP A 2162 29.13 -11.95 35.83
CA TRP A 2162 27.93 -11.85 35.01
C TRP A 2162 26.71 -11.51 35.86
N LEU A 2163 26.58 -12.13 37.04
CA LEU A 2163 25.41 -11.88 37.87
C LEU A 2163 25.44 -10.47 38.47
N GLU A 2164 26.63 -9.96 38.81
CA GLU A 2164 26.69 -8.60 39.36
C GLU A 2164 26.52 -7.56 38.27
N CYS A 2165 26.83 -7.90 37.02
CA CYS A 2165 26.59 -6.95 35.93
C CYS A 2165 25.11 -6.79 35.62
N GLY A 2166 24.25 -7.69 36.10
CA GLY A 2166 22.82 -7.52 35.95
C GLY A 2166 22.16 -8.59 35.09
N LEU A 2167 22.74 -9.78 35.05
CA LEU A 2167 22.22 -10.84 34.21
C LEU A 2167 21.09 -11.59 34.91
N ASP A 2168 20.25 -12.23 34.11
CA ASP A 2168 19.18 -13.05 34.63
C ASP A 2168 19.74 -14.28 35.33
N LYS A 2169 19.01 -14.76 36.34
CA LYS A 2169 19.42 -15.92 37.11
C LYS A 2169 19.22 -17.23 36.36
N ASN A 2170 18.52 -17.21 35.23
CA ASN A 2170 18.33 -18.42 34.44
C ASN A 2170 19.64 -18.82 33.76
N ASP A 2171 19.79 -20.12 33.53
CA ASP A 2171 21.02 -20.64 32.93
C ASP A 2171 21.11 -20.28 31.46
N TYR A 2172 19.96 -20.17 30.78
CA TYR A 2172 19.97 -19.98 29.33
C TYR A 2172 20.60 -18.66 28.93
N PHE A 2173 20.28 -17.58 29.64
CA PHE A 2173 20.84 -16.28 29.30
C PHE A 2173 22.31 -16.21 29.65
N LEU A 2174 22.73 -16.90 30.72
CA LEU A 2174 24.14 -17.02 31.04
C LEU A 2174 24.89 -17.74 29.92
N GLU A 2175 24.34 -18.84 29.43
CA GLU A 2175 24.97 -19.58 28.34
C GLU A 2175 25.04 -18.73 27.07
N ASN A 2176 23.97 -18.02 26.76
CA ASN A 2176 23.96 -17.15 25.57
C ASN A 2176 25.00 -16.05 25.69
N MET A 2177 25.11 -15.41 26.85
CA MET A 2177 26.14 -14.39 27.06
C MET A 2177 27.54 -14.99 26.97
N SER A 2178 27.70 -16.22 27.47
CA SER A 2178 28.98 -16.89 27.39
C SER A 2178 29.40 -17.13 25.95
N ILE A 2179 28.47 -17.59 25.11
CA ILE A 2179 28.84 -17.85 23.72
C ILE A 2179 28.94 -16.55 22.92
N VAL A 2180 28.32 -15.47 23.42
CA VAL A 2180 28.53 -14.17 22.82
C VAL A 2180 29.95 -13.69 23.08
N MET A 2181 30.42 -13.79 24.33
CA MET A 2181 31.76 -13.31 24.63
C MET A 2181 32.85 -14.36 24.44
N ASN A 2182 32.51 -15.55 23.93
CA ASN A 2182 33.51 -16.57 23.60
C ASN A 2182 33.50 -16.88 22.11
N SER A 2183 33.09 -15.92 21.29
CA SER A 2183 33.08 -16.05 19.84
C SER A 2183 34.07 -15.04 19.28
N GLN A 2184 35.34 -15.45 19.19
CA GLN A 2184 36.38 -14.54 18.72
C GLN A 2184 36.49 -14.47 17.21
N ASP A 2185 35.83 -15.38 16.49
CA ASP A 2185 35.87 -15.39 15.02
C ASP A 2185 34.70 -14.61 14.43
N ALA A 2186 33.47 -15.03 14.74
CA ALA A 2186 32.30 -14.33 14.23
C ALA A 2186 31.87 -13.23 15.19
N VAL A 2187 31.35 -12.15 14.64
CA VAL A 2187 30.85 -11.02 15.40
C VAL A 2187 29.51 -11.43 16.02
N PRO A 2188 29.26 -11.12 17.29
CA PRO A 2188 28.01 -11.58 17.92
C PRO A 2188 26.80 -10.74 17.50
N PHE A 2189 25.70 -11.41 17.23
CA PHE A 2189 24.41 -10.78 17.00
C PHE A 2189 23.52 -11.05 18.20
N LEU A 2190 22.87 -10.01 18.72
CA LEU A 2190 22.01 -10.11 19.89
C LEU A 2190 20.58 -9.81 19.46
N LEU A 2191 19.69 -10.80 19.60
CA LEU A 2191 18.26 -10.59 19.39
C LEU A 2191 17.60 -10.52 20.76
N ASP A 2192 17.53 -9.31 21.31
CA ASP A 2192 17.07 -9.08 22.68
C ASP A 2192 15.91 -8.09 22.64
N PRO A 2193 14.68 -8.59 22.56
CA PRO A 2193 13.52 -7.68 22.52
C PRO A 2193 13.36 -6.81 23.76
N SER A 2194 13.75 -7.29 24.94
CA SER A 2194 13.63 -6.51 26.16
C SER A 2194 14.78 -5.54 26.36
N SER A 2195 15.83 -5.63 25.54
CA SER A 2195 16.96 -4.70 25.52
C SER A 2195 17.67 -4.58 26.87
N HIS A 2196 17.78 -5.67 27.63
CA HIS A 2196 18.51 -5.59 28.88
C HIS A 2196 19.99 -5.92 28.69
N MET A 2197 20.32 -6.69 27.64
CA MET A 2197 21.71 -6.97 27.34
C MET A 2197 22.51 -5.72 27.03
N ILE A 2198 21.87 -4.69 26.46
CA ILE A 2198 22.55 -3.42 26.24
C ILE A 2198 23.01 -2.83 27.57
N THR A 2199 22.13 -2.83 28.56
CA THR A 2199 22.46 -2.29 29.88
C THR A 2199 23.54 -3.13 30.57
N VAL A 2200 23.44 -4.47 30.48
CA VAL A 2200 24.42 -5.30 31.19
C VAL A 2200 25.78 -5.22 30.51
N ILE A 2201 25.80 -5.05 29.18
CA ILE A 2201 27.08 -4.86 28.48
C ILE A 2201 27.68 -3.51 28.82
N SER A 2202 26.84 -2.48 28.96
CA SER A 2202 27.32 -1.17 29.40
C SER A 2202 27.93 -1.27 30.80
N ASN A 2203 27.26 -1.98 31.71
CA ASN A 2203 27.79 -2.15 33.06
C ASN A 2203 29.07 -3.00 33.06
N TYR A 2204 29.15 -3.96 32.14
CA TYR A 2204 30.33 -4.82 32.05
C TYR A 2204 31.54 -4.03 31.57
N TYR A 2205 31.36 -3.20 30.54
CA TYR A 2205 32.49 -2.50 29.93
C TYR A 2205 32.77 -1.14 30.54
N GLY A 2206 31.90 -0.63 31.41
CA GLY A 2206 32.20 0.64 32.06
C GLY A 2206 32.07 1.80 31.08
N ASN A 2207 33.13 2.59 30.98
CA ASN A 2207 33.11 3.75 30.09
C ASN A 2207 33.49 3.38 28.66
N LYS A 2208 33.83 2.12 28.41
CA LYS A 2208 34.33 1.73 27.09
C LYS A 2208 33.22 1.65 26.05
N THR A 2209 31.96 1.56 26.48
CA THR A 2209 30.86 1.39 25.53
C THR A 2209 30.60 2.65 24.73
N VAL A 2210 30.38 2.47 23.43
CA VAL A 2210 29.97 3.56 22.53
C VAL A 2210 28.70 3.07 21.83
N LEU A 2211 27.55 3.44 22.38
CA LEU A 2211 26.28 3.00 21.83
C LEU A 2211 25.97 3.74 20.53
N LEU A 2212 25.39 3.02 19.57
CA LEU A 2212 25.15 3.57 18.24
C LEU A 2212 24.02 2.78 17.58
N SER A 2213 23.46 3.36 16.52
CA SER A 2213 22.45 2.72 15.69
C SER A 2213 22.56 3.27 14.28
N PHE A 2214 21.96 2.57 13.33
CA PHE A 2214 21.93 3.07 11.96
C PHE A 2214 21.00 4.28 11.82
N LEU A 2215 20.09 4.46 12.77
CA LEU A 2215 19.17 5.59 12.71
C LEU A 2215 19.90 6.92 12.88
N GLU A 2216 20.99 6.92 13.63
CA GLU A 2216 21.77 8.14 13.82
C GLU A 2216 22.49 8.49 12.52
N GLU A 2217 22.57 9.80 12.22
CA GLU A 2217 23.15 10.23 10.96
C GLU A 2217 24.67 10.00 10.92
N GLY A 2218 25.37 10.33 12.00
CA GLY A 2218 26.82 10.30 12.01
C GLY A 2218 27.46 8.98 12.40
N PHE A 2219 26.89 7.84 11.96
CA PHE A 2219 27.42 6.56 12.36
C PHE A 2219 28.78 6.33 11.73
N VAL A 2220 29.02 6.90 10.55
CA VAL A 2220 30.32 6.78 9.90
C VAL A 2220 31.39 7.45 10.74
N LYS A 2221 31.14 8.68 11.19
CA LYS A 2221 32.09 9.40 12.04
C LYS A 2221 32.29 8.68 13.37
N ARG A 2222 31.20 8.20 13.97
CA ARG A 2222 31.33 7.52 15.27
C ARG A 2222 32.14 6.24 15.13
N LEU A 2223 31.89 5.45 14.09
CA LEU A 2223 32.64 4.21 13.88
C LEU A 2223 34.09 4.47 13.56
N GLU A 2224 34.40 5.49 12.76
CA GLU A 2224 35.81 5.74 12.44
C GLU A 2224 36.57 6.23 13.66
N ASN A 2225 35.95 7.11 14.47
CA ASN A 2225 36.59 7.52 15.71
C ASN A 2225 36.75 6.34 16.67
N ALA A 2226 35.77 5.44 16.71
CA ALA A 2226 35.85 4.30 17.62
C ALA A 2226 36.93 3.32 17.19
N VAL A 2227 37.03 3.02 15.90
CA VAL A 2227 38.04 2.05 15.45
C VAL A 2227 39.43 2.67 15.49
N ARG A 2228 39.52 4.00 15.40
CA ARG A 2228 40.81 4.64 15.62
C ARG A 2228 41.19 4.58 17.10
N PHE A 2229 40.22 4.79 17.98
CA PHE A 2229 40.48 4.69 19.42
C PHE A 2229 40.60 3.23 19.85
N GLY A 2230 39.72 2.37 19.36
CA GLY A 2230 39.75 0.97 19.73
C GLY A 2230 38.74 0.62 20.81
N SER A 2231 37.54 1.19 20.73
CA SER A 2231 36.53 0.98 21.75
C SER A 2231 35.56 -0.13 21.34
N VAL A 2232 34.75 -0.54 22.30
CA VAL A 2232 33.72 -1.56 22.08
C VAL A 2232 32.44 -0.86 21.65
N VAL A 2233 31.89 -1.28 20.51
CA VAL A 2233 30.75 -0.61 19.90
C VAL A 2233 29.58 -1.58 19.83
N ILE A 2234 28.41 -1.13 20.30
CA ILE A 2234 27.17 -1.89 20.23
C ILE A 2234 26.22 -1.14 19.32
N ILE A 2235 25.68 -1.84 18.32
CA ILE A 2235 24.84 -1.24 17.30
C ILE A 2235 23.39 -1.62 17.58
N GLN A 2236 22.51 -0.62 17.58
CA GLN A 2236 21.09 -0.85 17.77
C GLN A 2236 20.38 -0.94 16.42
N ASP A 2237 19.13 -1.42 16.47
CA ASP A 2237 18.27 -1.57 15.28
C ASP A 2237 18.93 -2.47 14.22
N GLY A 2238 19.12 -3.73 14.59
CA GLY A 2238 19.79 -4.68 13.71
C GLY A 2238 19.04 -5.04 12.45
N GLU A 2239 17.74 -4.76 12.39
CA GLU A 2239 16.95 -5.05 11.19
C GLU A 2239 17.15 -4.01 10.09
N PHE A 2240 17.90 -2.94 10.36
CA PHE A 2240 18.14 -1.89 9.38
C PHE A 2240 19.62 -1.77 9.06
N PHE A 2241 20.28 -2.92 8.82
CA PHE A 2241 21.71 -2.93 8.56
C PHE A 2241 22.06 -2.22 7.26
N ASP A 2242 23.20 -1.52 7.28
CA ASP A 2242 23.76 -0.88 6.11
C ASP A 2242 25.04 -1.60 5.70
N PRO A 2243 25.22 -1.94 4.43
CA PRO A 2243 26.39 -2.73 4.02
C PRO A 2243 27.71 -1.97 4.03
N ILE A 2244 27.75 -0.75 4.58
CA ILE A 2244 28.98 0.04 4.64
C ILE A 2244 30.06 -0.63 5.48
N ILE A 2245 29.69 -1.41 6.49
CA ILE A 2245 30.65 -2.07 7.36
C ILE A 2245 30.73 -3.57 7.07
N SER A 2246 30.39 -3.98 5.85
CA SER A 2246 30.48 -5.39 5.49
C SER A 2246 31.92 -5.89 5.51
N ARG A 2247 32.89 -5.02 5.21
CA ARG A 2247 34.29 -5.40 5.34
C ARG A 2247 34.67 -5.61 6.80
N LEU A 2248 34.09 -4.80 7.70
CA LEU A 2248 34.45 -4.91 9.12
C LEU A 2248 33.81 -6.12 9.76
N ILE A 2249 32.56 -6.45 9.39
CA ILE A 2249 31.92 -7.62 9.98
C ILE A 2249 32.50 -8.91 9.42
N SER A 2250 33.16 -8.83 8.26
CA SER A 2250 33.79 -9.99 7.65
C SER A 2250 35.26 -10.13 7.98
N ARG A 2251 35.86 -9.11 8.60
CA ARG A 2251 37.27 -9.10 9.01
C ARG A 2251 38.20 -9.35 7.83
N GLU A 2252 37.87 -8.75 6.68
CA GLU A 2252 38.74 -8.79 5.51
C GLU A 2252 39.74 -7.65 5.62
N PHE A 2253 40.73 -7.84 6.48
CA PHE A 2253 41.78 -6.85 6.71
C PHE A 2253 42.92 -7.03 5.72
N ASN A 2254 43.78 -6.02 5.69
CA ASN A 2254 45.01 -6.06 4.92
C ASN A 2254 46.17 -5.75 5.85
N HIS A 2255 47.21 -6.59 5.80
CA HIS A 2255 48.35 -6.49 6.69
C HIS A 2255 49.48 -5.77 5.97
N ALA A 2256 49.91 -4.64 6.52
CA ALA A 2256 50.98 -3.84 5.93
C ALA A 2256 52.17 -3.74 6.88
N ARG A 2259 50.95 -3.01 10.18
CA ARG A 2259 49.70 -2.25 10.14
C ARG A 2259 48.56 -3.09 9.57
N VAL A 2260 47.41 -3.05 10.24
CA VAL A 2260 46.22 -3.80 9.83
C VAL A 2260 45.16 -2.80 9.42
N THR A 2261 44.73 -2.86 8.16
CA THR A 2261 43.84 -1.88 7.57
C THR A 2261 42.58 -2.54 7.03
N VAL A 2262 41.46 -1.84 7.14
CA VAL A 2262 40.19 -2.26 6.56
C VAL A 2262 39.59 -1.07 5.84
N GLU A 2263 38.75 -1.35 4.84
CA GLU A 2263 38.12 -0.31 4.02
C GLU A 2263 36.67 -0.17 4.46
N ILE A 2264 36.35 0.97 5.06
CA ILE A 2264 34.98 1.29 5.47
C ILE A 2264 34.54 2.54 4.74
N GLY A 2265 33.40 2.46 4.07
CA GLY A 2265 32.87 3.59 3.33
C GLY A 2265 33.67 3.90 2.08
N ASP A 2266 34.26 5.09 2.04
CA ASP A 2266 35.07 5.53 0.90
C ASP A 2266 36.44 6.04 1.33
N HIS A 2267 36.90 5.65 2.52
CA HIS A 2267 38.20 6.08 2.99
C HIS A 2267 38.82 4.96 3.81
N GLU A 2268 40.09 4.66 3.52
CA GLU A 2268 40.80 3.60 4.21
C GLU A 2268 41.06 3.98 5.66
N VAL A 2269 40.88 3.00 6.56
CA VAL A 2269 41.08 3.20 7.98
C VAL A 2269 41.92 2.05 8.52
N ASP A 2270 42.79 2.39 9.48
CA ASP A 2270 43.66 1.39 10.10
C ASP A 2270 42.86 0.43 10.97
N ASP A 2274 42.23 -3.95 19.43
CA ASP A 2274 41.50 -3.94 20.69
C ASP A 2274 40.06 -3.50 20.47
N PHE A 2275 39.60 -3.57 19.22
CA PHE A 2275 38.26 -3.15 18.86
C PHE A 2275 37.33 -4.37 18.80
N LYS A 2276 36.17 -4.25 19.41
CA LYS A 2276 35.13 -5.28 19.36
C LYS A 2276 33.85 -4.67 18.81
N LEU A 2277 33.01 -5.53 18.24
CA LEU A 2277 31.76 -5.10 17.63
C LEU A 2277 30.63 -5.97 18.17
N PHE A 2278 29.50 -5.33 18.48
CA PHE A 2278 28.29 -6.02 18.91
C PHE A 2278 27.11 -5.44 18.15
N ILE A 2279 26.13 -6.30 17.85
CA ILE A 2279 24.89 -5.88 17.20
C ILE A 2279 23.75 -6.20 18.16
N HIS A 2280 22.91 -5.19 18.43
CA HIS A 2280 21.74 -5.36 19.29
C HIS A 2280 20.49 -5.04 18.48
N SER A 2281 19.45 -5.85 18.65
CA SER A 2281 18.21 -5.66 17.92
C SER A 2281 17.05 -6.14 18.79
N CYS A 2282 15.96 -5.39 18.77
CA CYS A 2282 14.74 -5.75 19.49
C CYS A 2282 13.63 -6.18 18.53
N ASP A 2283 13.98 -6.85 17.44
CA ASP A 2283 13.02 -7.27 16.41
C ASP A 2283 13.01 -8.79 16.35
N PRO A 2284 12.08 -9.43 17.07
CA PRO A 2284 11.99 -10.89 17.00
C PRO A 2284 11.21 -11.40 15.80
N SER A 2285 10.64 -10.52 14.98
CA SER A 2285 9.88 -10.93 13.81
C SER A 2285 10.80 -11.34 12.67
N ASP A 2287 13.48 -10.07 11.30
CA ASP A 2287 14.12 -10.29 10.01
C ASP A 2287 15.62 -9.98 10.10
N ILE A 2288 16.43 -10.92 9.66
CA ILE A 2288 17.89 -10.79 9.65
C ILE A 2288 18.33 -10.60 8.20
N PRO A 2289 19.17 -9.61 7.90
CA PRO A 2289 19.60 -9.41 6.52
C PRO A 2289 20.42 -10.57 5.98
N ILE A 2290 20.32 -10.79 4.67
CA ILE A 2290 21.07 -11.85 4.00
C ILE A 2290 22.56 -11.57 4.10
N PHE A 2291 23.34 -12.64 4.32
CA PHE A 2291 24.80 -12.68 4.42
C PHE A 2291 25.29 -12.12 5.75
N LEU A 2292 24.44 -11.38 6.45
CA LEU A 2292 24.77 -10.99 7.81
C LEU A 2292 24.61 -12.17 8.75
N ARG A 2293 23.51 -12.92 8.59
CA ARG A 2293 23.28 -14.11 9.40
C ARG A 2293 24.38 -15.14 9.22
N SER A 2294 25.07 -15.13 8.07
CA SER A 2294 26.23 -15.97 7.86
C SER A 2294 27.51 -15.36 8.40
N ARG A 2295 27.60 -14.03 8.50
CA ARG A 2295 28.77 -13.41 9.12
C ARG A 2295 28.59 -13.03 10.59
N VAL A 2296 27.52 -13.45 11.25
CA VAL A 2296 27.34 -13.14 12.66
C VAL A 2296 27.12 -14.42 13.45
N ARG A 2297 27.25 -14.29 14.77
CA ARG A 2297 26.87 -15.35 15.72
C ARG A 2297 25.47 -15.01 16.23
N LEU A 2298 24.49 -15.82 15.83
CA LEU A 2298 23.09 -15.54 16.12
C LEU A 2298 22.70 -16.16 17.45
N VAL A 2299 22.33 -15.34 18.42
CA VAL A 2299 21.81 -15.79 19.71
C VAL A 2299 20.44 -15.18 19.91
N HIS A 2300 19.67 -15.73 20.83
CA HIS A 2300 18.32 -15.27 21.11
C HIS A 2300 18.11 -15.04 22.60
N PHE A 2301 17.26 -14.06 22.92
CA PHE A 2301 16.84 -13.78 24.28
C PHE A 2301 15.31 -13.75 24.38
N VAL A 2302 14.65 -14.50 23.51
CA VAL A 2302 13.20 -14.50 23.39
C VAL A 2302 12.64 -15.63 24.25
N THR A 2303 11.74 -15.30 25.16
CA THR A 2303 11.12 -16.30 26.01
C THR A 2303 10.13 -17.14 25.22
N ASN A 2304 10.21 -18.45 25.40
CA ASN A 2304 9.34 -19.41 24.73
C ASN A 2304 8.77 -20.37 25.77
N LYS A 2305 8.06 -21.40 25.28
CA LYS A 2305 7.41 -22.35 26.17
C LYS A 2305 8.41 -23.11 27.03
N GLU A 2306 9.52 -23.54 26.42
CA GLU A 2306 10.56 -24.22 27.18
C GLU A 2306 11.20 -23.29 28.21
N SER A 2307 11.42 -22.03 27.84
CA SER A 2307 11.93 -21.05 28.80
C SER A 2307 10.95 -20.82 29.93
N ILE A 2308 9.65 -20.76 29.62
CA ILE A 2308 8.63 -20.60 30.65
C ILE A 2308 8.67 -21.78 31.61
N GLU A 2309 8.75 -23.00 31.08
CA GLU A 2309 8.78 -24.19 31.92
C GLU A 2309 10.02 -24.22 32.80
N THR A 2310 11.18 -23.88 32.24
CA THR A 2310 12.41 -23.86 33.03
C THR A 2310 12.36 -22.81 34.13
N ARG A 2311 11.85 -21.62 33.81
CA ARG A 2311 11.78 -20.54 34.80
C ARG A 2311 10.81 -20.88 35.91
N ILE A 2312 9.64 -21.44 35.59
CA ILE A 2312 8.70 -21.78 36.65
C ILE A 2312 9.22 -22.94 37.48
N PHE A 2313 9.95 -23.87 36.86
CA PHE A 2313 10.60 -24.93 37.64
C PHE A 2313 11.61 -24.33 38.63
N ASP A 2314 12.43 -23.40 38.16
CA ASP A 2314 13.44 -22.79 39.02
C ASP A 2314 12.81 -22.01 40.17
N ILE A 2315 11.78 -21.22 39.87
CA ILE A 2315 11.15 -20.40 40.91
C ILE A 2315 10.37 -21.28 41.89
N THR A 2316 9.74 -22.35 41.39
CA THR A 2316 9.08 -23.30 42.28
C THR A 2316 10.09 -23.93 43.23
N LEU A 2317 11.25 -24.33 42.70
CA LEU A 2317 12.28 -24.94 43.52
C LEU A 2317 12.82 -23.95 44.56
N THR A 2318 12.99 -22.69 44.17
CA THR A 2318 13.57 -21.72 45.10
C THR A 2318 12.53 -21.20 46.10
N GLU A 2319 11.25 -21.41 45.82
CA GLU A 2319 10.19 -20.97 46.73
C GLU A 2319 9.65 -22.08 47.63
N GLU A 2320 9.89 -23.35 47.30
CA GLU A 2320 9.37 -24.42 48.16
C GLU A 2320 10.35 -24.75 49.28
N ASN A 2321 11.64 -24.84 48.98
CA ASN A 2321 12.64 -25.21 49.97
C ASN A 2321 13.97 -24.58 49.53
N ALA A 2322 14.27 -23.41 50.09
CA ALA A 2322 15.54 -22.77 49.80
C ALA A 2322 16.71 -23.45 50.50
N GLU A 2323 16.44 -24.21 51.56
CA GLU A 2323 17.51 -24.86 52.30
C GLU A 2323 18.21 -25.91 51.47
N MET A 2324 17.44 -26.73 50.73
CA MET A 2324 18.05 -27.78 49.90
C MET A 2324 18.87 -27.19 48.75
N GLN A 2325 18.33 -26.16 48.10
CA GLN A 2325 19.05 -25.52 47.00
C GLN A 2325 20.32 -24.84 47.50
N ARG A 2326 20.22 -24.16 48.65
CA ARG A 2326 21.39 -23.50 49.23
C ARG A 2326 22.43 -24.53 49.64
N LYS A 2327 22.00 -25.66 50.20
CA LYS A 2327 22.93 -26.71 50.60
C LYS A 2327 23.63 -27.31 49.38
N ARG A 2328 22.89 -27.53 48.28
CA ARG A 2328 23.48 -28.07 47.07
C ARG A 2328 24.50 -27.11 46.46
N GLU A 2329 24.13 -25.82 46.38
CA GLU A 2329 25.05 -24.82 45.83
C GLU A 2329 26.28 -24.67 46.70
N ASP A 2330 26.10 -24.64 48.03
CA ASP A 2330 27.24 -24.53 48.93
C ASP A 2330 28.12 -25.76 48.87
N LEU A 2331 27.51 -26.94 48.70
CA LEU A 2331 28.30 -28.16 48.56
C LEU A 2331 29.14 -28.15 47.29
N ILE A 2332 28.55 -27.68 46.18
CA ILE A 2332 29.30 -27.61 44.93
C ILE A 2332 30.45 -26.61 45.04
N LYS A 2333 30.17 -25.43 45.60
CA LYS A 2333 31.21 -24.41 45.78
C LYS A 2333 32.30 -24.88 46.72
N LEU A 2334 31.91 -25.57 47.80
CA LEU A 2334 32.88 -26.07 48.76
C LEU A 2334 33.74 -27.18 48.16
N ASN A 2335 33.14 -28.03 47.33
CA ASN A 2335 33.92 -29.06 46.64
C ASN A 2335 34.93 -28.43 45.68
N THR A 2336 34.50 -27.39 44.95
CA THR A 2336 35.44 -26.69 44.06
C THR A 2336 36.57 -26.04 44.85
N GLU A 2337 36.24 -25.40 45.97
CA GLU A 2337 37.27 -24.76 46.79
C GLU A 2337 38.20 -25.80 47.42
N TYR A 2338 37.65 -26.95 47.81
CA TYR A 2338 38.47 -28.02 48.37
C TYR A 2338 39.44 -28.56 47.32
N ARG A 2339 38.96 -28.74 46.09
CA ARG A 2339 39.84 -29.19 45.01
C ARG A 2339 40.93 -28.17 44.72
N LEU A 2340 40.58 -26.88 44.72
CA LEU A 2340 41.57 -25.84 44.48
C LEU A 2340 42.62 -25.82 45.59
N LYS A 2341 42.18 -25.95 46.85
CA LYS A 2341 43.11 -25.96 47.98
C LYS A 2341 43.99 -27.19 47.95
N LEU A 2342 43.43 -28.35 47.58
CA LEU A 2342 44.22 -29.57 47.48
C LEU A 2342 45.27 -29.45 46.37
N LYS A 2343 44.90 -28.86 45.24
CA LYS A 2343 45.86 -28.65 44.16
C LYS A 2343 46.96 -27.69 44.58
N ASN A 2344 46.60 -26.61 45.29
CA ASN A 2344 47.61 -25.67 45.77
C ASN A 2344 48.56 -26.33 46.77
N LEU A 2345 48.01 -27.14 47.69
CA LEU A 2345 48.85 -27.83 48.66
C LEU A 2345 49.76 -28.84 48.00
N GLU A 2346 49.24 -29.56 46.99
CA GLU A 2346 50.07 -30.51 46.25
C GLU A 2346 51.20 -29.81 45.51
N LYS A 2347 50.90 -28.67 44.86
CA LYS A 2347 51.95 -27.91 44.19
C LYS A 2347 52.99 -27.39 45.19
N ARG A 2348 52.53 -26.94 46.36
CA ARG A 2348 53.45 -26.44 47.37
C ARG A 2348 54.37 -27.54 47.89
N LEU A 2349 53.82 -28.72 48.15
CA LEU A 2349 54.65 -29.81 48.68
C LEU A 2349 55.60 -30.35 47.61
N LEU A 2350 55.16 -30.35 46.35
CA LEU A 2350 56.05 -30.78 45.27
C LEU A 2350 57.17 -29.78 45.05
N GLU A 2351 56.87 -28.48 45.21
CA GLU A 2351 57.92 -27.47 45.12
C GLU A 2351 58.89 -27.58 46.28
N GLU A 2352 58.38 -27.87 47.48
CA GLU A 2352 59.25 -28.02 48.65
C GLU A 2352 60.14 -29.24 48.52
N LEU A 2353 59.59 -30.35 48.01
CA LEU A 2353 60.39 -31.56 47.84
C LEU A 2353 61.50 -31.37 46.81
N ASN A 2354 61.20 -30.68 45.71
CA ASN A 2354 62.19 -30.44 44.67
C ASN A 2354 62.96 -29.15 44.94
N GLU A 2365 55.69 -32.59 58.39
CA GLU A 2365 55.98 -32.02 57.07
C GLU A 2365 55.17 -32.73 55.98
N LEU A 2366 55.74 -33.81 55.44
CA LEU A 2366 55.04 -34.57 54.41
C LEU A 2366 53.81 -35.27 54.98
N MET A 2367 53.91 -35.78 56.21
CA MET A 2367 52.78 -36.46 56.84
C MET A 2367 51.60 -35.53 57.10
N VAL A 2368 51.86 -34.30 57.54
CA VAL A 2368 50.79 -33.32 57.77
C VAL A 2368 50.09 -32.95 56.48
N THR A 2369 50.85 -32.73 55.40
CA THR A 2369 50.25 -32.41 54.11
C THR A 2369 49.45 -33.60 53.57
N LEU A 2370 49.96 -34.82 53.76
CA LEU A 2370 49.23 -36.01 53.33
C LEU A 2370 47.93 -36.17 54.10
N ASN A 2371 47.97 -35.91 55.41
CA ASN A 2371 46.75 -35.99 56.21
C ASN A 2371 45.74 -34.92 55.81
N ASN A 2372 46.22 -33.71 55.51
CA ASN A 2372 45.33 -32.64 55.06
C ASN A 2372 44.68 -32.99 53.72
N LEU A 2373 45.47 -33.55 52.80
CA LEU A 2373 44.92 -33.97 51.51
C LEU A 2373 43.92 -35.09 51.67
N LYS A 2374 44.21 -36.04 52.56
CA LYS A 2374 43.28 -37.14 52.82
C LYS A 2374 41.98 -36.63 53.42
N LYS A 2375 42.07 -35.66 54.35
CA LYS A 2375 40.88 -35.07 54.94
C LYS A 2375 40.05 -34.32 53.90
N GLU A 2376 40.73 -33.57 53.01
CA GLU A 2376 40.01 -32.88 51.95
C GLU A 2376 39.33 -33.85 51.00
N ALA A 2377 40.01 -34.95 50.66
CA ALA A 2377 39.42 -35.97 49.79
C ALA A 2377 38.22 -36.64 50.47
N MET A 2378 38.33 -36.90 51.77
CA MET A 2378 37.22 -37.50 52.50
C MET A 2378 36.03 -36.55 52.56
N ASN A 2379 36.27 -35.26 52.76
CA ASN A 2379 35.19 -34.28 52.76
C ASN A 2379 34.53 -34.19 51.38
N ILE A 2380 35.34 -34.21 50.32
CA ILE A 2380 34.80 -34.19 48.97
C ILE A 2380 33.96 -35.43 48.69
N GLU A 2381 34.44 -36.60 49.14
CA GLU A 2381 33.68 -37.84 48.95
C GLU A 2381 32.38 -37.81 49.73
N LYS A 2382 32.40 -37.27 50.95
CA LYS A 2382 31.17 -37.17 51.75
C LYS A 2382 30.17 -36.22 51.10
N LYS A 2383 30.64 -35.10 50.57
CA LYS A 2383 29.76 -34.17 49.87
C LYS A 2383 29.18 -34.80 48.61
N LEU A 2384 30.01 -35.56 47.88
CA LEU A 2384 29.51 -36.25 46.69
C LEU A 2384 28.48 -37.31 47.03
N SER A 2385 28.70 -38.03 48.14
CA SER A 2385 27.72 -39.02 48.59
C SER A 2385 26.42 -38.36 49.00
N GLU A 2386 26.49 -37.22 49.69
CA GLU A 2386 25.29 -36.48 50.06
C GLU A 2386 24.54 -35.99 48.81
N SER A 2387 25.26 -35.48 47.82
CA SER A 2387 24.66 -35.07 46.57
C SER A 2387 24.01 -36.23 45.81
N GLU A 2388 24.67 -37.40 45.78
CA GLU A 2388 24.10 -38.59 45.15
C GLU A 2388 22.85 -39.07 45.88
N GLU A 2389 22.83 -39.01 47.20
CA GLU A 2389 21.65 -39.37 47.97
C GLU A 2389 20.50 -38.37 47.80
N PHE A 2390 20.80 -37.08 47.64
CA PHE A 2390 19.77 -36.07 47.43
C PHE A 2390 19.32 -35.97 45.97
N PHE A 2391 20.07 -36.56 45.04
CA PHE A 2391 19.63 -36.59 43.65
C PHE A 2391 18.29 -37.29 43.46
N PRO A 2392 18.00 -38.40 44.13
CA PRO A 2392 16.66 -39.01 44.00
C PRO A 2392 15.53 -38.10 44.45
N GLN A 2393 15.78 -37.25 45.46
CA GLN A 2393 14.78 -36.27 45.87
C GLN A 2393 14.50 -35.26 44.76
N PHE A 2394 15.56 -34.81 44.08
CA PHE A 2394 15.39 -33.90 42.94
C PHE A 2394 14.65 -34.59 41.80
N ASP A 2395 14.95 -35.87 41.54
CA ASP A 2395 14.24 -36.60 40.50
C ASP A 2395 12.76 -36.75 40.82
N ASN A 2396 12.45 -37.04 42.09
CA ASN A 2396 11.06 -37.15 42.51
C ASN A 2396 10.34 -35.81 42.40
N LEU A 2397 11.03 -34.72 42.74
CA LEU A 2397 10.46 -33.40 42.60
C LEU A 2397 10.17 -33.08 41.14
N VAL A 2398 11.10 -33.42 40.25
CA VAL A 2398 10.90 -33.19 38.82
C VAL A 2398 9.72 -34.00 38.31
N GLU A 2399 9.63 -35.26 38.73
CA GLU A 2399 8.51 -36.10 38.32
C GLU A 2399 7.17 -35.58 38.80
N GLU A 2400 7.11 -35.08 40.04
CA GLU A 2400 5.86 -34.58 40.58
C GLU A 2400 5.54 -33.15 40.13
N TYR A 2401 6.51 -32.43 39.56
CA TYR A 2401 6.30 -31.05 39.14
C TYR A 2401 6.21 -30.88 37.63
N SER A 2402 6.49 -31.93 36.86
CA SER A 2402 6.25 -31.88 35.42
C SER A 2402 4.78 -31.63 35.12
N ILE A 2403 3.88 -32.13 35.98
CA ILE A 2403 2.45 -31.83 35.84
C ILE A 2403 2.20 -30.34 35.93
N ILE A 2404 2.78 -29.68 36.94
CA ILE A 2404 2.60 -28.25 37.11
C ILE A 2404 3.22 -27.48 35.94
N GLY A 2405 4.38 -27.95 35.47
CA GLY A 2405 5.02 -27.29 34.34
C GLY A 2405 4.19 -27.34 33.07
N LYS A 2406 3.69 -28.52 32.72
CA LYS A 2406 2.88 -28.66 31.51
C LYS A 2406 1.54 -27.93 31.67
N HIS A 2407 1.00 -27.91 32.89
CA HIS A 2407 -0.23 -27.17 33.15
C HIS A 2407 -0.03 -25.67 32.93
N SER A 2408 1.07 -25.12 33.44
CA SER A 2408 1.33 -23.69 33.29
C SER A 2408 1.59 -23.34 31.83
N VAL A 2409 2.31 -24.21 31.10
CA VAL A 2409 2.52 -23.96 29.68
C VAL A 2409 1.19 -23.97 28.94
N LYS A 2410 0.30 -24.90 29.30
CA LYS A 2410 -1.01 -24.98 28.65
C LYS A 2410 -1.85 -23.74 28.93
N ILE A 2411 -1.88 -23.27 30.18
CA ILE A 2411 -2.70 -22.09 30.49
C ILE A 2411 -2.10 -20.85 29.84
N PHE A 2412 -0.78 -20.78 29.71
CA PHE A 2412 -0.17 -19.66 28.99
C PHE A 2412 -0.56 -19.70 27.51
N SER A 2413 -0.64 -20.90 26.94
CA SER A 2413 -1.10 -21.03 25.55
C SER A 2413 -2.55 -20.57 25.41
N MET A 2414 -3.40 -20.92 26.39
CA MET A 2414 -4.78 -20.47 26.34
C MET A 2414 -4.89 -18.95 26.44
N LEU A 2415 -4.07 -18.33 27.30
CA LEU A 2415 -4.11 -16.88 27.41
C LEU A 2415 -3.57 -16.20 26.15
N GLU A 2416 -2.57 -16.80 25.49
CA GLU A 2416 -2.12 -16.27 24.22
C GLU A 2416 -3.20 -16.39 23.14
N LYS A 2417 -3.95 -17.50 23.15
CA LYS A 2417 -5.06 -17.63 22.21
C LYS A 2417 -6.17 -16.63 22.52
N PHE A 2418 -6.36 -16.29 23.80
CA PHE A 2418 -7.23 -15.17 24.17
C PHE A 2418 -6.75 -13.88 23.53
N GLY A 2419 -5.46 -13.58 23.67
CA GLY A 2419 -4.89 -12.40 23.03
C GLY A 2419 -5.01 -12.42 21.53
N GLN A 2420 -5.10 -13.61 20.93
CA GLN A 2420 -5.29 -13.70 19.48
C GLN A 2420 -6.67 -13.19 19.07
N PHE A 2421 -7.69 -13.35 19.94
CA PHE A 2421 -9.04 -12.94 19.56
C PHE A 2421 -9.17 -11.42 19.45
N HIS A 2422 -8.69 -10.68 20.45
CA HIS A 2422 -8.86 -9.23 20.47
C HIS A 2422 -7.57 -8.54 20.85
N TRP A 2423 -7.45 -7.28 20.44
CA TRP A 2423 -6.27 -6.47 20.69
C TRP A 2423 -6.02 -6.20 22.18
N PHE A 2424 -7.07 -6.14 22.99
CA PHE A 2424 -6.92 -5.77 24.40
C PHE A 2424 -6.62 -6.95 25.31
N TYR A 2425 -6.66 -8.18 24.80
CA TYR A 2425 -6.62 -9.37 25.64
C TYR A 2425 -5.28 -10.07 25.62
N GLY A 2426 -4.24 -9.45 25.05
CA GLY A 2426 -2.92 -10.03 25.09
C GLY A 2426 -2.29 -9.92 26.46
N ILE A 2427 -1.26 -10.72 26.68
CA ILE A 2427 -0.51 -10.70 27.94
C ILE A 2427 0.98 -10.68 27.63
N SER A 2428 1.77 -10.27 28.61
CA SER A 2428 3.22 -10.39 28.55
C SER A 2428 3.65 -11.65 29.30
N ILE A 2429 4.96 -11.79 29.50
CA ILE A 2429 5.50 -12.91 30.24
C ILE A 2429 5.97 -12.50 31.64
N GLY A 2430 6.49 -11.28 31.78
CA GLY A 2430 6.89 -10.81 33.11
C GLY A 2430 5.70 -10.66 34.04
N GLN A 2431 4.55 -10.27 33.50
CA GLN A 2431 3.32 -10.22 34.30
C GLN A 2431 2.92 -11.61 34.78
N PHE A 2432 3.04 -12.60 33.90
CA PHE A 2432 2.71 -13.98 34.27
C PHE A 2432 3.66 -14.50 35.34
N LEU A 2433 4.95 -14.18 35.23
CA LEU A 2433 5.91 -14.62 36.22
C LEU A 2433 5.69 -13.93 37.56
N SER A 2434 5.34 -12.63 37.54
CA SER A 2434 5.03 -11.93 38.78
C SER A 2434 3.79 -12.51 39.44
N CYS A 2435 2.77 -12.84 38.65
CA CYS A 2435 1.58 -13.48 39.19
C CYS A 2435 1.91 -14.85 39.77
N PHE A 2436 2.82 -15.58 39.13
CA PHE A 2436 3.22 -16.88 39.64
C PHE A 2436 3.97 -16.76 40.96
N LYS A 2437 4.85 -15.76 41.09
CA LYS A 2437 5.58 -15.58 42.34
C LYS A 2437 4.66 -15.03 43.44
N ARG A 2438 3.57 -14.37 43.05
CA ARG A 2438 2.60 -13.93 44.03
C ARG A 2438 1.80 -15.08 44.63
N VAL A 2439 1.88 -16.26 44.04
CA VAL A 2439 1.29 -17.45 44.67
C VAL A 2439 2.04 -17.78 45.94
N PHE A 2440 3.37 -17.68 45.91
CA PHE A 2440 4.18 -18.06 47.07
C PHE A 2440 4.44 -16.89 48.01
N ILE A 2441 4.33 -15.65 47.53
CA ILE A 2441 4.59 -14.52 48.42
C ILE A 2441 3.47 -14.37 49.43
N LYS A 2442 2.31 -14.95 49.16
CA LYS A 2442 1.17 -14.88 50.06
C LYS A 2442 1.14 -16.10 50.99
N ALA A 2449 -4.65 -27.88 52.87
CA ALA A 2449 -3.97 -29.00 52.23
C ALA A 2449 -4.96 -29.84 51.42
N ALA A 2450 -4.74 -29.91 50.11
CA ALA A 2450 -5.57 -30.71 49.22
C ALA A 2450 -5.05 -32.15 49.18
N ARG A 2451 -5.15 -32.81 50.34
CA ARG A 2451 -4.70 -34.18 50.62
C ARG A 2451 -3.17 -34.29 50.60
N THR A 2452 -2.49 -33.19 50.26
CA THR A 2452 -1.04 -33.11 50.24
C THR A 2452 -0.65 -31.65 50.07
N ARG A 2453 0.65 -31.41 49.97
CA ARG A 2453 1.19 -30.06 49.96
C ARG A 2453 1.38 -29.55 48.53
N VAL A 2454 1.77 -30.44 47.62
CA VAL A 2454 1.99 -30.05 46.22
C VAL A 2454 0.68 -29.71 45.53
N ASP A 2455 -0.38 -30.48 45.81
CA ASP A 2455 -1.67 -30.18 45.21
C ASP A 2455 -2.28 -28.90 45.79
N GLU A 2456 -1.98 -28.62 47.06
CA GLU A 2456 -2.39 -27.34 47.63
C GLU A 2456 -1.66 -26.18 46.95
N ILE A 2457 -0.37 -26.37 46.64
CA ILE A 2457 0.36 -25.37 45.86
C ILE A 2457 -0.29 -25.18 44.49
N LEU A 2458 -0.66 -26.27 43.83
CA LEU A 2458 -1.28 -26.17 42.51
C LEU A 2458 -2.63 -25.46 42.57
N TRP A 2459 -3.43 -25.76 43.58
CA TRP A 2459 -4.72 -25.10 43.76
C TRP A 2459 -4.54 -23.61 44.02
N LEU A 2460 -3.57 -23.25 44.87
CA LEU A 2460 -3.30 -21.84 45.13
C LEU A 2460 -2.82 -21.14 43.87
N LEU A 2461 -2.02 -21.84 43.05
CA LEU A 2461 -1.54 -21.27 41.80
C LEU A 2461 -2.71 -20.97 40.86
N TYR A 2462 -3.62 -21.93 40.71
CA TYR A 2462 -4.77 -21.73 39.83
C TYR A 2462 -5.65 -20.59 40.33
N GLN A 2463 -5.93 -20.55 41.64
CA GLN A 2463 -6.78 -19.49 42.17
C GLN A 2463 -6.15 -18.12 42.00
N GLU A 2464 -4.86 -17.99 42.33
CA GLU A 2464 -4.19 -16.70 42.20
C GLU A 2464 -4.11 -16.26 40.75
N VAL A 2465 -3.81 -17.18 39.83
CA VAL A 2465 -3.72 -16.83 38.42
C VAL A 2465 -5.09 -16.39 37.89
N TYR A 2466 -6.14 -17.11 38.27
CA TYR A 2466 -7.48 -16.75 37.81
C TYR A 2466 -7.90 -15.39 38.35
N CYS A 2467 -7.68 -15.13 39.64
CA CYS A 2467 -8.06 -13.83 40.19
C CYS A 2467 -7.16 -12.70 39.68
N GLN A 2468 -5.97 -13.00 39.17
CA GLN A 2468 -5.13 -11.95 38.62
C GLN A 2468 -5.49 -11.64 37.17
N PHE A 2469 -5.86 -12.66 36.39
CA PHE A 2469 -6.11 -12.48 34.96
C PHE A 2469 -7.58 -12.51 34.58
N SER A 2470 -8.49 -12.54 35.56
CA SER A 2470 -9.91 -12.54 35.22
C SER A 2470 -10.46 -11.13 34.99
N THR A 2471 -9.87 -10.12 35.64
CA THR A 2471 -10.40 -8.77 35.54
C THR A 2471 -9.94 -8.04 34.29
N ALA A 2472 -9.08 -8.67 33.48
CA ALA A 2472 -8.64 -8.08 32.22
C ALA A 2472 -9.54 -8.47 31.05
N LEU A 2473 -10.68 -9.09 31.32
CA LEU A 2473 -11.57 -9.58 30.28
C LEU A 2473 -13.00 -9.14 30.57
N ASP A 2474 -13.84 -9.23 29.54
CA ASP A 2474 -15.27 -9.04 29.72
C ASP A 2474 -15.89 -10.30 30.32
N LYS A 2475 -17.22 -10.35 30.36
CA LYS A 2475 -17.89 -11.49 30.99
C LYS A 2475 -17.67 -12.77 30.21
N LYS A 2476 -17.69 -12.70 28.88
CA LYS A 2476 -17.57 -13.89 28.05
C LYS A 2476 -16.18 -14.49 28.15
N PHE A 2477 -15.14 -13.67 28.03
CA PHE A 2477 -13.79 -14.20 28.05
C PHE A 2477 -13.39 -14.67 29.44
N LYS A 2478 -13.84 -13.99 30.49
CA LYS A 2478 -13.51 -14.44 31.85
C LYS A 2478 -14.26 -15.72 32.20
N MET A 2479 -15.50 -15.86 31.72
CA MET A 2479 -16.23 -17.11 31.97
C MET A 2479 -15.64 -18.26 31.15
N ILE A 2480 -15.18 -17.98 29.93
CA ILE A 2480 -14.50 -18.98 29.13
C ILE A 2480 -13.21 -19.42 29.81
N MET A 2481 -12.43 -18.45 30.32
CA MET A 2481 -11.19 -18.78 31.02
C MET A 2481 -11.45 -19.62 32.25
N ALA A 2482 -12.49 -19.28 33.01
CA ALA A 2482 -12.84 -20.06 34.19
C ALA A 2482 -13.17 -21.49 33.83
N MET A 2483 -13.98 -21.71 32.79
CA MET A 2483 -14.38 -23.07 32.48
C MET A 2483 -13.24 -23.87 31.84
N THR A 2484 -12.38 -23.21 31.06
CA THR A 2484 -11.21 -23.90 30.52
C THR A 2484 -10.25 -24.30 31.63
N MET A 2485 -10.05 -23.43 32.62
CA MET A 2485 -9.15 -23.76 33.72
C MET A 2485 -9.72 -24.90 34.56
N PHE A 2486 -11.05 -24.91 34.77
CA PHE A 2486 -11.68 -26.02 35.47
C PHE A 2486 -11.51 -27.33 34.70
N CYS A 2487 -11.69 -27.29 33.38
CA CYS A 2487 -11.50 -28.48 32.57
C CYS A 2487 -10.06 -28.98 32.63
N LEU A 2488 -9.10 -28.05 32.59
CA LEU A 2488 -7.70 -28.43 32.64
C LEU A 2488 -7.33 -29.04 33.99
N TYR A 2489 -7.95 -28.55 35.08
CA TYR A 2489 -7.75 -29.14 36.40
C TYR A 2489 -8.34 -30.56 36.46
N LYS A 2490 -9.59 -30.70 36.01
CA LYS A 2490 -10.31 -31.95 36.18
C LYS A 2490 -9.78 -33.03 35.25
N PHE A 2491 -9.28 -32.65 34.07
CA PHE A 2491 -8.87 -33.65 33.08
C PHE A 2491 -7.54 -34.29 33.45
N ASP A 2492 -6.86 -33.77 34.47
CA ASP A 2492 -5.61 -34.37 34.91
C ASP A 2492 -5.77 -34.96 36.32
N ILE A 2493 -6.62 -34.37 37.16
CA ILE A 2493 -6.80 -34.97 38.48
C ILE A 2493 -7.98 -35.94 38.50
N GLU A 2494 -9.12 -35.54 37.95
CA GLU A 2494 -10.28 -36.44 37.97
C GLU A 2494 -10.14 -37.52 36.89
N SER A 2495 -11.04 -38.49 36.95
CA SER A 2495 -10.96 -39.68 36.10
C SER A 2495 -11.48 -39.36 34.70
N GLU A 2496 -11.45 -40.36 33.82
CA GLU A 2496 -11.78 -40.20 32.41
C GLU A 2496 -13.27 -39.97 32.17
N GLN A 2497 -14.13 -40.69 32.89
CA GLN A 2497 -15.57 -40.54 32.70
C GLN A 2497 -16.04 -39.13 33.02
N TYR A 2498 -15.37 -38.46 33.96
CA TYR A 2498 -15.65 -37.05 34.21
C TYR A 2498 -15.38 -36.21 32.98
N LYS A 2499 -14.26 -36.46 32.29
CA LYS A 2499 -13.95 -35.73 31.06
C LYS A 2499 -14.96 -36.01 29.96
N GLU A 2500 -15.37 -37.28 29.82
CA GLU A 2500 -16.37 -37.62 28.81
C GLU A 2500 -17.70 -36.92 29.09
N ALA A 2501 -18.12 -36.91 30.35
CA ALA A 2501 -19.37 -36.23 30.72
C ALA A 2501 -19.27 -34.73 30.49
N VAL A 2502 -18.12 -34.13 30.82
CA VAL A 2502 -17.93 -32.69 30.65
C VAL A 2502 -17.99 -32.32 29.18
N LEU A 2503 -17.27 -33.06 28.32
CA LEU A 2503 -17.33 -32.77 26.89
C LEU A 2503 -18.71 -33.03 26.31
N THR A 2504 -19.41 -34.06 26.80
CA THR A 2504 -20.78 -34.29 26.33
C THR A 2504 -21.70 -33.10 26.68
N MET A 2505 -21.61 -32.60 27.91
CA MET A 2505 -22.49 -31.51 28.31
C MET A 2505 -22.10 -30.20 27.65
N ILE A 2506 -20.81 -30.00 27.38
CA ILE A 2506 -20.39 -28.80 26.65
C ILE A 2506 -20.85 -28.87 25.20
N GLY A 2507 -20.78 -30.06 24.58
CA GLY A 2507 -21.28 -30.21 23.22
C GLY A 2507 -22.78 -30.02 23.13
N VAL A 2508 -23.50 -30.44 24.17
CA VAL A 2508 -24.92 -30.13 24.26
C VAL A 2508 -25.11 -28.62 24.43
N LEU A 2509 -24.24 -27.96 25.19
CA LEU A 2509 -24.35 -26.52 25.41
C LEU A 2509 -24.19 -25.73 24.12
N SER A 2510 -23.25 -26.14 23.26
CA SER A 2510 -23.00 -25.45 22.01
C SER A 2510 -23.85 -25.99 20.86
N GLU A 2511 -24.77 -26.91 21.14
CA GLU A 2511 -25.62 -27.55 20.13
C GLU A 2511 -24.78 -28.24 19.06
N SER A 2512 -23.65 -28.81 19.48
CA SER A 2512 -22.75 -29.53 18.58
C SER A 2512 -22.79 -31.04 18.81
N SER A 2513 -23.12 -31.46 20.03
CA SER A 2513 -23.20 -32.87 20.36
C SER A 2513 -24.52 -33.16 21.07
N ASP A 2514 -25.00 -34.39 20.90
CA ASP A 2514 -26.25 -34.85 21.52
C ASP A 2514 -25.97 -36.13 22.29
N GLY A 2515 -26.64 -36.26 23.43
CA GLY A 2515 -26.49 -37.45 24.26
C GLY A 2515 -26.61 -37.17 25.74
N VAL A 2516 -27.24 -38.08 26.47
CA VAL A 2516 -27.38 -37.92 27.92
C VAL A 2516 -26.01 -38.11 28.57
N PRO A 2517 -25.63 -37.29 29.55
CA PRO A 2517 -24.37 -37.52 30.25
C PRO A 2517 -24.42 -38.76 31.13
N LYS A 2518 -23.24 -39.32 31.39
CA LYS A 2518 -23.11 -40.54 32.19
C LYS A 2518 -23.03 -40.17 33.67
N LEU A 2519 -24.19 -40.20 34.32
CA LEU A 2519 -24.28 -39.90 35.74
C LEU A 2519 -23.86 -41.11 36.58
N ASP A 2525 -22.15 -35.53 42.47
CA ASP A 2525 -23.37 -34.90 42.96
C ASP A 2525 -23.50 -33.49 42.41
N ASP A 2526 -22.36 -32.82 42.20
CA ASP A 2526 -22.37 -31.48 41.64
C ASP A 2526 -22.76 -31.52 40.16
N LEU A 2527 -22.39 -32.59 39.46
CA LEU A 2527 -22.80 -32.76 38.06
C LEU A 2527 -24.30 -32.95 37.93
N ARG A 2528 -24.97 -33.46 38.97
CA ARG A 2528 -26.42 -33.54 38.95
C ARG A 2528 -27.03 -32.15 38.92
N TYR A 2529 -26.49 -31.25 39.74
CA TYR A 2529 -26.94 -29.85 39.73
C TYR A 2529 -26.58 -29.17 38.41
N LEU A 2530 -25.42 -29.50 37.83
CA LEU A 2530 -25.08 -28.95 36.52
C LEU A 2530 -26.05 -29.40 35.45
N TRP A 2531 -26.43 -30.69 35.48
CA TRP A 2531 -27.42 -31.20 34.53
C TRP A 2531 -28.78 -30.56 34.75
N ASP A 2532 -29.14 -30.30 36.00
CA ASP A 2532 -30.39 -29.58 36.29
C ASP A 2532 -30.34 -28.16 35.74
N TYR A 2533 -29.17 -27.51 35.83
CA TYR A 2533 -28.99 -26.18 35.25
C TYR A 2533 -29.14 -26.22 33.73
N VAL A 2534 -28.54 -27.23 33.09
CA VAL A 2534 -28.56 -27.29 31.63
C VAL A 2534 -29.96 -27.61 31.11
N THR A 2535 -30.65 -28.57 31.75
CA THR A 2535 -31.98 -28.94 31.28
C THR A 2535 -33.00 -27.83 31.51
N THR A 2536 -32.71 -26.94 32.45
CA THR A 2536 -33.57 -25.78 32.71
C THR A 2536 -33.25 -24.60 31.80
N LYS A 2537 -32.27 -24.75 30.91
CA LYS A 2537 -31.87 -23.72 29.94
C LYS A 2537 -31.40 -22.45 30.66
N SER A 2538 -30.84 -22.61 31.85
CA SER A 2538 -30.27 -21.50 32.61
C SER A 2538 -28.75 -21.54 32.49
N TYR A 2539 -28.27 -20.94 31.40
CA TYR A 2539 -26.89 -21.12 30.97
C TYR A 2539 -25.93 -20.33 31.85
N ILE A 2540 -26.33 -19.13 32.26
CA ILE A 2540 -25.49 -18.35 33.17
C ILE A 2540 -25.39 -19.04 34.51
N SER A 2541 -26.40 -19.82 34.88
CA SER A 2541 -26.30 -20.64 36.09
C SER A 2541 -25.29 -21.77 35.89
N ALA A 2542 -25.23 -22.32 34.68
CA ALA A 2542 -24.24 -23.35 34.39
C ALA A 2542 -22.83 -22.77 34.47
N LEU A 2543 -22.65 -21.52 34.05
CA LEU A 2543 -21.35 -20.88 34.21
C LEU A 2543 -21.05 -20.58 35.67
N ASN A 2544 -22.06 -20.13 36.42
CA ASN A 2544 -21.90 -19.92 37.85
C ASN A 2544 -21.57 -21.22 38.59
N TRP A 2545 -22.02 -22.36 38.05
CA TRP A 2545 -21.63 -23.66 38.60
C TRP A 2545 -20.11 -23.82 38.58
N PHE A 2546 -19.49 -23.59 37.42
CA PHE A 2546 -18.02 -23.60 37.33
C PHE A 2546 -17.41 -22.59 38.29
N LYS A 2547 -17.86 -21.33 38.19
CA LYS A 2547 -17.19 -20.24 38.89
C LYS A 2547 -17.36 -20.34 40.40
N ASN A 2548 -18.38 -21.06 40.87
CA ASN A 2548 -18.63 -21.14 42.30
C ASN A 2548 -18.07 -22.43 42.89
N GLU A 2549 -18.37 -23.58 42.27
CA GLU A 2549 -17.88 -24.85 42.80
C GLU A 2549 -16.36 -24.94 42.71
N PHE A 2550 -15.76 -24.43 41.62
CA PHE A 2550 -14.29 -24.48 41.61
C PHE A 2550 -13.67 -23.28 42.31
N PHE A 2551 -13.90 -22.08 41.80
CA PHE A 2551 -13.23 -20.90 42.31
C PHE A 2551 -13.94 -20.36 43.54
N VAL A 2552 -13.16 -19.97 44.54
CA VAL A 2552 -13.71 -19.48 45.80
C VAL A 2552 -13.24 -18.05 46.05
N ASP A 2553 -12.96 -17.31 44.99
CA ASP A 2553 -12.48 -15.95 45.12
C ASP A 2553 -12.80 -15.18 43.85
N GLU A 2554 -13.11 -13.89 44.03
CA GLU A 2554 -13.32 -12.97 42.93
C GLU A 2554 -12.72 -11.62 43.31
N TRP A 2555 -12.27 -10.88 42.29
CA TRP A 2555 -11.61 -9.60 42.49
C TRP A 2555 -12.40 -8.49 41.83
N ASN A 2556 -12.64 -7.41 42.57
CA ASN A 2556 -13.30 -6.22 42.06
C ASN A 2556 -12.25 -5.18 41.68
N ILE A 2557 -12.73 -3.96 41.41
CA ILE A 2557 -11.83 -2.86 41.02
C ILE A 2557 -10.88 -2.54 42.16
N ALA A 2558 -11.40 -2.46 43.39
CA ALA A 2558 -10.55 -2.16 44.55
C ALA A 2558 -9.54 -3.25 44.79
N ASP A 2559 -9.93 -4.52 44.54
CA ASP A 2559 -8.98 -5.62 44.67
C ASP A 2559 -7.86 -5.52 43.65
N VAL A 2560 -8.19 -5.07 42.42
CA VAL A 2560 -7.17 -4.93 41.39
C VAL A 2560 -6.21 -3.80 41.74
N VAL A 2561 -6.74 -2.64 42.12
CA VAL A 2561 -5.88 -1.49 42.38
C VAL A 2561 -5.07 -1.70 43.66
N ALA A 2562 -5.61 -2.47 44.61
CA ALA A 2562 -4.89 -2.71 45.86
C ALA A 2562 -3.78 -3.73 45.68
N ASN A 2563 -4.00 -4.74 44.83
CA ASN A 2563 -3.07 -5.86 44.68
C ASN A 2563 -2.18 -5.71 43.46
N SER A 2564 -1.78 -4.49 43.12
CA SER A 2564 -0.88 -4.25 42.00
C SER A 2564 0.13 -3.17 42.39
N GLU A 2565 1.39 -3.41 42.02
CA GLU A 2565 2.44 -2.43 42.25
C GLU A 2565 2.56 -1.43 41.10
N ASN A 2566 1.82 -1.62 40.01
CA ASN A 2566 1.86 -0.72 38.88
C ASN A 2566 1.16 0.60 39.22
N ASN A 2567 1.47 1.61 38.42
CA ASN A 2567 0.86 2.93 38.57
C ASN A 2567 -0.01 3.34 37.38
N TYR A 2568 -0.13 2.50 36.36
CA TYR A 2568 -0.97 2.77 35.21
C TYR A 2568 -2.07 1.73 35.12
N PHE A 2569 -3.30 2.17 34.93
CA PHE A 2569 -4.44 1.27 34.76
C PHE A 2569 -5.25 1.70 33.56
N THR A 2570 -5.57 0.73 32.71
CA THR A 2570 -6.42 0.94 31.55
C THR A 2570 -7.77 0.29 31.82
N MET A 2571 -8.82 1.10 31.84
CA MET A 2571 -10.16 0.64 32.18
C MET A 2571 -11.05 0.83 30.96
N ALA A 2572 -11.15 -0.20 30.13
CA ALA A 2572 -11.91 -0.13 28.90
C ALA A 2572 -13.33 -0.65 29.12
N SER A 2573 -14.26 -0.14 28.31
CA SER A 2573 -15.65 -0.56 28.39
C SER A 2573 -16.31 -0.28 27.06
N GLU A 2574 -17.47 -0.92 26.85
CA GLU A 2574 -18.25 -0.66 25.66
C GLU A 2574 -18.83 0.75 25.70
N ARG A 2575 -19.20 1.26 24.53
CA ARG A 2575 -19.81 2.57 24.46
C ARG A 2575 -21.20 2.55 25.09
N ASP A 2576 -21.68 3.74 25.44
CA ASP A 2576 -22.89 3.97 26.24
C ASP A 2576 -22.80 3.34 27.62
N VAL A 2577 -21.59 2.99 28.07
CA VAL A 2577 -21.34 2.51 29.42
C VAL A 2577 -20.05 3.17 29.91
N ASP A 2578 -20.11 3.81 31.07
CA ASP A 2578 -18.95 4.48 31.64
C ASP A 2578 -18.81 4.11 33.11
N GLY A 2579 -17.56 3.97 33.54
CA GLY A 2579 -17.27 3.62 34.92
C GLY A 2579 -16.44 4.68 35.62
N THR A 2580 -16.55 5.92 35.16
CA THR A 2580 -15.87 7.03 35.83
C THR A 2580 -16.40 7.22 37.25
N PHE A 2581 -17.72 7.09 37.43
CA PHE A 2581 -18.30 7.21 38.76
C PHE A 2581 -17.83 6.10 39.68
N LYS A 2582 -17.51 4.93 39.13
CA LYS A 2582 -16.92 3.86 39.94
C LYS A 2582 -15.56 4.28 40.49
N LEU A 2583 -14.74 4.90 39.65
CA LEU A 2583 -13.43 5.37 40.11
C LEU A 2583 -13.58 6.54 41.09
N ILE A 2584 -14.61 7.37 40.89
CA ILE A 2584 -14.89 8.44 41.84
C ILE A 2584 -15.26 7.86 43.20
N GLU A 2585 -16.09 6.82 43.21
CA GLU A 2585 -16.46 6.15 44.45
C GLU A 2585 -15.25 5.52 45.11
N LEU A 2586 -14.36 4.91 44.32
CA LEU A 2586 -13.15 4.32 44.87
C LEU A 2586 -12.24 5.38 45.47
N ALA A 2587 -12.08 6.52 44.79
CA ALA A 2587 -11.24 7.59 45.30
C ALA A 2587 -11.83 8.19 46.59
N LYS A 2588 -13.15 8.32 46.65
CA LYS A 2588 -13.79 8.80 47.87
C LYS A 2588 -13.60 7.79 49.01
N ALA A 2589 -13.64 6.49 48.68
CA ALA A 2589 -13.38 5.47 49.68
C ALA A 2589 -11.91 5.41 50.07
N SER A 2590 -11.02 5.91 49.22
CA SER A 2590 -9.59 5.90 49.48
C SER A 2590 -9.10 7.21 50.09
N LYS A 2591 -10.02 8.16 50.36
CA LYS A 2591 -9.69 9.47 50.91
C LYS A 2591 -8.66 10.20 50.04
N GLU A 2592 -8.79 10.05 48.74
CA GLU A 2592 -7.89 10.65 47.76
C GLU A 2592 -8.70 11.41 46.72
N SER A 2593 -8.16 12.55 46.30
CA SER A 2593 -8.85 13.48 45.40
C SER A 2593 -8.65 13.04 43.96
N LEU A 2594 -9.76 12.84 43.25
CA LEU A 2594 -9.75 12.46 41.84
C LEU A 2594 -9.93 13.71 40.98
N LYS A 2595 -9.13 13.83 39.93
CA LYS A 2595 -9.22 14.92 38.98
C LYS A 2595 -9.70 14.37 37.65
N ILE A 2596 -10.89 14.80 37.22
CA ILE A 2596 -11.52 14.33 36.00
C ILE A 2596 -11.26 15.37 34.91
N ILE A 2597 -10.52 14.96 33.87
CA ILE A 2597 -10.14 15.88 32.80
C ILE A 2597 -10.41 15.25 31.43
N PRO A 2598 -11.52 15.59 30.79
CA PRO A 2598 -11.83 15.00 29.47
C PRO A 2598 -10.94 15.56 28.38
N LEU A 2599 -10.87 14.83 27.28
CA LEU A 2599 -10.11 15.22 26.10
C LEU A 2599 -11.07 15.50 24.94
N GLY A 2600 -10.52 15.94 23.81
CA GLY A 2600 -11.33 16.21 22.64
C GLY A 2600 -10.87 17.40 21.81
N SER A 2601 -10.03 18.26 22.38
CA SER A 2601 -9.52 19.42 21.66
C SER A 2601 -8.06 19.65 22.07
N ILE A 2602 -7.39 20.51 21.30
CA ILE A 2602 -5.98 20.80 21.59
C ILE A 2602 -5.84 21.55 22.91
N GLU A 2603 -6.85 22.34 23.30
CA GLU A 2603 -6.86 22.93 24.63
C GLU A 2603 -6.96 21.84 25.70
N ASN A 2604 -7.78 20.82 25.45
CA ASN A 2604 -7.86 19.69 26.36
C ASN A 2604 -6.54 18.94 26.40
N LEU A 2605 -5.84 18.84 25.27
CA LEU A 2605 -4.52 18.20 25.27
C LEU A 2605 -3.51 18.98 26.10
N ASN A 2606 -3.52 20.30 25.98
CA ASN A 2606 -2.61 21.13 26.78
C ASN A 2606 -2.95 21.02 28.26
N TYR A 2607 -4.24 21.01 28.59
CA TYR A 2607 -4.66 20.86 29.98
C TYR A 2607 -4.24 19.51 30.53
N ALA A 2608 -4.39 18.44 29.73
CA ALA A 2608 -3.96 17.12 30.16
C ALA A 2608 -2.45 17.07 30.38
N GLN A 2609 -1.69 17.71 29.49
CA GLN A 2609 -0.23 17.73 29.64
C GLN A 2609 0.19 18.45 30.91
N GLU A 2610 -0.36 19.64 31.15
CA GLU A 2610 0.03 20.37 32.35
C GLU A 2610 -0.44 19.67 33.62
N GLU A 2611 -1.62 19.05 33.58
CA GLU A 2611 -2.13 18.35 34.75
C GLU A 2611 -1.32 17.10 35.05
N ILE A 2612 -0.93 16.34 34.02
CA ILE A 2612 -0.14 15.14 34.26
C ILE A 2612 1.27 15.51 34.70
N SER A 2613 1.81 16.64 34.21
CA SER A 2613 3.10 17.10 34.69
C SER A 2613 3.02 17.51 36.16
N LYS A 2614 1.97 18.24 36.53
CA LYS A 2614 1.79 18.66 37.92
C LYS A 2614 1.61 17.46 38.84
N SER A 2615 0.86 16.45 38.39
CA SER A 2615 0.72 15.21 39.15
C SER A 2615 2.04 14.46 39.29
N LYS A 2616 2.83 14.39 38.22
CA LYS A 2616 4.10 13.68 38.28
C LYS A 2616 5.15 14.39 39.13
N ILE A 2617 5.08 15.71 39.27
CA ILE A 2617 6.06 16.45 40.07
C ILE A 2617 5.61 16.59 41.52
N GLU A 2618 4.30 16.72 41.76
CA GLU A 2618 3.78 16.87 43.12
C GLU A 2618 3.04 15.64 43.62
N GLY A 2619 1.99 15.22 42.90
CA GLY A 2619 1.17 14.11 43.35
C GLY A 2619 -0.29 14.27 43.01
N GLY A 2620 -1.12 13.35 43.48
CA GLY A 2620 -2.54 13.38 43.23
C GLY A 2620 -2.92 12.55 42.02
N TRP A 2621 -4.10 11.93 42.09
CA TRP A 2621 -4.59 11.09 41.01
C TRP A 2621 -4.96 11.92 39.80
N ILE A 2622 -4.77 11.34 38.62
CA ILE A 2622 -5.25 11.91 37.37
C ILE A 2622 -5.97 10.81 36.59
N LEU A 2623 -7.14 11.14 36.06
CA LEU A 2623 -7.93 10.23 35.25
C LEU A 2623 -8.25 10.92 33.93
N LEU A 2624 -7.91 10.27 32.83
CA LEU A 2624 -8.15 10.81 31.49
C LEU A 2624 -9.30 10.05 30.85
N GLN A 2625 -10.27 10.77 30.31
CA GLN A 2625 -11.43 10.17 29.66
C GLN A 2625 -11.17 10.04 28.17
N ASN A 2626 -11.28 8.81 27.67
CA ASN A 2626 -11.25 8.51 26.24
C ASN A 2626 -9.96 9.00 25.59
N ILE A 2627 -8.85 8.34 25.94
CA ILE A 2627 -7.59 8.66 25.29
C ILE A 2627 -7.62 8.23 23.82
N GLN A 2628 -8.49 7.28 23.48
CA GLN A 2628 -8.81 6.93 22.11
C GLN A 2628 -9.34 8.12 21.31
N MET A 2629 -9.99 9.09 21.98
CA MET A 2629 -10.28 10.38 21.37
C MET A 2629 -9.00 11.10 20.95
N SER A 2630 -7.89 10.83 21.64
CA SER A 2630 -6.58 11.38 21.36
C SER A 2630 -5.60 10.26 21.06
N LEU A 2631 -6.04 9.35 20.18
CA LEU A 2631 -5.16 8.29 19.69
C LEU A 2631 -3.89 8.86 19.02
N SER A 2632 -3.97 10.09 18.52
CA SER A 2632 -2.76 10.77 18.06
C SER A 2632 -1.80 11.00 19.23
N TRP A 2633 -2.34 11.39 20.39
CA TRP A 2633 -1.52 11.49 21.59
C TRP A 2633 -1.02 10.11 22.03
N VAL A 2634 -1.79 9.06 21.72
CA VAL A 2634 -1.39 7.70 22.11
C VAL A 2634 -0.08 7.31 21.43
N LYS A 2635 -0.01 7.48 20.12
CA LYS A 2635 1.14 6.98 19.36
C LYS A 2635 2.36 7.87 19.53
N THR A 2636 2.17 9.16 19.79
CA THR A 2636 3.26 10.12 19.82
C THR A 2636 3.59 10.59 21.24
N TYR A 2637 2.59 11.13 21.96
CA TYR A 2637 2.87 11.71 23.26
C TYR A 2637 2.87 10.67 24.37
N LEU A 2638 1.84 9.83 24.44
CA LEU A 2638 1.75 8.83 25.49
C LEU A 2638 2.83 7.76 25.34
N HIS A 2639 3.17 7.42 24.09
CA HIS A 2639 4.24 6.47 23.84
C HIS A 2639 5.57 7.00 24.36
N LYS A 2640 5.85 8.29 24.13
CA LYS A 2640 7.06 8.89 24.66
C LYS A 2640 6.97 9.10 26.17
N HIS A 2641 5.75 9.10 26.72
CA HIS A 2641 5.58 9.34 28.15
C HIS A 2641 5.81 8.08 28.96
N VAL A 2642 5.04 7.02 28.71
CA VAL A 2642 5.07 5.85 29.59
C VAL A 2642 6.20 4.89 29.23
N GLU A 2643 6.52 4.73 27.95
CA GLU A 2643 7.53 3.74 27.57
C GLU A 2643 8.94 4.24 27.84
N GLU A 2644 9.18 5.55 27.68
CA GLU A 2644 10.51 6.12 27.84
C GLU A 2644 10.84 6.44 29.29
N THR A 2645 10.14 5.85 30.25
CA THR A 2645 10.39 6.07 31.66
C THR A 2645 10.28 4.75 32.42
N LYS A 2646 10.92 4.70 33.58
CA LYS A 2646 10.81 3.58 34.50
C LYS A 2646 9.58 3.79 35.39
N ALA A 2647 9.50 3.03 36.48
CA ALA A 2647 8.46 3.26 37.47
C ALA A 2647 8.55 4.66 38.03
N ALA A 2648 7.40 5.31 38.20
CA ALA A 2648 7.36 6.71 38.59
C ALA A 2648 7.79 6.88 40.04
N GLU A 2649 7.79 8.14 40.49
CA GLU A 2649 8.20 8.46 41.85
C GLU A 2649 7.24 7.81 42.87
N GLU A 2650 7.82 7.22 43.90
CA GLU A 2650 7.04 6.48 44.88
C GLU A 2650 6.30 7.40 45.85
N HIS A 2651 5.32 8.13 45.34
CA HIS A 2651 4.49 8.98 46.20
C HIS A 2651 3.44 8.13 46.92
N GLU A 2652 2.88 8.70 47.97
CA GLU A 2652 1.90 8.01 48.81
C GLU A 2652 0.51 8.18 48.20
N LYS A 2653 -0.13 7.05 47.91
CA LYS A 2653 -1.49 6.98 47.35
C LYS A 2653 -1.61 7.76 46.04
N PHE A 2654 -0.58 7.74 45.21
CA PHE A 2654 -0.56 8.49 43.96
C PHE A 2654 -0.42 7.52 42.79
N LYS A 2655 -1.41 7.54 41.91
CA LYS A 2655 -1.51 6.62 40.78
C LYS A 2655 -2.11 7.37 39.60
N MET A 2656 -1.98 6.78 38.41
CA MET A 2656 -2.46 7.38 37.18
C MET A 2656 -3.37 6.39 36.45
N PHE A 2657 -4.54 6.87 36.02
CA PHE A 2657 -5.54 6.02 35.41
C PHE A 2657 -5.81 6.48 33.98
N MET A 2658 -6.45 5.59 33.22
CA MET A 2658 -6.77 5.84 31.81
C MET A 2658 -7.92 4.92 31.42
N THR A 2659 -8.81 5.41 30.55
CA THR A 2659 -9.95 4.63 30.08
C THR A 2659 -9.98 4.64 28.55
N CYS A 2660 -10.59 3.61 27.98
CA CYS A 2660 -10.71 3.51 26.52
C CYS A 2660 -12.01 2.80 26.14
N HIS A 2661 -12.13 2.41 24.87
CA HIS A 2661 -13.32 1.72 24.39
C HIS A 2661 -12.90 0.46 23.64
N LEU A 2662 -13.63 -0.63 23.89
CA LEU A 2662 -13.29 -1.93 23.31
C LEU A 2662 -13.69 -2.06 21.85
N THR A 2663 -14.75 -1.36 21.42
CA THR A 2663 -15.35 -1.58 20.12
C THR A 2663 -14.72 -0.74 19.02
N GLY A 2664 -13.79 0.16 19.36
CA GLY A 2664 -13.24 1.08 18.40
C GLY A 2664 -11.89 0.67 17.87
N ASP A 2665 -11.13 1.67 17.40
CA ASP A 2665 -9.80 1.47 16.85
C ASP A 2665 -8.83 1.01 17.92
N LYS A 2666 -7.89 0.16 17.51
CA LYS A 2666 -6.90 -0.38 18.43
C LYS A 2666 -5.89 0.68 18.82
N LEU A 2667 -5.55 0.71 20.10
CA LEU A 2667 -4.52 1.59 20.63
C LEU A 2667 -3.15 0.94 20.46
N PRO A 2668 -2.08 1.62 20.89
CA PRO A 2668 -0.74 1.03 20.75
C PRO A 2668 -0.55 -0.14 21.69
N ALA A 2669 -0.12 -1.27 21.13
CA ALA A 2669 0.06 -2.49 21.92
C ALA A 2669 1.10 -2.38 23.04
N PRO A 2670 2.29 -1.78 22.85
CA PRO A 2670 3.23 -1.69 23.98
C PRO A 2670 2.68 -0.91 25.18
N LEU A 2671 1.85 0.12 24.93
CA LEU A 2671 1.22 0.84 26.03
C LEU A 2671 0.26 -0.06 26.80
N LEU A 2672 -0.41 -0.98 26.10
CA LEU A 2672 -1.19 -2.00 26.79
C LEU A 2672 -0.29 -2.91 27.61
N GLN A 2673 0.84 -3.33 27.03
CA GLN A 2673 1.73 -4.26 27.71
C GLN A 2673 2.39 -3.65 28.94
N ARG A 2674 2.55 -2.33 28.99
CA ARG A 2674 3.23 -1.67 30.09
C ARG A 2674 2.27 -1.24 31.20
N THR A 2675 0.98 -1.57 31.10
CA THR A 2675 0.00 -1.16 32.10
C THR A 2675 -0.91 -2.33 32.44
N ASP A 2676 -1.45 -2.32 33.65
CA ASP A 2676 -2.44 -3.31 34.05
C ASP A 2676 -3.78 -2.98 33.38
N ARG A 2677 -4.40 -3.98 32.77
CA ARG A 2677 -5.60 -3.78 31.98
C ARG A 2677 -6.81 -4.31 32.73
N VAL A 2678 -7.87 -3.50 32.76
CA VAL A 2678 -9.12 -3.86 33.43
C VAL A 2678 -10.27 -3.61 32.47
N VAL A 2679 -11.19 -4.56 32.38
CA VAL A 2679 -12.40 -4.43 31.58
C VAL A 2679 -13.57 -4.28 32.53
N TYR A 2680 -14.32 -3.20 32.39
CA TYR A 2680 -15.45 -2.92 33.26
C TYR A 2680 -16.76 -3.27 32.55
N GLU A 2681 -17.60 -4.03 33.23
CA GLU A 2681 -18.87 -4.48 32.68
C GLU A 2681 -19.99 -3.52 33.08
N ASP A 2682 -21.14 -3.72 32.44
CA ASP A 2682 -22.25 -2.79 32.54
C ASP A 2682 -22.98 -2.92 33.88
N ILE A 2683 -23.92 -2.02 34.09
CA ILE A 2683 -24.78 -2.01 35.27
C ILE A 2683 -26.24 -1.93 34.83
N PRO A 2684 -26.76 -2.95 34.13
CA PRO A 2684 -28.09 -2.79 33.50
C PRO A 2684 -29.25 -2.95 34.47
N GLY A 2685 -29.17 -2.29 35.63
CA GLY A 2685 -30.31 -2.20 36.51
C GLY A 2685 -31.23 -1.10 36.04
N ILE A 2686 -32.43 -1.48 35.57
CA ILE A 2686 -33.33 -0.49 34.97
C ILE A 2686 -33.81 0.50 36.02
N LEU A 2687 -34.28 -0.01 37.16
CA LEU A 2687 -34.63 0.87 38.26
C LEU A 2687 -33.42 1.64 38.77
N ASP A 2688 -32.25 1.00 38.76
CA ASP A 2688 -31.03 1.67 39.18
C ASP A 2688 -30.70 2.85 38.29
N THR A 2689 -30.87 2.70 36.97
CA THR A 2689 -30.52 3.80 36.08
C THR A 2689 -31.62 4.86 36.03
N VAL A 2690 -32.88 4.47 36.32
CA VAL A 2690 -33.91 5.49 36.56
C VAL A 2690 -33.52 6.33 37.77
N LYS A 2691 -33.09 5.68 38.85
CA LYS A 2691 -32.65 6.41 40.03
C LYS A 2691 -31.45 7.30 39.74
N ASP A 2692 -30.51 6.79 38.94
CA ASP A 2692 -29.32 7.55 38.61
C ASP A 2692 -29.66 8.78 37.77
N LEU A 2693 -30.60 8.64 36.83
CA LEU A 2693 -31.03 9.79 36.04
C LEU A 2693 -31.80 10.79 36.87
N TRP A 2694 -32.67 10.30 37.77
CA TRP A 2694 -33.52 11.19 38.54
C TRP A 2694 -32.73 11.95 39.60
N GLY A 2695 -31.80 11.29 40.28
CA GLY A 2695 -31.06 11.92 41.35
C GLY A 2695 -29.99 12.90 40.93
N SER A 2696 -29.61 12.90 39.65
CA SER A 2696 -28.63 13.84 39.13
C SER A 2696 -29.25 15.05 38.47
N GLN A 2697 -30.58 15.16 38.46
CA GLN A 2697 -31.28 16.24 37.77
C GLN A 2697 -31.64 17.32 38.78
N PHE A 2698 -31.02 18.49 38.64
CA PHE A 2698 -31.36 19.67 39.46
C PHE A 2698 -32.45 20.42 38.72
N PHE A 2699 -33.68 20.27 39.16
CA PHE A 2699 -34.83 20.78 38.42
C PHE A 2699 -34.93 22.30 38.57
N THR A 2700 -34.80 23.01 37.45
CA THR A 2700 -34.96 24.45 37.40
C THR A 2700 -35.36 24.86 36.00
N GLY A 2701 -36.05 25.98 35.90
CA GLY A 2701 -36.50 26.47 34.61
C GLY A 2701 -37.71 27.37 34.77
N LYS A 2702 -38.23 27.80 33.62
CA LYS A 2702 -39.43 28.63 33.61
C LYS A 2702 -40.63 27.88 34.19
N ILE A 2703 -40.80 26.62 33.78
CA ILE A 2703 -41.82 25.76 34.35
C ILE A 2703 -41.17 25.04 35.53
N SER A 2704 -41.47 25.49 36.75
CA SER A 2704 -40.80 25.00 37.94
C SER A 2704 -41.08 23.53 38.20
N GLY A 2705 -42.33 23.20 38.56
CA GLY A 2705 -42.64 21.82 38.90
C GLY A 2705 -44.04 21.35 38.58
N VAL A 2706 -44.83 22.15 37.87
CA VAL A 2706 -46.21 21.75 37.61
C VAL A 2706 -46.25 20.61 36.59
N TRP A 2707 -45.41 20.66 35.56
CA TRP A 2707 -45.31 19.57 34.59
C TRP A 2707 -43.89 19.24 34.16
N SER A 2708 -42.91 20.11 34.43
CA SER A 2708 -41.55 19.86 33.98
C SER A 2708 -40.93 18.66 34.70
N VAL A 2709 -41.18 18.54 36.00
CA VAL A 2709 -40.62 17.41 36.75
C VAL A 2709 -41.29 16.11 36.34
N TYR A 2710 -42.60 16.14 36.02
CA TYR A 2710 -43.27 14.95 35.53
C TYR A 2710 -42.73 14.53 34.17
N CYS A 2711 -42.52 15.51 33.27
CA CYS A 2711 -41.97 15.18 31.97
C CYS A 2711 -40.53 14.68 32.08
N THR A 2712 -39.77 15.22 33.03
CA THR A 2712 -38.40 14.74 33.25
C THR A 2712 -38.42 13.32 33.81
N PHE A 2713 -39.40 13.00 34.65
CA PHE A 2713 -39.55 11.63 35.15
C PHE A 2713 -39.86 10.67 34.00
N LEU A 2714 -40.81 11.04 33.14
CA LEU A 2714 -41.13 10.20 32.00
C LEU A 2714 -39.94 10.05 31.07
N LEU A 2715 -39.17 11.12 30.90
CA LEU A 2715 -38.01 11.06 30.02
C LEU A 2715 -36.89 10.22 30.62
N SER A 2716 -36.71 10.28 31.94
CA SER A 2716 -35.73 9.42 32.60
C SER A 2716 -36.10 7.96 32.43
N TRP A 2717 -37.39 7.64 32.59
CA TRP A 2717 -37.84 6.27 32.34
C TRP A 2717 -37.59 5.85 30.89
N PHE A 2718 -37.93 6.73 29.93
CA PHE A 2718 -37.74 6.41 28.53
C PHE A 2718 -36.27 6.18 28.19
N HIS A 2719 -35.40 7.04 28.71
CA HIS A 2719 -33.97 6.88 28.47
C HIS A 2719 -33.45 5.60 29.11
N ALA A 2720 -34.04 5.21 30.25
CA ALA A 2720 -33.64 3.96 30.89
C ALA A 2720 -34.02 2.75 30.05
N LEU A 2721 -35.28 2.69 29.60
CA LEU A 2721 -35.69 1.54 28.79
C LEU A 2721 -35.05 1.55 27.40
N ILE A 2722 -34.53 2.69 26.97
CA ILE A 2722 -33.90 2.68 25.64
C ILE A 2722 -32.40 2.40 25.76
N THR A 2723 -31.77 2.74 26.89
CA THR A 2723 -30.35 2.47 27.04
C THR A 2723 -30.10 1.08 27.58
N ALA A 2724 -31.15 0.42 28.07
CA ALA A 2724 -31.00 -0.97 28.50
C ALA A 2724 -31.33 -1.93 27.36
N ARG A 2725 -32.15 -1.48 26.41
CA ARG A 2725 -32.50 -2.33 25.28
C ARG A 2725 -31.35 -2.44 24.29
N THR A 2726 -30.48 -1.43 24.24
CA THR A 2726 -29.36 -1.46 23.29
C THR A 2726 -28.28 -2.46 23.69
N ARG A 2727 -28.33 -3.01 24.90
CA ARG A 2727 -27.39 -4.06 25.31
C ARG A 2727 -27.69 -5.39 24.64
N LEU A 2728 -28.94 -5.64 24.25
CA LEU A 2728 -29.33 -6.88 23.60
C LEU A 2728 -29.25 -6.64 22.09
N VAL A 2729 -28.08 -6.93 21.53
CA VAL A 2729 -27.74 -6.62 20.14
C VAL A 2729 -28.65 -7.31 19.13
N PRO A 2730 -28.90 -8.63 19.16
CA PRO A 2730 -29.68 -9.23 18.08
C PRO A 2730 -31.18 -9.21 18.29
N HIS A 2731 -31.62 -8.90 19.51
CA HIS A 2731 -33.04 -9.01 19.85
C HIS A 2731 -33.67 -7.68 20.24
N GLY A 2732 -33.03 -6.92 21.14
CA GLY A 2732 -33.59 -5.65 21.53
C GLY A 2732 -33.61 -4.64 20.40
N PHE A 2733 -32.48 -4.50 19.71
CA PHE A 2733 -32.37 -3.71 18.49
C PHE A 2733 -31.98 -4.65 17.35
N SER A 2734 -31.81 -4.08 16.17
CA SER A 2734 -31.24 -4.81 15.04
C SER A 2734 -29.77 -4.48 14.81
N LYS A 2735 -29.21 -3.58 15.61
CA LYS A 2735 -27.83 -3.14 15.49
C LYS A 2735 -27.47 -2.45 16.80
N LYS A 2736 -26.20 -2.57 17.20
CA LYS A 2736 -25.71 -1.98 18.44
C LYS A 2736 -25.64 -0.46 18.27
N TYR A 2737 -26.70 0.22 18.70
CA TYR A 2737 -26.75 1.67 18.74
C TYR A 2737 -26.22 2.17 20.09
N TYR A 2738 -26.01 3.47 20.16
CA TYR A 2738 -25.50 4.10 21.38
C TYR A 2738 -26.27 5.37 21.66
N PHE A 2739 -27.00 5.39 22.77
CA PHE A 2739 -27.72 6.56 23.24
C PHE A 2739 -27.06 7.06 24.52
N ASN A 2740 -26.97 8.38 24.65
CA ASN A 2740 -26.15 8.98 25.69
C ASN A 2740 -26.91 10.13 26.33
N ASP A 2741 -26.20 10.91 27.15
CA ASP A 2741 -26.82 11.97 27.93
C ASP A 2741 -27.22 13.16 27.06
N CYS A 2742 -26.55 13.36 25.93
CA CYS A 2742 -26.89 14.47 25.04
C CYS A 2742 -28.27 14.30 24.45
N ASP A 2743 -28.63 13.06 24.09
CA ASP A 2743 -29.98 12.78 23.60
C ASP A 2743 -31.02 13.07 24.68
N PHE A 2744 -30.71 12.71 25.92
CA PHE A 2744 -31.57 13.05 27.04
C PHE A 2744 -31.71 14.56 27.20
N GLN A 2745 -30.61 15.30 27.05
CA GLN A 2745 -30.65 16.76 27.20
C GLN A 2745 -31.51 17.41 26.11
N PHE A 2746 -31.38 16.94 24.87
CA PHE A 2746 -32.15 17.54 23.79
C PHE A 2746 -33.63 17.18 23.90
N ALA A 2747 -33.93 15.94 24.31
CA ALA A 2747 -35.32 15.58 24.58
C ALA A 2747 -35.89 16.42 25.71
N SER A 2748 -35.07 16.68 26.75
CA SER A 2748 -35.53 17.50 27.86
C SER A 2748 -35.81 18.93 27.44
N VAL A 2749 -34.95 19.51 26.60
CA VAL A 2749 -35.18 20.89 26.18
C VAL A 2749 -36.38 20.98 25.24
N TYR A 2750 -36.61 19.94 24.44
CA TYR A 2750 -37.81 19.92 23.60
C TYR A 2750 -39.08 19.84 24.46
N LEU A 2751 -39.07 18.98 25.49
CA LEU A 2751 -40.22 18.89 26.38
C LEU A 2751 -40.44 20.21 27.13
N GLU A 2752 -39.36 20.85 27.56
CA GLU A 2752 -39.47 22.14 28.23
C GLU A 2752 -40.10 23.18 27.30
N ASN A 2753 -39.69 23.20 26.03
CA ASN A 2753 -40.23 24.18 25.10
C ASN A 2753 -41.70 23.92 24.79
N VAL A 2754 -42.08 22.66 24.56
CA VAL A 2754 -43.47 22.37 24.21
C VAL A 2754 -44.38 22.61 25.42
N LEU A 2755 -43.86 22.40 26.63
CA LEU A 2755 -44.65 22.67 27.83
C LEU A 2755 -44.76 24.16 28.10
N ALA A 2756 -43.69 24.92 27.83
CA ALA A 2756 -43.73 26.35 28.08
C ALA A 2756 -44.62 27.06 27.08
N THR A 2757 -44.54 26.69 25.80
CA THR A 2757 -45.28 27.39 24.76
C THR A 2757 -46.74 26.96 24.67
N ASN A 2758 -47.14 25.89 25.34
CA ASN A 2758 -48.54 25.43 25.35
C ASN A 2758 -49.00 25.36 26.80
N SER A 2759 -49.49 26.48 27.31
CA SER A 2759 -49.90 26.59 28.70
C SER A 2759 -51.34 26.16 28.95
N THR A 2760 -52.04 25.68 27.92
CA THR A 2760 -53.44 25.30 28.07
C THR A 2760 -53.60 23.95 28.77
N ASN A 2761 -52.49 23.28 29.10
CA ASN A 2761 -52.39 21.99 29.76
C ASN A 2761 -53.11 20.86 29.01
N ASN A 2762 -53.58 21.11 27.80
CA ASN A 2762 -53.99 20.04 26.88
C ASN A 2762 -52.81 19.74 25.95
N ILE A 2763 -51.81 19.09 26.55
CA ILE A 2763 -50.48 19.02 25.93
C ILE A 2763 -50.52 18.09 24.73
N PRO A 2764 -50.06 18.54 23.56
CA PRO A 2764 -50.07 17.67 22.37
C PRO A 2764 -49.02 16.59 22.43
N TRP A 2765 -49.35 15.47 23.08
CA TRP A 2765 -48.39 14.39 23.24
C TRP A 2765 -48.02 13.76 21.89
N ALA A 2766 -48.85 13.95 20.86
CA ALA A 2766 -48.48 13.47 19.53
C ALA A 2766 -47.26 14.19 19.00
N GLN A 2767 -47.15 15.50 19.25
CA GLN A 2767 -45.96 16.25 18.85
C GLN A 2767 -44.72 15.72 19.53
N VAL A 2768 -44.80 15.45 20.84
CA VAL A 2768 -43.66 14.94 21.59
C VAL A 2768 -43.29 13.55 21.08
N ARG A 2769 -44.28 12.69 20.85
CA ARG A 2769 -44.02 11.34 20.37
C ARG A 2769 -43.32 11.36 19.01
N ASP A 2770 -43.84 12.14 18.07
CA ASP A 2770 -43.24 12.17 16.74
C ASP A 2770 -41.85 12.81 16.76
N HIS A 2771 -41.67 13.88 17.54
CA HIS A 2771 -40.38 14.57 17.53
C HIS A 2771 -39.32 13.73 18.24
N ILE A 2772 -39.72 12.93 19.22
CA ILE A 2772 -38.76 12.03 19.85
C ILE A 2772 -38.44 10.86 18.93
N ALA A 2773 -39.46 10.26 18.31
CA ALA A 2773 -39.28 9.03 17.56
C ALA A 2773 -38.81 9.26 16.12
N THR A 2774 -38.66 10.50 15.68
CA THR A 2774 -38.17 10.77 14.34
C THR A 2774 -36.90 11.60 14.32
N ILE A 2775 -36.78 12.59 15.19
CA ILE A 2775 -35.65 13.53 15.11
C ILE A 2775 -34.71 13.39 16.30
N VAL A 2776 -35.25 13.36 17.52
CA VAL A 2776 -34.40 13.39 18.70
C VAL A 2776 -33.76 12.03 18.94
N TYR A 2777 -34.55 10.98 19.03
CA TYR A 2777 -34.03 9.63 19.26
C TYR A 2777 -34.01 8.78 18.00
N GLY A 2778 -34.58 9.26 16.89
CA GLY A 2778 -34.57 8.50 15.65
C GLY A 2778 -33.59 9.03 14.63
N GLY A 2779 -32.71 9.93 15.06
CA GLY A 2779 -31.78 10.53 14.12
C GLY A 2779 -30.68 9.59 13.68
N LYS A 2780 -29.91 9.07 14.64
CA LYS A 2780 -28.75 8.24 14.30
C LYS A 2780 -29.15 6.88 13.75
N ILE A 2781 -30.41 6.49 13.93
CA ILE A 2781 -30.87 5.16 13.58
C ILE A 2781 -31.03 5.07 12.05
N ASP A 2782 -30.73 3.90 11.50
CA ASP A 2782 -30.83 3.67 10.06
C ASP A 2782 -31.98 2.75 9.67
N GLU A 2783 -32.12 1.59 10.32
CA GLU A 2783 -33.12 0.61 9.94
C GLU A 2783 -34.52 1.10 10.31
N GLU A 2784 -35.51 0.57 9.60
CA GLU A 2784 -36.92 0.93 9.81
C GLU A 2784 -37.52 0.27 11.04
N LYS A 2785 -37.18 -1.00 11.30
CA LYS A 2785 -37.74 -1.70 12.44
C LYS A 2785 -37.26 -1.10 13.76
N ASP A 2786 -36.05 -0.55 13.76
CA ASP A 2786 -35.55 0.10 14.96
C ASP A 2786 -36.23 1.45 15.20
N LEU A 2787 -36.54 2.18 14.12
CA LEU A 2787 -37.44 3.34 14.25
C LEU A 2787 -38.78 2.91 14.81
N GLU A 2788 -39.30 1.76 14.36
CA GLU A 2788 -40.57 1.26 14.86
C GLU A 2788 -40.51 0.95 16.36
N VAL A 2789 -39.42 0.33 16.81
CA VAL A 2789 -39.35 -0.05 18.22
C VAL A 2789 -39.13 1.18 19.10
N VAL A 2790 -38.40 2.17 18.60
CA VAL A 2790 -38.23 3.42 19.35
C VAL A 2790 -39.56 4.18 19.42
N ALA A 2791 -40.33 4.16 18.33
CA ALA A 2791 -41.66 4.75 18.36
C ALA A 2791 -42.57 4.02 19.33
N LYS A 2792 -42.46 2.69 19.40
CA LYS A 2792 -43.25 1.92 20.35
C LYS A 2792 -42.89 2.28 21.79
N LEU A 2793 -41.60 2.38 22.09
CA LEU A 2793 -41.17 2.75 23.44
C LEU A 2793 -41.64 4.16 23.80
N CYS A 2794 -41.52 5.10 22.87
CA CYS A 2794 -41.93 6.47 23.15
C CYS A 2794 -43.45 6.58 23.31
N ALA A 2795 -44.20 5.77 22.55
CA ALA A 2795 -45.65 5.76 22.69
C ALA A 2795 -46.06 5.14 24.01
N HIS A 2796 -45.33 4.13 24.48
CA HIS A 2796 -45.64 3.54 25.77
C HIS A 2796 -45.28 4.48 26.92
N VAL A 2797 -44.20 5.25 26.75
CA VAL A 2797 -43.77 6.12 27.84
C VAL A 2797 -44.53 7.45 27.82
N PHE A 2798 -44.58 8.10 26.66
CA PHE A 2798 -45.17 9.43 26.54
C PHE A 2798 -46.63 9.39 26.08
N CYS A 2799 -47.38 8.39 26.53
CA CYS A 2799 -48.79 8.29 26.16
C CYS A 2799 -49.61 9.43 26.75
N GLY A 2800 -49.23 9.94 27.91
CA GLY A 2800 -49.91 11.07 28.52
C GLY A 2800 -51.33 10.79 28.96
N SER A 2801 -51.62 9.58 29.42
CA SER A 2801 -52.94 9.21 29.90
C SER A 2801 -53.04 9.51 31.40
N ASP A 2802 -54.27 9.43 31.92
CA ASP A 2802 -54.51 9.72 33.33
C ASP A 2802 -53.81 8.72 34.22
N ASN A 2803 -53.87 7.44 33.88
CA ASN A 2803 -53.13 6.39 34.57
C ASN A 2803 -52.34 5.56 33.56
N LEU A 2804 -51.06 5.36 33.84
CA LEU A 2804 -50.19 4.58 32.97
C LEU A 2804 -49.31 3.68 33.82
N GLN A 2805 -49.03 2.49 33.30
CA GLN A 2805 -48.09 1.57 33.95
C GLN A 2805 -46.80 1.61 33.13
N ILE A 2806 -45.80 2.31 33.66
CA ILE A 2806 -44.50 2.38 32.99
C ILE A 2806 -43.86 1.00 32.94
N VAL A 2807 -44.04 0.21 34.00
CA VAL A 2807 -43.71 -1.20 34.03
C VAL A 2807 -44.88 -1.93 34.67
N PRO A 2808 -44.98 -3.27 34.52
CA PRO A 2808 -46.06 -4.01 35.17
C PRO A 2808 -46.12 -3.88 36.70
N GLY A 2809 -45.11 -3.29 37.32
CA GLY A 2809 -45.08 -3.13 38.76
C GLY A 2809 -45.45 -1.74 39.27
N VAL A 2810 -45.19 -0.70 38.49
CA VAL A 2810 -45.38 0.67 38.93
C VAL A 2810 -46.48 1.32 38.10
N ARG A 2811 -47.34 2.07 38.79
CA ARG A 2811 -48.33 2.92 38.16
C ARG A 2811 -48.09 4.36 38.60
N ILE A 2812 -48.08 5.27 37.62
CA ILE A 2812 -47.72 6.67 37.87
C ILE A 2812 -48.97 7.54 37.75
N PRO A 2813 -49.37 8.25 38.81
CA PRO A 2813 -50.49 9.19 38.70
C PRO A 2813 -50.02 10.52 38.12
N GLN A 2814 -50.90 11.16 37.35
CA GLN A 2814 -50.59 12.47 36.81
C GLN A 2814 -50.60 13.53 37.91
N PRO A 2815 -49.84 14.61 37.74
CA PRO A 2815 -49.87 15.68 38.75
C PRO A 2815 -51.24 16.32 38.86
N LEU A 2816 -51.59 16.70 40.08
CA LEU A 2816 -52.84 17.41 40.34
C LEU A 2816 -52.55 18.90 40.22
N LEU A 2817 -53.60 19.74 40.31
CA LEU A 2817 -53.46 21.18 40.10
C LEU A 2817 -53.22 21.94 41.40
N GLN A 2818 -52.94 21.25 42.50
CA GLN A 2818 -52.75 21.92 43.78
C GLN A 2818 -51.46 21.48 44.48
N GLN A 2819 -50.35 21.43 43.74
CA GLN A 2819 -49.06 21.11 44.33
C GLN A 2819 -47.99 22.08 43.84
N SER A 2820 -46.91 22.16 44.60
CA SER A 2820 -45.71 22.90 44.25
C SER A 2820 -44.68 21.95 43.66
N GLU A 2821 -43.49 22.49 43.38
CA GLU A 2821 -42.44 21.66 42.81
C GLU A 2821 -41.89 20.68 43.83
N GLU A 2822 -41.81 21.09 45.11
CA GLU A 2822 -41.21 20.24 46.12
C GLU A 2822 -42.08 19.03 46.44
N GLU A 2823 -43.40 19.23 46.57
CA GLU A 2823 -44.30 18.13 46.86
C GLU A 2823 -44.31 17.12 45.72
N GLU A 2824 -44.35 17.59 44.47
CA GLU A 2824 -44.37 16.68 43.33
C GLU A 2824 -43.04 15.94 43.20
N ARG A 2825 -41.92 16.64 43.42
CA ARG A 2825 -40.62 15.99 43.38
C ARG A 2825 -40.51 14.90 44.44
N ALA A 2826 -40.98 15.20 45.66
CA ALA A 2826 -40.95 14.21 46.74
C ALA A 2826 -41.86 13.03 46.43
N ARG A 2827 -43.04 13.30 45.85
CA ARG A 2827 -43.96 12.21 45.50
C ARG A 2827 -43.36 11.29 44.45
N LEU A 2828 -42.75 11.86 43.42
CA LEU A 2828 -42.14 11.04 42.37
C LEU A 2828 -40.93 10.28 42.89
N THR A 2829 -40.15 10.90 43.79
CA THR A 2829 -39.05 10.19 44.42
C THR A 2829 -39.54 9.03 45.26
N ALA A 2830 -40.66 9.21 45.96
CA ALA A 2830 -41.22 8.13 46.76
C ALA A 2830 -41.75 7.01 45.87
N ILE A 2831 -42.36 7.36 44.73
CA ILE A 2831 -42.82 6.36 43.77
C ILE A 2831 -41.65 5.57 43.22
N LEU A 2832 -40.53 6.25 42.97
CA LEU A 2832 -39.32 5.57 42.52
C LEU A 2832 -38.76 4.65 43.61
N SER A 2833 -38.74 5.13 44.86
CA SER A 2833 -37.98 4.46 45.91
C SER A 2833 -38.61 3.13 46.34
N ASN A 2834 -39.95 3.09 46.45
CA ASN A 2834 -40.59 1.89 46.96
C ASN A 2834 -40.62 0.76 45.95
N THR A 2835 -40.22 1.02 44.71
CA THR A 2835 -40.17 -0.02 43.68
C THR A 2835 -39.02 -0.98 43.96
N ILE A 2836 -39.28 -2.27 43.76
CA ILE A 2836 -38.25 -3.30 43.79
C ILE A 2836 -38.21 -3.97 42.43
N GLU A 2837 -37.04 -3.97 41.79
CA GLU A 2837 -36.93 -4.52 40.44
C GLU A 2837 -36.95 -6.05 40.49
N PRO A 2838 -37.73 -6.71 39.64
CA PRO A 2838 -37.69 -8.17 39.58
C PRO A 2838 -36.45 -8.66 38.86
N ALA A 2839 -36.23 -9.98 38.95
CA ALA A 2839 -35.04 -10.58 38.35
C ALA A 2839 -35.12 -10.66 36.83
N ASP A 2840 -36.31 -10.51 36.24
CA ASP A 2840 -36.50 -10.55 34.80
C ASP A 2840 -36.67 -9.15 34.23
N SER A 2841 -35.88 -8.20 34.76
CA SER A 2841 -36.01 -6.80 34.34
C SER A 2841 -35.69 -6.64 32.85
N LEU A 2842 -34.76 -7.42 32.33
CA LEU A 2842 -34.44 -7.33 30.90
C LEU A 2842 -35.53 -7.95 30.03
N SER A 2843 -36.50 -8.62 30.63
CA SER A 2843 -37.58 -9.27 29.87
C SER A 2843 -38.95 -8.68 30.16
N SER A 2844 -39.33 -8.57 31.43
CA SER A 2844 -40.66 -8.09 31.78
C SER A 2844 -40.80 -6.58 31.63
N TRP A 2845 -39.73 -5.83 31.89
CA TRP A 2845 -39.82 -4.38 31.92
C TRP A 2845 -39.64 -3.73 30.55
N LEU A 2846 -38.84 -4.33 29.66
CA LEU A 2846 -38.61 -3.78 28.33
C LEU A 2846 -39.64 -4.25 27.31
N GLN A 2847 -40.66 -4.99 27.74
CA GLN A 2847 -41.71 -5.53 26.87
C GLN A 2847 -41.12 -6.40 25.76
N LEU A 2848 -40.45 -7.46 26.20
CA LEU A 2848 -39.82 -8.43 25.31
C LEU A 2848 -40.32 -9.83 25.64
N PRO A 2849 -40.48 -10.68 24.62
CA PRO A 2849 -40.85 -12.07 24.90
C PRO A 2849 -39.73 -12.80 25.61
N ARG A 2850 -40.11 -13.72 26.50
CA ARG A 2850 -39.12 -14.52 27.22
C ARG A 2850 -38.42 -15.50 26.27
N GLU A 2851 -39.09 -15.88 25.19
CA GLU A 2851 -38.48 -16.77 24.20
C GLU A 2851 -37.31 -16.10 23.50
N SER A 2852 -37.43 -14.80 23.22
CA SER A 2852 -36.36 -14.07 22.54
C SER A 2852 -35.12 -13.96 23.43
N ILE A 2853 -35.31 -13.61 24.70
CA ILE A 2853 -34.16 -13.52 25.60
C ILE A 2853 -33.60 -14.91 25.88
N LEU A 2854 -34.44 -15.95 25.88
CA LEU A 2854 -33.93 -17.30 26.04
C LEU A 2854 -33.08 -17.71 24.85
N ASP A 2855 -33.51 -17.33 23.63
CA ASP A 2855 -32.72 -17.62 22.44
C ASP A 2855 -31.40 -16.85 22.46
N TYR A 2856 -31.42 -15.61 22.93
CA TYR A 2856 -30.18 -14.83 23.04
C TYR A 2856 -29.23 -15.48 24.04
N GLU A 2857 -29.76 -15.95 25.17
CA GLU A 2857 -28.93 -16.65 26.14
C GLU A 2857 -28.39 -17.95 25.56
N ARG A 2858 -29.20 -18.66 24.78
CA ARG A 2858 -28.74 -19.88 24.12
C ARG A 2858 -27.62 -19.60 23.14
N LEU A 2859 -27.74 -18.52 22.36
CA LEU A 2859 -26.68 -18.16 21.42
C LEU A 2859 -25.41 -17.77 22.13
N GLN A 2860 -25.53 -17.04 23.25
CA GLN A 2860 -24.36 -16.72 24.06
C GLN A 2860 -23.69 -17.98 24.59
N ALA A 2861 -24.50 -18.94 25.08
CA ALA A 2861 -23.96 -20.19 25.59
C ALA A 2861 -23.27 -20.99 24.48
N LYS A 2862 -23.86 -21.02 23.29
CA LYS A 2862 -23.25 -21.74 22.18
C LYS A 2862 -21.91 -21.11 21.78
N GLU A 2863 -21.86 -19.78 21.72
CA GLU A 2863 -20.60 -19.11 21.41
C GLU A 2863 -19.54 -19.41 22.45
N VAL A 2864 -19.91 -19.35 23.73
CA VAL A 2864 -18.96 -19.58 24.82
C VAL A 2864 -18.44 -21.02 24.78
N ALA A 2865 -19.34 -21.98 24.61
CA ALA A 2865 -18.95 -23.38 24.62
C ALA A 2865 -18.14 -23.74 23.37
N SER A 2866 -18.48 -23.16 22.22
CA SER A 2866 -17.69 -23.39 21.02
C SER A 2866 -16.29 -22.82 21.16
N SER A 2867 -16.17 -21.63 21.77
CA SER A 2867 -14.85 -21.07 22.04
C SER A 2867 -14.05 -21.96 23.00
N THR A 2868 -14.73 -22.52 24.01
CA THR A 2868 -14.05 -23.44 24.91
C THR A 2868 -13.58 -24.70 24.19
N GLU A 2869 -14.41 -25.25 23.31
CA GLU A 2869 -14.01 -26.43 22.54
C GLU A 2869 -12.82 -26.13 21.65
N GLN A 2870 -12.83 -24.97 20.99
CA GLN A 2870 -11.71 -24.59 20.13
C GLN A 2870 -10.43 -24.38 20.94
N LEU A 2871 -10.56 -23.81 22.15
CA LEU A 2871 -9.40 -23.67 23.02
C LEU A 2871 -8.86 -25.01 23.48
N LEU A 2872 -9.74 -25.94 23.86
CA LEU A 2872 -9.31 -27.22 24.43
C LEU A 2872 -8.84 -28.20 23.38
N GLN A 2873 -9.23 -28.04 22.12
CA GLN A 2873 -8.80 -28.94 21.06
C GLN A 2873 -7.37 -28.69 20.59
N GLU A 2874 -6.73 -27.62 21.05
CA GLU A 2874 -5.36 -27.34 20.67
C GLU A 2874 -4.43 -27.45 21.87
PG ATP B . -8.28 5.80 -31.78
O1G ATP B . -9.15 7.01 -31.71
O2G ATP B . -7.90 5.41 -33.21
O3G ATP B . -7.02 5.88 -30.93
PB ATP B . -9.14 2.96 -31.48
O1B ATP B . -7.84 2.29 -31.24
O2B ATP B . -10.30 2.42 -30.65
O3B ATP B . -9.05 4.51 -31.23
PA ATP B . -10.73 3.53 -33.89
O1A ATP B . -10.66 5.01 -33.85
O2A ATP B . -12.04 2.93 -33.41
O3A ATP B . -9.58 2.90 -33.00
O5' ATP B . -10.42 2.98 -35.34
C5' ATP B . -11.41 2.22 -36.07
C4' ATP B . -11.00 2.13 -37.51
O4' ATP B . -12.05 1.49 -38.26
C3' ATP B . -10.80 3.47 -38.22
O3' ATP B . -9.47 3.92 -38.05
C2' ATP B . -11.10 3.13 -39.69
O2' ATP B . -9.90 2.96 -40.45
C1' ATP B . -11.90 1.83 -39.62
N9 ATP B . -13.22 1.90 -40.22
C8 ATP B . -13.67 2.84 -41.11
N7 ATP B . -14.91 2.68 -41.49
C5 ATP B . -15.31 1.54 -40.81
C6 ATP B . -16.53 0.83 -40.78
N6 ATP B . -17.61 1.17 -41.48
N1 ATP B . -16.60 -0.27 -39.99
C2 ATP B . -15.53 -0.62 -39.29
N3 ATP B . -14.33 -0.03 -39.24
C4 ATP B . -14.28 1.05 -40.03
PB ADP C . -23.28 14.28 -2.04
O1B ADP C . -23.23 15.66 -2.65
O2B ADP C . -22.10 13.40 -2.39
O3B ADP C . -23.67 14.26 -0.59
PA ADP C . -26.03 14.07 -2.58
O1A ADP C . -26.83 12.95 -1.99
O2A ADP C . -25.99 15.42 -1.91
O3A ADP C . -24.52 13.56 -2.79
O5' ADP C . -26.53 14.30 -4.09
C5' ADP C . -27.38 15.40 -4.39
C4' ADP C . -28.40 14.95 -5.43
O4' ADP C . -29.67 14.74 -4.81
C3' ADP C . -28.62 15.99 -6.50
O3' ADP C . -27.97 15.59 -7.70
C2' ADP C . -30.11 16.06 -6.72
O2' ADP C . -30.43 15.60 -8.03
C1' ADP C . -30.73 15.12 -5.69
N9 ADP C . -31.81 15.80 -4.93
C8 ADP C . -31.85 15.96 -3.60
N7 ADP C . -32.98 16.61 -3.21
C5 ADP C . -33.69 16.87 -4.31
C6 ADP C . -34.98 17.53 -4.60
N6 ADP C . -35.74 18.05 -3.61
N1 ADP C . -35.37 17.60 -5.89
C2 ADP C . -34.61 17.10 -6.88
N3 ADP C . -33.44 16.47 -6.69
C4 ADP C . -32.93 16.34 -5.44
PB ADP D . 21.07 -10.26 -29.90
O1B ADP D . 21.97 -11.32 -29.31
O2B ADP D . 20.25 -9.52 -28.88
O3B ADP D . 21.76 -9.37 -30.91
PA ADP D . 19.12 -12.28 -30.16
O1A ADP D . 17.72 -12.18 -30.71
O2A ADP D . 19.32 -12.25 -28.66
O3A ADP D . 19.99 -11.08 -30.78
O5' ADP D . 19.81 -13.61 -30.77
C5' ADP D . 21.04 -13.52 -31.49
C4' ADP D . 21.86 -14.80 -31.38
O4' ADP D . 21.23 -15.88 -32.07
C3' ADP D . 23.22 -14.59 -32.04
O3' ADP D . 24.25 -14.73 -31.06
C2' ADP D . 23.35 -15.66 -33.08
O2' ADP D . 24.58 -16.38 -32.88
C1' ADP D . 22.17 -16.60 -32.89
N9 ADP D . 21.49 -16.97 -34.16
C8 ADP D . 20.17 -17.17 -34.26
N7 ADP D . 19.79 -17.51 -35.51
C5 ADP D . 20.91 -17.55 -36.26
C6 ADP D . 21.22 -17.85 -37.67
N6 ADP D . 20.24 -18.18 -38.55
N1 ADP D . 22.51 -17.79 -38.07
C2 ADP D . 23.49 -17.47 -37.21
N3 ADP D . 23.28 -17.19 -35.91
C4 ADP D . 22.03 -17.21 -35.37
PB ADP E . 30.26 -14.96 -0.19
O1B ADP E . 30.54 -16.17 -1.04
O2B ADP E . 30.50 -13.64 -0.88
O3B ADP E . 28.99 -15.03 0.62
PA ADP E . 32.94 -14.58 0.59
O1A ADP E . 33.28 -15.05 -0.80
O2A ADP E . 33.09 -13.12 0.95
O3A ADP E . 31.43 -15.02 0.93
O5' ADP E . 33.75 -15.48 1.65
C5' ADP E . 34.91 -15.00 2.32
C4' ADP E . 34.91 -15.66 3.69
O4' ADP E . 34.78 -17.08 3.55
C3' ADP E . 36.15 -15.39 4.52
O3' ADP E . 35.87 -14.41 5.53
C2' ADP E . 36.49 -16.72 5.17
O2' ADP E . 36.23 -16.65 6.58
C1' ADP E . 35.56 -17.75 4.53
N9 ADP E . 36.38 -18.79 3.87
C8 ADP E . 37.71 -18.93 3.98
N7 ADP E . 38.13 -19.99 3.26
C5 ADP E . 37.08 -20.54 2.66
C6 ADP E . 36.83 -21.69 1.76
N6 ADP E . 37.86 -22.47 1.34
N1 ADP E . 35.56 -21.93 1.38
C2 ADP E . 34.55 -21.17 1.79
N3 ADP E . 34.68 -20.10 2.61
C4 ADP E . 35.90 -19.76 3.07
MG MG F . 20.82 -7.62 -28.06
#